data_6VD0
#
_entry.id   6VD0
#
_cell.length_a   101.941
_cell.length_b   84.721
_cell.length_c   119.503
_cell.angle_alpha   90.000
_cell.angle_beta   95.670
_cell.angle_gamma   90.000
#
_symmetry.space_group_name_H-M   'P 1 21 1'
#
loop_
_entity.id
_entity.type
_entity.pdbx_description
1 polymer 'S-adenosylmethionine synthase 2'
2 non-polymer 'DIPHOSPHOMETHYLPHOSPHONIC ACID ADENOSYL ESTER'
3 non-polymer METHIONINE
4 non-polymer 'MAGNESIUM ION'
5 non-polymer 'POTASSIUM ION'
6 non-polymer DI(HYDROXYETHYL)ETHER
7 non-polymer '3[N-MORPHOLINO]PROPANE SULFONIC ACID'
8 non-polymer 'TETRAETHYLENE GLYCOL'
9 water water
#
_entity_poly.entity_id   1
_entity_poly.type   'polypeptide(L)'
_entity_poly.pdbx_seq_one_letter_code
;SNAMETFLFTSESVNEGHPDKLCDQISDAVLDACLEQDPDSKVACETCTKTNMVMVFGEITTKATIDYEKIVRDTCRSIG
FISDDVGLDADKCKVLVNIEQQSPDIAQGVHGHFTKRPEDIGAGDQGHMFGYATDETPELMPLSHVLATKIGARLTEVRK
NGTCRWLRPDGKTQVTVEYYNDNGAMVPVRVHTVLISTQHDETVTNDEIARDLKEHVIKPIIPEKYLDDKTIFHLNPSGR
FVIGGPHGDAGLTGRKIIIDTYGGWGAHGGGAFSGKDPTKVDRSGAYIVRQAAKSVVANGMARRALVQVSYAIGVPEPLS
VFVDTYGTGLIPDKEILKIVKETFDFRPGMMTINLDLKRGGNGRFQKTAAYGHFGRDDPDFTWEVVKPLKWDKPQLNNIG
SG
;
_entity_poly.pdbx_strand_id   A,B,C,D
#
# COMPACT_ATOMS: atom_id res chain seq x y z
N MET A 4 -13.60 -7.24 4.88
CA MET A 4 -12.29 -6.59 5.27
C MET A 4 -11.50 -7.62 6.12
N GLU A 5 -10.34 -8.08 5.64
CA GLU A 5 -9.52 -9.05 6.43
C GLU A 5 -8.71 -8.24 7.44
N THR A 6 -8.68 -8.74 8.67
CA THR A 6 -7.98 -8.14 9.84
C THR A 6 -7.19 -9.21 10.57
N PHE A 7 -6.36 -8.81 11.54
CA PHE A 7 -5.68 -9.73 12.48
C PHE A 7 -5.60 -9.01 13.84
N LEU A 8 -5.33 -9.78 14.90
CA LEU A 8 -5.24 -9.26 16.29
C LEU A 8 -3.78 -9.18 16.70
N PHE A 9 -3.33 -8.00 17.16
CA PHE A 9 -1.95 -7.78 17.68
C PHE A 9 -2.06 -7.23 19.11
N THR A 10 -1.29 -7.85 20.02
CA THR A 10 -1.32 -7.58 21.47
C THR A 10 0.02 -6.99 21.96
N SER A 11 -0.07 -5.87 22.69
CA SER A 11 1.05 -5.33 23.51
C SER A 11 0.58 -5.16 24.96
N GLU A 12 1.54 -5.28 25.88
CA GLU A 12 1.32 -5.04 27.32
C GLU A 12 2.16 -3.84 27.76
N SER A 13 1.89 -3.37 28.98
CA SER A 13 2.78 -2.46 29.70
C SER A 13 2.69 -2.80 31.17
N VAL A 14 3.60 -2.22 31.93
CA VAL A 14 3.56 -2.13 33.41
C VAL A 14 3.78 -0.69 33.82
N ASN A 15 3.35 -0.34 35.01
CA ASN A 15 3.53 1.07 35.49
C ASN A 15 4.82 1.14 36.32
N GLU A 16 5.08 2.29 36.95
CA GLU A 16 6.37 2.56 37.63
C GLU A 16 6.50 1.74 38.92
N GLY A 17 5.43 1.10 39.40
CA GLY A 17 5.46 0.32 40.65
C GLY A 17 5.67 -1.16 40.43
N HIS A 18 5.71 -1.59 39.19
CA HIS A 18 6.11 -2.96 38.82
C HIS A 18 7.56 -3.17 39.26
N PRO A 19 7.87 -4.29 39.96
CA PRO A 19 9.21 -4.49 40.54
C PRO A 19 10.37 -4.53 39.51
N ASP A 20 10.12 -4.99 38.31
CA ASP A 20 11.16 -4.90 37.25
C ASP A 20 11.32 -3.42 36.87
N LYS A 21 10.21 -2.69 36.70
CA LYS A 21 10.32 -1.23 36.36
C LYS A 21 10.99 -0.45 37.50
N LEU A 22 10.73 -0.82 38.75
CA LEU A 22 11.42 -0.21 39.92
C LEU A 22 12.94 -0.30 39.72
N CYS A 23 13.43 -1.49 39.32
CA CYS A 23 14.87 -1.75 39.13
C CYS A 23 15.40 -0.83 38.01
N ASP A 24 14.69 -0.74 36.88
CA ASP A 24 15.09 0.15 35.78
C ASP A 24 15.21 1.58 36.33
N GLN A 25 14.26 2.00 37.14
CA GLN A 25 14.24 3.42 37.63
C GLN A 25 15.38 3.64 38.62
N ILE A 26 15.72 2.66 39.47
CA ILE A 26 16.86 2.79 40.40
C ILE A 26 18.17 2.83 39.61
N SER A 27 18.34 1.92 38.65
CA SER A 27 19.53 1.88 37.76
C SER A 27 19.72 3.25 37.12
N ASP A 28 18.65 3.85 36.60
CA ASP A 28 18.72 5.14 35.87
C ASP A 28 18.83 6.31 36.87
N ALA A 29 18.32 6.16 38.09
CA ALA A 29 18.54 7.19 39.16
C ALA A 29 20.03 7.25 39.54
N VAL A 30 20.68 6.10 39.57
CA VAL A 30 22.14 6.00 39.79
C VAL A 30 22.88 6.65 38.60
N LEU A 31 22.46 6.38 37.35
CA LEU A 31 23.09 7.00 36.17
C LEU A 31 22.96 8.53 36.25
N ASP A 32 21.75 9.00 36.55
CA ASP A 32 21.46 10.45 36.69
C ASP A 32 22.44 11.04 37.70
N ALA A 33 22.57 10.41 38.88
CA ALA A 33 23.37 10.93 40.01
C ALA A 33 24.85 11.03 39.58
N CYS A 34 25.39 9.99 38.91
CA CYS A 34 26.78 10.01 38.40
C CYS A 34 26.95 11.15 37.39
N LEU A 35 26.07 11.26 36.39
CA LEU A 35 26.28 12.19 35.26
C LEU A 35 26.18 13.63 35.77
N GLU A 36 25.32 13.87 36.77
CA GLU A 36 25.09 15.23 37.31
C GLU A 36 26.43 15.79 37.82
N GLN A 37 27.30 14.95 38.39
CA GLN A 37 28.58 15.39 38.98
C GLN A 37 29.72 15.15 38.00
N ASP A 38 29.67 14.04 37.27
CA ASP A 38 30.71 13.66 36.29
C ASP A 38 30.03 13.22 35.00
N PRO A 39 29.85 14.11 34.01
CA PRO A 39 29.29 13.72 32.70
C PRO A 39 30.05 12.63 31.93
N ASP A 40 31.31 12.36 32.28
CA ASP A 40 32.12 11.30 31.61
C ASP A 40 32.02 9.95 32.34
N SER A 41 31.16 9.87 33.35
CA SER A 41 30.85 8.66 34.14
C SER A 41 30.68 7.47 33.21
N LYS A 42 31.39 6.37 33.51
CA LYS A 42 31.17 5.03 32.93
C LYS A 42 30.28 4.25 33.91
N VAL A 43 29.06 3.94 33.49
CA VAL A 43 27.98 3.45 34.39
C VAL A 43 27.38 2.20 33.72
N ALA A 44 27.34 1.13 34.49
CA ALA A 44 26.76 -0.18 34.13
C ALA A 44 26.06 -0.72 35.39
N CYS A 45 24.95 -0.09 35.78
CA CYS A 45 24.36 -0.27 37.11
C CYS A 45 23.16 -1.21 37.01
N GLU A 46 23.29 -2.40 37.57
CA GLU A 46 22.17 -3.36 37.58
C GLU A 46 21.50 -3.28 38.96
N THR A 47 20.20 -3.53 39.00
CA THR A 47 19.42 -3.55 40.23
C THR A 47 18.59 -4.84 40.26
N CYS A 48 18.39 -5.42 41.45
CA CYS A 48 17.40 -6.50 41.66
C CYS A 48 16.72 -6.32 43.00
N THR A 49 15.53 -6.89 43.15
CA THR A 49 14.75 -6.70 44.38
C THR A 49 13.95 -7.99 44.64
N LYS A 50 13.75 -8.30 45.90
CA LYS A 50 12.80 -9.34 46.38
C LYS A 50 12.42 -8.88 47.78
N THR A 51 11.51 -9.57 48.44
CA THR A 51 10.96 -9.19 49.75
C THR A 51 12.05 -8.56 50.64
N ASN A 52 11.89 -7.29 50.96
CA ASN A 52 12.66 -6.57 51.98
C ASN A 52 14.13 -6.43 51.55
N MET A 53 14.40 -6.45 50.25
CA MET A 53 15.78 -6.39 49.73
C MET A 53 15.84 -5.69 48.36
N VAL A 54 16.74 -4.72 48.25
CA VAL A 54 17.22 -4.13 46.96
C VAL A 54 18.76 -4.29 46.91
N MET A 55 19.30 -4.72 45.78
CA MET A 55 20.76 -4.75 45.53
CA MET A 55 20.76 -4.75 45.52
C MET A 55 21.05 -3.99 44.23
N VAL A 56 22.01 -3.06 44.29
CA VAL A 56 22.61 -2.38 43.10
C VAL A 56 24.02 -2.97 42.90
N PHE A 57 24.34 -3.32 41.68
CA PHE A 57 25.54 -4.14 41.38
C PHE A 57 25.94 -3.89 39.94
N GLY A 58 27.23 -4.06 39.67
CA GLY A 58 27.76 -3.84 38.34
C GLY A 58 28.97 -2.96 38.45
N GLU A 59 29.18 -2.09 37.46
CA GLU A 59 30.49 -1.40 37.32
C GLU A 59 30.30 0.09 37.05
N ILE A 60 30.95 0.92 37.86
CA ILE A 60 30.93 2.40 37.73
C ILE A 60 32.33 2.95 37.96
N THR A 61 32.81 3.75 37.00
CA THR A 61 33.99 4.63 37.12
C THR A 61 33.52 6.07 36.95
N THR A 62 33.61 6.83 38.02
CA THR A 62 33.05 8.19 38.16
C THR A 62 33.93 8.97 39.12
N LYS A 63 34.10 10.26 38.85
CA LYS A 63 34.64 11.23 39.82
C LYS A 63 33.52 11.68 40.79
N ALA A 64 32.28 11.24 40.57
CA ALA A 64 31.12 11.64 41.39
C ALA A 64 31.25 11.03 42.78
N THR A 65 30.79 11.74 43.80
CA THR A 65 30.59 11.18 45.15
C THR A 65 29.13 10.79 45.26
N ILE A 66 28.84 9.48 45.34
CA ILE A 66 27.46 8.93 45.17
C ILE A 66 27.06 8.22 46.47
N ASP A 67 25.87 8.51 47.00
CA ASP A 67 25.25 7.77 48.11
C ASP A 67 24.26 6.72 47.54
N TYR A 68 24.75 5.53 47.21
CA TYR A 68 23.95 4.47 46.52
C TYR A 68 22.72 4.18 47.38
N GLU A 69 22.91 4.07 48.70
CA GLU A 69 21.80 3.71 49.62
C GLU A 69 20.69 4.76 49.51
N LYS A 70 21.04 6.03 49.57
CA LYS A 70 20.04 7.13 49.53
C LYS A 70 19.26 7.06 48.22
N ILE A 71 19.95 6.93 47.08
CA ILE A 71 19.33 6.90 45.72
C ILE A 71 18.33 5.73 45.70
N VAL A 72 18.74 4.56 46.14
CA VAL A 72 17.85 3.37 46.23
C VAL A 72 16.61 3.69 47.09
N ARG A 73 16.78 4.13 48.34
CA ARG A 73 15.65 4.37 49.27
C ARG A 73 14.77 5.51 48.73
N ASP A 74 15.37 6.57 48.20
CA ASP A 74 14.62 7.75 47.68
C ASP A 74 13.75 7.32 46.51
N THR A 75 14.30 6.51 45.61
CA THR A 75 13.59 6.08 44.39
C THR A 75 12.39 5.24 44.81
N CYS A 76 12.60 4.25 45.68
CA CYS A 76 11.54 3.34 46.18
C CYS A 76 10.45 4.18 46.87
N ARG A 77 10.86 5.16 47.68
CA ARG A 77 9.94 6.00 48.46
C ARG A 77 9.02 6.75 47.51
N SER A 78 9.56 7.38 46.48
CA SER A 78 8.82 8.29 45.56
C SER A 78 7.80 7.47 44.76
N ILE A 79 8.12 6.22 44.43
CA ILE A 79 7.19 5.36 43.64
C ILE A 79 6.05 4.88 44.56
N GLY A 80 6.23 4.95 45.88
CA GLY A 80 5.15 4.62 46.84
C GLY A 80 5.42 3.34 47.58
N PHE A 81 6.63 2.81 47.55
CA PHE A 81 7.03 1.63 48.37
C PHE A 81 7.44 2.14 49.75
N ILE A 82 6.44 2.39 50.60
CA ILE A 82 6.61 3.07 51.91
C ILE A 82 6.10 2.18 53.05
N SER A 83 5.77 0.91 52.80
CA SER A 83 5.38 -0.05 53.87
C SER A 83 5.42 -1.47 53.34
N ASP A 84 5.61 -2.42 54.26
CA ASP A 84 5.53 -3.89 53.96
C ASP A 84 4.11 -4.16 53.46
N ASP A 85 3.11 -3.38 53.89
CA ASP A 85 1.71 -3.50 53.42
C ASP A 85 1.60 -3.33 51.91
N VAL A 86 2.34 -2.44 51.27
CA VAL A 86 2.23 -2.27 49.79
C VAL A 86 3.37 -2.99 49.02
N GLY A 87 4.18 -3.81 49.69
CA GLY A 87 5.07 -4.79 49.05
C GLY A 87 6.56 -4.43 49.16
N LEU A 88 6.92 -3.29 49.74
CA LEU A 88 8.33 -2.93 50.05
C LEU A 88 8.34 -1.64 50.88
N ASP A 89 9.13 -1.61 51.93
CA ASP A 89 9.32 -0.38 52.77
C ASP A 89 10.71 0.18 52.48
N ALA A 90 10.76 1.29 51.73
CA ALA A 90 11.99 2.03 51.38
C ALA A 90 12.85 2.28 52.63
N ASP A 91 12.25 2.45 53.81
CA ASP A 91 12.96 2.84 55.06
C ASP A 91 13.11 1.65 56.03
N LYS A 92 12.87 0.44 55.59
CA LYS A 92 13.16 -0.79 56.39
C LYS A 92 14.07 -1.75 55.58
N CYS A 93 13.93 -1.77 54.25
CA CYS A 93 14.49 -2.86 53.43
C CYS A 93 16.02 -2.85 53.51
N LYS A 94 16.61 -4.02 53.34
CA LYS A 94 18.06 -4.22 53.19
C LYS A 94 18.47 -3.56 51.86
N VAL A 95 19.55 -2.76 51.87
CA VAL A 95 20.12 -2.21 50.62
C VAL A 95 21.56 -2.72 50.54
N LEU A 96 21.79 -3.60 49.56
CA LEU A 96 23.09 -4.23 49.29
C LEU A 96 23.73 -3.46 48.16
N VAL A 97 25.04 -3.26 48.24
CA VAL A 97 25.78 -2.54 47.18
C VAL A 97 26.98 -3.36 46.81
N ASN A 98 27.06 -3.78 45.56
CA ASN A 98 28.20 -4.55 45.00
CA ASN A 98 28.23 -4.52 45.01
C ASN A 98 28.61 -3.82 43.71
N ILE A 99 29.02 -2.55 43.83
CA ILE A 99 29.54 -1.71 42.73
C ILE A 99 31.06 -1.76 42.73
N GLU A 100 31.68 -2.06 41.58
CA GLU A 100 33.14 -1.97 41.37
C GLU A 100 33.43 -1.02 40.21
N GLN A 101 34.70 -0.69 39.94
CA GLN A 101 35.05 0.09 38.72
C GLN A 101 34.94 -0.79 37.48
N GLN A 102 34.72 -0.17 36.34
CA GLN A 102 34.75 -0.81 35.01
C GLN A 102 36.06 -1.60 34.84
N SER A 103 36.00 -2.75 34.20
CA SER A 103 37.18 -3.57 33.83
C SER A 103 38.14 -2.65 33.07
N PRO A 104 39.42 -2.62 33.48
CA PRO A 104 40.42 -1.86 32.75
C PRO A 104 40.59 -2.36 31.30
N ASP A 105 40.37 -3.66 31.07
CA ASP A 105 40.44 -4.29 29.72
C ASP A 105 39.35 -3.67 28.82
N ILE A 106 38.14 -3.48 29.34
CA ILE A 106 37.06 -2.73 28.62
C ILE A 106 37.47 -1.27 28.41
N ALA A 107 37.92 -0.62 29.47
CA ALA A 107 38.15 0.85 29.49
C ALA A 107 39.23 1.23 28.46
N GLN A 108 40.29 0.45 28.34
CA GLN A 108 41.39 0.72 27.37
C GLN A 108 40.81 0.63 25.96
N GLY A 109 40.00 -0.40 25.70
CA GLY A 109 39.50 -0.67 24.33
C GLY A 109 38.43 0.31 23.88
N VAL A 110 37.57 0.71 24.82
CA VAL A 110 36.38 1.54 24.49
C VAL A 110 36.81 3.01 24.38
N HIS A 111 37.44 3.55 25.42
CA HIS A 111 37.70 5.02 25.50
C HIS A 111 39.16 5.36 25.89
N GLY A 112 40.04 4.37 25.92
CA GLY A 112 41.48 4.59 26.22
C GLY A 112 41.67 5.22 27.60
N HIS A 113 40.90 4.74 28.60
CA HIS A 113 40.86 5.32 29.96
C HIS A 113 40.68 6.85 29.83
N PHE A 114 39.59 7.29 29.17
CA PHE A 114 39.12 8.70 29.04
C PHE A 114 40.14 9.52 28.29
N THR A 115 40.81 8.93 27.29
CA THR A 115 41.75 9.69 26.43
C THR A 115 41.25 9.70 24.97
N LYS A 116 40.37 8.80 24.56
CA LYS A 116 40.02 8.74 23.11
C LYS A 116 39.13 9.95 22.76
N ARG A 117 39.42 10.61 21.64
CA ARG A 117 38.59 11.74 21.10
C ARG A 117 37.22 11.17 20.67
N PRO A 118 36.14 12.00 20.68
CA PRO A 118 34.80 11.55 20.29
C PRO A 118 34.72 10.64 19.05
N GLU A 119 35.35 11.03 17.96
CA GLU A 119 35.24 10.27 16.68
C GLU A 119 35.98 8.92 16.76
N ASP A 120 36.82 8.71 17.78
CA ASP A 120 37.58 7.45 17.95
C ASP A 120 37.00 6.57 19.06
N ILE A 121 36.06 7.09 19.87
CA ILE A 121 35.39 6.25 20.91
C ILE A 121 34.86 4.97 20.26
N GLY A 122 35.16 3.82 20.81
CA GLY A 122 34.62 2.55 20.30
C GLY A 122 33.27 2.26 20.92
N ALA A 123 32.49 1.42 20.26
CA ALA A 123 31.32 0.78 20.86
C ALA A 123 31.73 0.18 22.20
N GLY A 124 30.91 0.41 23.22
CA GLY A 124 31.19 -0.11 24.56
C GLY A 124 30.93 -1.59 24.62
N ASP A 125 30.35 -2.15 23.56
CA ASP A 125 30.19 -3.62 23.42
C ASP A 125 29.72 -3.92 21.99
N GLN A 126 29.73 -5.20 21.60
CA GLN A 126 29.05 -5.66 20.40
C GLN A 126 27.53 -5.74 20.64
N GLY A 127 26.79 -5.85 19.56
CA GLY A 127 25.36 -6.13 19.60
C GLY A 127 24.66 -5.47 18.44
N HIS A 128 23.34 -5.64 18.39
CA HIS A 128 22.48 -5.06 17.33
C HIS A 128 21.28 -4.42 18.02
N MET A 129 20.78 -3.39 17.36
CA MET A 129 19.72 -2.47 17.85
C MET A 129 18.78 -2.16 16.67
N PHE A 130 17.49 -2.05 16.93
CA PHE A 130 16.49 -1.66 15.92
C PHE A 130 15.77 -0.39 16.39
N GLY A 131 15.44 0.44 15.40
CA GLY A 131 14.50 1.56 15.54
C GLY A 131 13.30 1.27 14.65
N TYR A 132 12.15 1.74 15.08
CA TYR A 132 10.85 1.53 14.40
C TYR A 132 10.06 2.84 14.51
N ALA A 133 9.23 3.09 13.52
CA ALA A 133 8.22 4.16 13.51
C ALA A 133 7.04 3.70 12.64
N THR A 134 5.85 4.17 12.99
CA THR A 134 4.61 3.85 12.23
C THR A 134 3.72 5.11 12.27
N ASP A 135 3.07 5.43 11.16
CA ASP A 135 2.27 6.68 11.04
C ASP A 135 0.89 6.49 11.71
N GLU A 136 0.61 5.33 12.32
CA GLU A 136 -0.72 5.00 12.86
C GLU A 136 -1.07 5.86 14.08
N THR A 137 -0.14 6.48 14.78
CA THR A 137 -0.39 7.46 15.87
C THR A 137 0.42 8.71 15.62
N PRO A 138 0.04 9.87 16.22
CA PRO A 138 0.80 11.10 16.05
C PRO A 138 2.24 11.02 16.57
N GLU A 139 2.51 10.21 17.62
CA GLU A 139 3.89 10.03 18.17
C GLU A 139 4.70 9.02 17.33
N LEU A 140 4.13 8.53 16.23
CA LEU A 140 4.76 7.56 15.28
C LEU A 140 5.17 6.27 16.01
N MET A 141 4.28 5.79 16.88
CA MET A 141 4.39 4.51 17.63
C MET A 141 3.17 3.63 17.39
N PRO A 142 3.30 2.30 17.62
CA PRO A 142 2.21 1.36 17.39
C PRO A 142 1.09 1.54 18.41
N LEU A 143 -0.14 1.59 17.95
CA LEU A 143 -1.33 1.86 18.81
C LEU A 143 -1.44 0.81 19.94
N SER A 144 -1.19 -0.46 19.66
CA SER A 144 -1.23 -1.50 20.72
C SER A 144 -0.34 -1.11 21.90
N HIS A 145 0.89 -0.70 21.62
CA HIS A 145 1.88 -0.27 22.63
C HIS A 145 1.41 0.99 23.33
N VAL A 146 1.09 2.01 22.56
CA VAL A 146 0.74 3.37 23.05
C VAL A 146 -0.42 3.23 24.04
N LEU A 147 -1.46 2.48 23.68
CA LEU A 147 -2.70 2.34 24.49
C LEU A 147 -2.35 1.61 25.79
N ALA A 148 -1.61 0.49 25.72
CA ALA A 148 -1.20 -0.28 26.92
C ALA A 148 -0.38 0.67 27.82
N THR A 149 0.54 1.43 27.23
CA THR A 149 1.45 2.30 28.00
C THR A 149 0.64 3.42 28.69
N LYS A 150 -0.22 4.13 27.94
CA LYS A 150 -0.92 5.31 28.45
C LYS A 150 -1.92 4.86 29.52
N ILE A 151 -2.47 3.65 29.39
CA ILE A 151 -3.41 3.09 30.41
C ILE A 151 -2.62 2.85 31.71
N GLY A 152 -1.40 2.29 31.63
CA GLY A 152 -0.57 2.09 32.83
C GLY A 152 -0.25 3.40 33.52
N ALA A 153 0.05 4.44 32.76
CA ALA A 153 0.37 5.79 33.30
C ALA A 153 -0.90 6.37 33.94
N ARG A 154 -2.04 6.25 33.29
CA ARG A 154 -3.35 6.70 33.87
C ARG A 154 -3.65 5.95 35.20
N LEU A 155 -3.34 4.64 35.26
CA LEU A 155 -3.47 3.80 36.49
C LEU A 155 -2.65 4.39 37.63
N THR A 156 -1.39 4.79 37.37
CA THR A 156 -0.56 5.46 38.39
C THR A 156 -1.26 6.77 38.78
N GLU A 157 -1.68 7.53 37.78
CA GLU A 157 -2.17 8.93 38.01
C GLU A 157 -3.39 8.94 38.95
N VAL A 158 -4.30 7.99 38.82
CA VAL A 158 -5.58 8.00 39.59
C VAL A 158 -5.34 7.52 41.03
N ARG A 159 -4.27 6.74 41.25
CA ARG A 159 -3.75 6.50 42.63
C ARG A 159 -3.16 7.83 43.18
N LYS A 160 -2.26 8.49 42.45
CA LYS A 160 -1.53 9.66 42.99
C LYS A 160 -2.52 10.84 43.19
N ASN A 161 -3.52 11.01 42.34
CA ASN A 161 -4.42 12.21 42.33
C ASN A 161 -5.59 11.97 43.25
N GLY A 162 -5.73 10.76 43.80
CA GLY A 162 -6.76 10.45 44.82
C GLY A 162 -8.12 10.10 44.23
N THR A 163 -8.20 9.88 42.91
CA THR A 163 -9.44 9.42 42.25
C THR A 163 -9.76 7.98 42.65
N CYS A 164 -8.78 7.08 42.73
CA CYS A 164 -8.98 5.66 43.13
C CYS A 164 -8.08 5.36 44.33
N ARG A 165 -8.63 5.51 45.52
CA ARG A 165 -7.85 5.56 46.78
C ARG A 165 -7.40 4.16 47.17
N TRP A 166 -8.03 3.15 46.60
CA TRP A 166 -7.83 1.72 46.89
C TRP A 166 -6.59 1.14 46.17
N LEU A 167 -6.07 1.85 45.15
CA LEU A 167 -4.92 1.35 44.32
C LEU A 167 -3.63 1.28 45.15
N ARG A 168 -2.77 0.33 44.77
CA ARG A 168 -1.38 0.25 45.24
C ARG A 168 -0.50 0.38 44.01
N PRO A 169 0.82 0.60 44.20
CA PRO A 169 1.68 1.01 43.08
C PRO A 169 1.85 0.08 41.87
N ASP A 170 1.71 -1.24 42.06
CA ASP A 170 2.15 -2.29 41.12
C ASP A 170 0.98 -2.62 40.21
N GLY A 171 1.08 -2.31 38.94
CA GLY A 171 0.02 -2.60 37.95
C GLY A 171 0.58 -2.94 36.59
N LYS A 172 -0.22 -3.67 35.80
CA LYS A 172 0.06 -4.09 34.40
C LYS A 172 -1.15 -3.87 33.53
N THR A 173 -0.92 -3.74 32.22
CA THR A 173 -1.98 -3.53 31.22
C THR A 173 -1.66 -4.38 30.00
N GLN A 174 -2.66 -4.65 29.16
CA GLN A 174 -2.44 -5.36 27.88
C GLN A 174 -3.61 -5.01 27.00
N VAL A 175 -3.33 -4.61 25.76
CA VAL A 175 -4.36 -4.18 24.78
C VAL A 175 -4.15 -4.99 23.51
N THR A 176 -5.20 -5.65 23.05
CA THR A 176 -5.27 -6.34 21.76
C THR A 176 -6.01 -5.42 20.79
N VAL A 177 -5.35 -5.00 19.72
CA VAL A 177 -5.91 -4.14 18.65
C VAL A 177 -6.16 -5.03 17.42
N GLU A 178 -7.30 -4.77 16.77
CA GLU A 178 -7.67 -5.40 15.48
C GLU A 178 -7.09 -4.49 14.42
N TYR A 179 -6.22 -5.02 13.55
CA TYR A 179 -5.50 -4.24 12.51
C TYR A 179 -5.86 -4.71 11.11
N TYR A 180 -5.78 -3.77 10.17
CA TYR A 180 -5.90 -3.97 8.70
C TYR A 180 -4.57 -3.53 8.07
N ASN A 181 -4.10 -4.31 7.10
CA ASN A 181 -2.88 -4.02 6.32
C ASN A 181 -3.27 -3.20 5.09
N ASP A 182 -2.87 -1.93 5.04
CA ASP A 182 -3.05 -1.03 3.87
C ASP A 182 -1.69 -0.90 3.16
N ASN A 183 -1.39 -1.80 2.21
CA ASN A 183 -0.16 -1.71 1.37
C ASN A 183 1.08 -1.61 2.28
N GLY A 184 1.12 -2.43 3.34
CA GLY A 184 2.23 -2.54 4.29
C GLY A 184 2.08 -1.64 5.50
N ALA A 185 1.23 -0.59 5.43
CA ALA A 185 0.95 0.29 6.59
C ALA A 185 -0.09 -0.39 7.52
N MET A 186 0.02 -0.12 8.82
CA MET A 186 -0.83 -0.75 9.86
C MET A 186 -1.94 0.24 10.22
N VAL A 187 -3.19 -0.19 10.03
CA VAL A 187 -4.39 0.67 10.24
C VAL A 187 -5.24 0.00 11.32
N PRO A 188 -5.23 0.59 12.53
CA PRO A 188 -6.07 0.10 13.62
C PRO A 188 -7.55 0.24 13.27
N VAL A 189 -8.33 -0.81 13.56
CA VAL A 189 -9.78 -0.94 13.28
C VAL A 189 -10.52 -0.70 14.59
N ARG A 190 -10.19 -1.46 15.64
CA ARG A 190 -10.87 -1.35 16.95
C ARG A 190 -10.02 -2.06 18.00
N VAL A 191 -10.23 -1.71 19.27
CA VAL A 191 -9.61 -2.43 20.40
C VAL A 191 -10.51 -3.62 20.68
N HIS A 192 -9.92 -4.81 20.55
CA HIS A 192 -10.55 -6.14 20.70
C HIS A 192 -10.68 -6.53 22.18
N THR A 193 -9.59 -6.46 22.95
CA THR A 193 -9.49 -6.91 24.37
C THR A 193 -8.64 -5.92 25.16
N VAL A 194 -9.15 -5.52 26.33
CA VAL A 194 -8.41 -4.66 27.29
C VAL A 194 -8.30 -5.44 28.60
N LEU A 195 -7.10 -5.51 29.15
CA LEU A 195 -6.75 -6.20 30.41
C LEU A 195 -6.02 -5.19 31.31
N ILE A 196 -6.36 -5.15 32.59
CA ILE A 196 -5.55 -4.53 33.65
C ILE A 196 -5.52 -5.53 34.81
N SER A 197 -4.34 -5.71 35.41
CA SER A 197 -4.15 -6.34 36.73
C SER A 197 -3.45 -5.28 37.57
N THR A 198 -4.10 -4.81 38.63
CA THR A 198 -3.53 -3.78 39.51
C THR A 198 -3.62 -4.25 40.95
N GLN A 199 -2.55 -3.95 41.69
CA GLN A 199 -2.44 -4.12 43.16
C GLN A 199 -3.48 -3.22 43.82
N HIS A 200 -4.08 -3.71 44.91
CA HIS A 200 -5.18 -3.01 45.61
C HIS A 200 -5.14 -3.31 47.10
N ASP A 201 -5.73 -2.41 47.91
CA ASP A 201 -5.93 -2.62 49.36
C ASP A 201 -7.13 -3.55 49.60
N GLU A 202 -7.43 -3.83 50.86
CA GLU A 202 -8.50 -4.79 51.27
C GLU A 202 -9.87 -4.10 51.40
N THR A 203 -9.99 -2.83 51.02
CA THR A 203 -11.21 -1.99 51.26
C THR A 203 -12.14 -2.00 50.04
N VAL A 204 -11.77 -2.68 48.95
CA VAL A 204 -12.45 -2.50 47.63
C VAL A 204 -12.91 -3.89 47.14
N THR A 205 -14.14 -3.96 46.62
CA THR A 205 -14.70 -5.21 46.03
C THR A 205 -14.22 -5.31 44.59
N ASN A 206 -14.39 -6.49 43.98
CA ASN A 206 -13.97 -6.75 42.59
C ASN A 206 -14.91 -5.98 41.65
N ASP A 207 -16.15 -5.79 42.02
CA ASP A 207 -17.13 -4.94 41.27
C ASP A 207 -16.69 -3.47 41.27
N GLU A 208 -16.22 -2.96 42.40
CA GLU A 208 -15.72 -1.59 42.53
C GLU A 208 -14.45 -1.42 41.70
N ILE A 209 -13.53 -2.37 41.81
CA ILE A 209 -12.29 -2.38 41.00
C ILE A 209 -12.69 -2.30 39.52
N ALA A 210 -13.62 -3.15 39.07
CA ALA A 210 -13.97 -3.24 37.62
C ALA A 210 -14.58 -1.91 37.15
N ARG A 211 -15.48 -1.36 37.98
CA ARG A 211 -16.20 -0.12 37.67
C ARG A 211 -15.18 0.99 37.52
N ASP A 212 -14.33 1.12 38.53
CA ASP A 212 -13.36 2.23 38.63
C ASP A 212 -12.32 2.14 37.52
N LEU A 213 -11.87 0.93 37.17
CA LEU A 213 -10.83 0.76 36.14
C LEU A 213 -11.43 1.15 34.80
N LYS A 214 -12.69 0.80 34.57
CA LYS A 214 -13.30 1.08 33.25
C LYS A 214 -13.50 2.59 33.13
N GLU A 215 -14.09 3.19 34.16
CA GLU A 215 -14.59 4.58 34.07
C GLU A 215 -13.44 5.58 34.24
N HIS A 216 -12.53 5.37 35.20
CA HIS A 216 -11.45 6.35 35.56
C HIS A 216 -10.18 6.13 34.76
N VAL A 217 -9.92 4.91 34.32
CA VAL A 217 -8.60 4.50 33.77
C VAL A 217 -8.69 4.19 32.27
N ILE A 218 -9.54 3.25 31.85
CA ILE A 218 -9.58 2.81 30.43
C ILE A 218 -10.33 3.82 29.53
N LYS A 219 -11.55 4.20 29.90
CA LYS A 219 -12.38 5.04 29.01
C LYS A 219 -11.69 6.36 28.68
N PRO A 220 -11.05 7.09 29.63
CA PRO A 220 -10.38 8.37 29.33
C PRO A 220 -9.17 8.28 28.39
N ILE A 221 -8.64 7.08 28.17
CA ILE A 221 -7.35 6.91 27.43
C ILE A 221 -7.63 6.36 26.04
N ILE A 222 -8.42 5.30 25.89
CA ILE A 222 -8.69 4.69 24.57
C ILE A 222 -9.68 5.60 23.85
N PRO A 223 -9.33 6.11 22.64
CA PRO A 223 -10.31 6.84 21.84
C PRO A 223 -11.63 6.06 21.72
N GLU A 224 -12.75 6.77 21.92
CA GLU A 224 -14.12 6.19 21.79
C GLU A 224 -14.26 5.47 20.45
N LYS A 225 -13.65 5.96 19.37
CA LYS A 225 -13.85 5.38 18.01
C LYS A 225 -13.31 3.94 17.99
N TYR A 226 -12.43 3.57 18.93
CA TYR A 226 -11.80 2.22 18.96
C TYR A 226 -12.56 1.27 19.89
N LEU A 227 -13.50 1.77 20.71
CA LEU A 227 -14.21 0.92 21.69
C LEU A 227 -15.62 0.64 21.16
N ASP A 228 -16.11 -0.57 21.30
CA ASP A 228 -17.52 -0.88 20.95
C ASP A 228 -18.09 -1.85 21.98
N ASP A 229 -19.34 -2.26 21.80
CA ASP A 229 -20.07 -3.13 22.74
C ASP A 229 -19.46 -4.51 22.78
N LYS A 230 -18.64 -4.89 21.78
CA LYS A 230 -18.03 -6.25 21.73
C LYS A 230 -16.60 -6.23 22.30
N THR A 231 -15.99 -5.08 22.55
CA THR A 231 -14.66 -5.02 23.19
C THR A 231 -14.70 -5.83 24.49
N ILE A 232 -13.74 -6.74 24.66
CA ILE A 232 -13.62 -7.65 25.82
C ILE A 232 -12.86 -6.94 26.95
N PHE A 233 -13.27 -7.08 28.19
CA PHE A 233 -12.57 -6.47 29.35
C PHE A 233 -12.18 -7.55 30.34
N HIS A 234 -10.88 -7.70 30.63
CA HIS A 234 -10.37 -8.50 31.75
C HIS A 234 -9.86 -7.53 32.81
N LEU A 235 -10.53 -7.45 33.93
CA LEU A 235 -10.21 -6.44 34.96
C LEU A 235 -9.94 -7.22 36.25
N ASN A 236 -8.69 -7.22 36.69
CA ASN A 236 -8.14 -8.04 37.82
C ASN A 236 -8.67 -9.49 37.69
N PRO A 237 -8.34 -10.20 36.60
CA PRO A 237 -8.74 -11.60 36.41
C PRO A 237 -8.20 -12.62 37.44
N SER A 238 -7.11 -12.34 38.15
CA SER A 238 -6.61 -13.26 39.22
C SER A 238 -7.59 -13.34 40.41
N GLY A 239 -8.40 -12.29 40.63
CA GLY A 239 -9.44 -12.26 41.68
C GLY A 239 -8.97 -11.59 42.98
N ARG A 240 -7.65 -11.46 43.14
CA ARG A 240 -7.04 -10.80 44.31
C ARG A 240 -5.57 -10.51 43.99
N PHE A 241 -5.18 -9.29 44.30
CA PHE A 241 -3.86 -8.70 44.00
C PHE A 241 -3.60 -7.73 45.12
N VAL A 242 -3.46 -8.28 46.34
CA VAL A 242 -3.21 -7.49 47.58
C VAL A 242 -1.69 -7.39 47.79
N ILE A 243 -1.03 -8.53 47.71
CA ILE A 243 0.46 -8.73 47.73
C ILE A 243 0.97 -8.29 46.34
N GLY A 244 1.88 -7.34 46.31
CA GLY A 244 2.55 -6.92 45.08
C GLY A 244 3.95 -6.41 45.33
N GLY A 245 4.44 -5.62 44.38
CA GLY A 245 5.84 -5.19 44.34
C GLY A 245 6.78 -6.38 44.58
N PRO A 246 8.00 -6.09 45.10
CA PRO A 246 9.02 -7.10 45.31
C PRO A 246 8.51 -8.27 46.16
N HIS A 247 7.55 -8.00 47.07
CA HIS A 247 6.97 -9.05 47.93
C HIS A 247 6.32 -10.13 47.07
N GLY A 248 5.59 -9.73 46.03
CA GLY A 248 4.86 -10.70 45.19
C GLY A 248 5.73 -11.41 44.15
N ASP A 249 6.82 -10.74 43.73
CA ASP A 249 7.53 -11.06 42.47
C ASP A 249 8.89 -10.31 42.43
N ALA A 250 9.99 -11.07 42.31
CA ALA A 250 11.36 -10.53 42.18
C ALA A 250 11.43 -9.61 40.97
N GLY A 251 12.10 -8.46 41.13
CA GLY A 251 12.42 -7.55 40.01
C GLY A 251 13.92 -7.50 39.67
N LEU A 252 14.22 -7.17 38.42
CA LEU A 252 15.57 -7.01 37.87
C LEU A 252 15.56 -5.94 36.78
N THR A 253 16.67 -5.22 36.66
CA THR A 253 16.92 -4.29 35.54
C THR A 253 16.88 -5.04 34.21
N GLY A 254 16.27 -4.43 33.19
CA GLY A 254 16.34 -4.92 31.81
C GLY A 254 15.47 -6.12 31.54
N ARG A 255 14.36 -6.31 32.27
CA ARG A 255 13.42 -7.42 32.05
C ARG A 255 12.11 -6.90 31.44
N LYS A 256 12.13 -5.68 30.89
CA LYS A 256 10.96 -5.07 30.22
C LYS A 256 11.40 -4.37 28.92
N ILE A 257 12.21 -5.03 28.10
CA ILE A 257 12.92 -4.34 26.97
C ILE A 257 11.93 -4.12 25.81
N ILE A 258 10.87 -4.89 25.77
CA ILE A 258 9.82 -4.82 24.69
C ILE A 258 8.84 -3.71 25.13
N ILE A 259 8.46 -3.66 26.42
CA ILE A 259 7.67 -2.56 27.06
C ILE A 259 8.48 -1.25 26.98
N ASP A 260 9.80 -1.34 27.00
CA ASP A 260 10.68 -0.15 26.86
C ASP A 260 10.66 0.38 25.44
N THR A 261 10.24 -0.42 24.44
CA THR A 261 10.48 -0.14 23.00
C THR A 261 9.14 -0.11 22.24
N TYR A 262 8.78 -1.17 21.52
CA TYR A 262 7.72 -1.11 20.47
C TYR A 262 6.60 -2.15 20.72
N GLY A 263 6.56 -2.73 21.91
CA GLY A 263 5.47 -3.66 22.29
C GLY A 263 5.42 -4.89 21.37
N GLY A 264 6.53 -5.26 20.72
CA GLY A 264 6.59 -6.48 19.89
C GLY A 264 6.55 -6.16 18.43
N TRP A 265 6.30 -4.88 18.09
CA TRP A 265 6.39 -4.37 16.70
C TRP A 265 7.86 -4.09 16.40
N GLY A 266 8.17 -3.87 15.13
CA GLY A 266 9.54 -3.67 14.64
C GLY A 266 10.39 -4.85 14.98
N ALA A 267 11.42 -4.64 15.79
CA ALA A 267 12.35 -5.71 16.23
C ALA A 267 13.10 -5.25 17.48
N HIS A 268 13.77 -6.16 18.15
CA HIS A 268 14.67 -5.85 19.29
C HIS A 268 15.95 -6.64 19.14
N GLY A 269 17.10 -6.03 19.41
CA GLY A 269 18.43 -6.66 19.40
C GLY A 269 18.77 -7.32 20.74
N GLY A 270 18.03 -7.03 21.79
CA GLY A 270 18.07 -7.78 23.07
C GLY A 270 18.79 -7.04 24.18
N GLY A 271 19.41 -5.90 23.88
CA GLY A 271 20.14 -5.05 24.85
C GLY A 271 19.23 -4.26 25.74
N ALA A 272 19.50 -4.24 27.05
CA ALA A 272 18.69 -3.41 27.99
C ALA A 272 19.18 -1.96 27.94
N PHE A 273 18.36 -1.01 28.39
CA PHE A 273 18.67 0.43 28.36
C PHE A 273 19.16 0.94 29.70
N SER A 274 18.46 0.56 30.76
CA SER A 274 18.52 1.37 32.02
C SER A 274 19.86 1.07 32.74
N GLY A 275 20.48 2.09 33.36
CA GLY A 275 21.71 1.95 34.15
C GLY A 275 22.96 2.03 33.27
N LYS A 276 22.79 2.33 31.98
CA LYS A 276 23.88 2.36 30.99
C LYS A 276 24.18 3.80 30.52
N ASP A 277 25.45 4.19 30.61
CA ASP A 277 25.97 5.45 30.03
C ASP A 277 26.03 5.28 28.51
N PRO A 278 26.08 6.38 27.74
CA PRO A 278 25.89 6.31 26.29
C PRO A 278 27.02 5.66 25.46
N THR A 279 28.15 5.28 26.06
CA THR A 279 29.17 4.45 25.35
C THR A 279 28.57 3.07 25.08
N LYS A 280 27.57 2.68 25.90
CA LYS A 280 26.78 1.45 25.71
C LYS A 280 25.82 1.72 24.54
N VAL A 281 26.19 1.21 23.37
CA VAL A 281 25.43 1.38 22.11
C VAL A 281 24.06 0.69 22.23
N ASP A 282 23.86 -0.21 23.22
CA ASP A 282 22.52 -0.77 23.60
C ASP A 282 21.53 0.39 23.71
N ARG A 283 21.99 1.46 24.34
CA ARG A 283 21.16 2.65 24.60
C ARG A 283 21.36 3.63 23.45
N SER A 284 22.58 4.14 23.23
CA SER A 284 22.80 5.27 22.29
C SER A 284 22.43 4.80 20.87
N GLY A 285 22.81 3.58 20.51
CA GLY A 285 22.43 2.98 19.20
C GLY A 285 20.94 2.87 18.98
N ALA A 286 20.19 2.40 19.97
CA ALA A 286 18.72 2.20 19.85
C ALA A 286 18.06 3.56 19.71
N TYR A 287 18.54 4.56 20.49
CA TYR A 287 17.98 5.93 20.45
C TYR A 287 18.19 6.50 19.03
N ILE A 288 19.36 6.32 18.43
CA ILE A 288 19.68 6.94 17.12
C ILE A 288 18.87 6.24 16.05
N VAL A 289 18.67 4.92 16.11
CA VAL A 289 17.90 4.23 15.04
C VAL A 289 16.40 4.48 15.20
N ARG A 290 15.91 4.73 16.42
CA ARG A 290 14.55 5.32 16.58
C ARG A 290 14.52 6.70 15.91
N GLN A 291 15.48 7.56 16.17
CA GLN A 291 15.50 8.89 15.51
C GLN A 291 15.48 8.70 13.98
N ALA A 292 16.21 7.72 13.43
CA ALA A 292 16.28 7.50 11.98
C ALA A 292 14.91 7.04 11.46
N ALA A 293 14.36 5.96 12.05
CA ALA A 293 13.06 5.37 11.67
C ALA A 293 11.99 6.46 11.74
N LYS A 294 11.93 7.20 12.85
CA LYS A 294 10.91 8.28 13.04
C LYS A 294 11.07 9.38 11.96
N SER A 295 12.31 9.75 11.66
CA SER A 295 12.63 10.82 10.68
C SER A 295 12.18 10.37 9.27
N VAL A 296 12.41 9.12 8.91
CA VAL A 296 12.01 8.61 7.57
C VAL A 296 10.47 8.77 7.45
N VAL A 297 9.74 8.36 8.50
CA VAL A 297 8.27 8.40 8.47
C VAL A 297 7.78 9.85 8.57
N ALA A 298 8.27 10.67 9.51
CA ALA A 298 7.83 12.07 9.73
C ALA A 298 8.10 12.93 8.49
N ASN A 299 9.12 12.61 7.69
CA ASN A 299 9.42 13.38 6.44
C ASN A 299 8.50 12.89 5.32
N GLY A 300 7.63 11.91 5.57
CA GLY A 300 6.71 11.37 4.56
C GLY A 300 7.39 10.47 3.55
N MET A 301 8.61 10.00 3.82
CA MET A 301 9.34 9.03 2.95
C MET A 301 8.70 7.63 3.01
N ALA A 302 7.94 7.28 4.05
CA ALA A 302 7.36 5.93 4.28
C ALA A 302 6.29 6.02 5.37
N ARG A 303 5.37 5.08 5.42
CA ARG A 303 4.31 5.00 6.47
C ARG A 303 4.84 4.16 7.64
N ARG A 304 5.86 3.36 7.42
CA ARG A 304 6.44 2.46 8.45
C ARG A 304 7.92 2.24 8.12
N ALA A 305 8.78 2.14 9.14
CA ALA A 305 10.23 1.98 8.88
C ALA A 305 10.89 1.22 10.03
N LEU A 306 11.78 0.31 9.66
CA LEU A 306 12.62 -0.48 10.59
C LEU A 306 14.06 -0.26 10.17
N VAL A 307 14.92 0.05 11.13
CA VAL A 307 16.36 0.29 10.92
C VAL A 307 17.08 -0.62 11.90
N GLN A 308 18.08 -1.37 11.42
CA GLN A 308 19.02 -2.13 12.29
C GLN A 308 20.40 -1.46 12.18
N VAL A 309 21.09 -1.40 13.31
CA VAL A 309 22.56 -1.13 13.39
C VAL A 309 23.17 -2.25 14.23
N SER A 310 24.45 -2.55 14.02
CA SER A 310 25.22 -3.49 14.84
C SER A 310 26.62 -2.90 15.04
N TYR A 311 27.29 -3.37 16.09
CA TYR A 311 28.62 -2.85 16.48
C TYR A 311 29.53 -4.00 16.94
N ALA A 312 30.83 -3.70 16.96
CA ALA A 312 31.88 -4.48 17.66
C ALA A 312 32.52 -3.62 18.75
N ILE A 313 32.74 -4.21 19.91
CA ILE A 313 33.40 -3.52 21.06
C ILE A 313 34.72 -2.94 20.54
N GLY A 314 34.98 -1.68 20.83
CA GLY A 314 36.26 -1.04 20.47
C GLY A 314 36.25 -0.45 19.09
N VAL A 315 35.24 -0.69 18.29
CA VAL A 315 35.16 -0.17 16.89
C VAL A 315 34.11 0.92 16.85
N PRO A 316 34.47 2.14 16.39
CA PRO A 316 33.54 3.27 16.34
C PRO A 316 32.41 3.12 15.33
N GLU A 317 32.72 2.58 14.16
CA GLU A 317 31.80 2.49 13.00
C GLU A 317 30.95 1.21 13.13
N PRO A 318 29.65 1.29 12.78
CA PRO A 318 28.78 0.12 12.82
C PRO A 318 29.21 -0.99 11.82
N LEU A 319 28.94 -2.25 12.16
CA LEU A 319 29.29 -3.40 11.30
C LEU A 319 28.25 -3.57 10.20
N SER A 320 27.01 -3.13 10.42
CA SER A 320 25.92 -3.34 9.44
C SER A 320 24.83 -2.31 9.68
N VAL A 321 24.14 -1.90 8.63
CA VAL A 321 22.95 -0.99 8.76
C VAL A 321 21.94 -1.51 7.76
N PHE A 322 20.68 -1.62 8.16
CA PHE A 322 19.60 -1.93 7.18
CA PHE A 322 19.57 -1.99 7.22
C PHE A 322 18.39 -1.05 7.46
N VAL A 323 17.64 -0.78 6.40
CA VAL A 323 16.37 -0.08 6.38
C VAL A 323 15.37 -0.94 5.60
N ASP A 324 14.22 -1.17 6.23
CA ASP A 324 13.05 -1.81 5.58
C ASP A 324 11.80 -0.98 5.86
N THR A 325 11.00 -0.71 4.83
CA THR A 325 9.76 0.12 4.97
C THR A 325 8.51 -0.75 4.75
N TYR A 326 8.65 -2.08 4.77
CA TYR A 326 7.53 -3.05 4.67
C TYR A 326 6.71 -2.72 3.44
N GLY A 327 7.41 -2.21 2.41
CA GLY A 327 6.85 -1.83 1.10
C GLY A 327 6.05 -0.53 1.16
N THR A 328 6.22 0.30 2.19
CA THR A 328 5.49 1.61 2.29
C THR A 328 6.36 2.78 1.81
N GLY A 329 7.64 2.56 1.52
CA GLY A 329 8.56 3.62 1.04
C GLY A 329 8.10 4.27 -0.26
N LEU A 330 8.23 5.60 -0.35
CA LEU A 330 7.84 6.36 -1.57
C LEU A 330 9.06 6.46 -2.49
N ILE A 331 10.25 6.14 -1.98
CA ILE A 331 11.45 5.82 -2.79
C ILE A 331 11.96 4.45 -2.37
N PRO A 332 12.80 3.76 -3.17
CA PRO A 332 13.22 2.40 -2.82
C PRO A 332 14.01 2.36 -1.49
N ASP A 333 13.96 1.25 -0.77
CA ASP A 333 14.64 1.06 0.54
C ASP A 333 16.17 1.27 0.39
N LYS A 334 16.75 0.86 -0.73
CA LYS A 334 18.21 1.06 -0.96
C LYS A 334 18.53 2.56 -0.94
N GLU A 335 17.63 3.41 -1.47
CA GLU A 335 17.87 4.88 -1.52
C GLU A 335 17.65 5.45 -0.11
N ILE A 336 16.67 4.95 0.64
CA ILE A 336 16.41 5.37 2.05
C ILE A 336 17.62 4.98 2.90
N LEU A 337 18.19 3.81 2.67
CA LEU A 337 19.40 3.36 3.42
C LEU A 337 20.52 4.36 3.13
N LYS A 338 20.70 4.75 1.88
CA LYS A 338 21.78 5.68 1.52
C LYS A 338 21.53 7.02 2.26
N ILE A 339 20.29 7.52 2.30
CA ILE A 339 19.99 8.82 2.97
C ILE A 339 20.25 8.71 4.48
N VAL A 340 19.81 7.61 5.09
CA VAL A 340 19.98 7.37 6.55
C VAL A 340 21.46 7.40 6.88
N LYS A 341 22.29 6.69 6.10
CA LYS A 341 23.76 6.61 6.34
C LYS A 341 24.45 7.97 6.09
N GLU A 342 23.95 8.82 5.19
CA GLU A 342 24.51 10.18 4.93
C GLU A 342 24.10 11.13 6.04
N THR A 343 22.95 10.92 6.67
CA THR A 343 22.33 11.88 7.62
C THR A 343 22.78 11.56 9.05
N PHE A 344 22.83 10.28 9.43
CA PHE A 344 23.02 9.87 10.84
C PHE A 344 24.45 9.37 11.03
N ASP A 345 25.09 9.85 12.11
CA ASP A 345 26.45 9.42 12.53
C ASP A 345 26.29 8.34 13.61
N PHE A 346 26.60 7.10 13.29
CA PHE A 346 26.31 5.95 14.19
C PHE A 346 27.46 5.72 15.16
N ARG A 347 28.51 6.54 15.10
CA ARG A 347 29.70 6.41 15.98
C ARG A 347 29.31 6.87 17.39
N PRO A 348 29.56 6.02 18.41
CA PRO A 348 29.03 6.27 19.76
C PRO A 348 29.48 7.60 20.37
N GLY A 349 30.72 8.00 20.05
CA GLY A 349 31.28 9.24 20.57
C GLY A 349 30.51 10.42 20.03
N MET A 350 30.03 10.24 18.79
CA MET A 350 29.27 11.28 18.04
C MET A 350 27.83 11.27 18.49
N MET A 351 27.24 10.09 18.64
CA MET A 351 25.84 9.93 19.06
C MET A 351 25.68 10.59 20.42
N THR A 352 26.64 10.38 21.33
CA THR A 352 26.55 10.94 22.70
C THR A 352 26.39 12.48 22.64
N ILE A 353 27.20 13.13 21.79
CA ILE A 353 27.24 14.62 21.75
C ILE A 353 26.01 15.05 20.97
N ASN A 354 25.70 14.38 19.87
CA ASN A 354 24.62 14.82 18.95
C ASN A 354 23.25 14.68 19.62
N LEU A 355 23.08 13.82 20.62
CA LEU A 355 21.79 13.65 21.33
C LEU A 355 21.94 14.13 22.77
N ASP A 356 23.09 14.76 23.12
CA ASP A 356 23.24 15.35 24.47
C ASP A 356 23.00 14.28 25.56
N LEU A 357 23.56 13.07 25.43
CA LEU A 357 23.31 11.91 26.34
C LEU A 357 24.21 11.90 27.57
N LYS A 358 25.19 12.80 27.72
CA LYS A 358 26.01 12.86 28.96
C LYS A 358 25.38 13.84 29.97
N ARG A 359 24.22 14.39 29.69
CA ARG A 359 23.47 15.19 30.69
C ARG A 359 22.53 14.29 31.55
N GLY A 360 22.81 14.18 32.84
CA GLY A 360 21.90 13.64 33.88
C GLY A 360 21.28 14.75 34.70
N GLY A 361 20.45 14.41 35.68
CA GLY A 361 19.85 15.41 36.57
C GLY A 361 18.49 15.90 36.08
N ASN A 362 17.70 16.46 36.98
CA ASN A 362 16.24 16.61 36.77
C ASN A 362 15.68 15.28 36.23
N GLY A 363 16.17 14.16 36.73
CA GLY A 363 15.68 12.80 36.41
C GLY A 363 15.69 12.53 34.91
N ARG A 364 16.67 13.08 34.21
CA ARG A 364 16.77 13.01 32.73
C ARG A 364 16.55 11.55 32.28
N PHE A 365 17.33 10.60 32.80
CA PHE A 365 17.19 9.18 32.38
C PHE A 365 16.17 8.43 33.25
N GLN A 366 16.01 8.76 34.54
CA GLN A 366 14.96 8.15 35.39
C GLN A 366 13.58 8.23 34.68
N LYS A 367 13.31 9.32 33.97
CA LYS A 367 12.01 9.51 33.25
C LYS A 367 11.83 8.48 32.13
N THR A 368 12.93 7.99 31.52
CA THR A 368 12.87 7.04 30.39
C THR A 368 12.57 5.61 30.95
N ALA A 369 12.81 5.38 32.24
CA ALA A 369 12.85 4.06 32.86
C ALA A 369 11.44 3.56 33.21
N ALA A 370 10.41 4.41 33.08
CA ALA A 370 8.99 3.97 33.10
C ALA A 370 8.19 4.70 32.01
N TYR A 371 7.19 3.99 31.44
CA TYR A 371 6.24 4.47 30.39
C TYR A 371 6.92 4.58 29.01
N GLY A 372 7.98 3.78 28.79
CA GLY A 372 8.71 3.63 27.51
C GLY A 372 9.68 4.74 27.15
N HIS A 373 10.72 4.38 26.38
CA HIS A 373 11.83 5.28 25.94
C HIS A 373 11.40 6.12 24.73
N PHE A 374 10.39 5.70 23.97
CA PHE A 374 10.03 6.25 22.63
C PHE A 374 8.59 6.72 22.63
N GLY A 375 8.31 7.70 21.76
CA GLY A 375 6.99 8.27 21.54
C GLY A 375 6.59 9.27 22.61
N ARG A 376 7.56 9.82 23.36
CA ARG A 376 7.31 10.79 24.48
C ARG A 376 7.68 12.21 24.01
N ASP A 377 7.06 13.26 24.51
CA ASP A 377 7.22 14.65 23.94
C ASP A 377 8.13 15.54 24.80
N ASP A 378 8.51 15.11 26.00
CA ASP A 378 9.51 15.74 26.90
C ASP A 378 10.80 16.06 26.15
N PRO A 379 11.32 17.30 26.19
CA PRO A 379 12.48 17.66 25.35
C PRO A 379 13.77 16.90 25.69
N ASP A 380 13.82 16.28 26.88
CA ASP A 380 14.94 15.43 27.34
C ASP A 380 15.05 14.20 26.45
N PHE A 381 13.95 13.77 25.82
CA PHE A 381 13.92 12.66 24.83
C PHE A 381 14.47 13.16 23.48
N THR A 382 15.77 13.44 23.39
CA THR A 382 16.39 14.14 22.24
C THR A 382 16.26 13.32 20.93
N TRP A 383 16.14 12.01 21.06
CA TRP A 383 16.03 11.06 19.92
C TRP A 383 14.61 11.03 19.34
N GLU A 384 13.65 11.70 20.00
CA GLU A 384 12.31 11.95 19.44
C GLU A 384 12.32 13.17 18.52
N VAL A 385 13.42 13.89 18.42
CA VAL A 385 13.48 15.09 17.52
C VAL A 385 13.67 14.62 16.08
N VAL A 386 12.71 14.97 15.23
CA VAL A 386 12.73 14.61 13.79
C VAL A 386 13.89 15.40 13.12
N LYS A 387 14.72 14.70 12.34
CA LYS A 387 15.74 15.36 11.47
C LYS A 387 15.11 15.55 10.09
N PRO A 388 15.27 16.74 9.48
CA PRO A 388 14.96 16.89 8.06
C PRO A 388 15.83 15.94 7.20
N LEU A 389 15.23 15.35 6.17
CA LEU A 389 15.94 14.44 5.22
C LEU A 389 15.87 15.06 3.82
N LYS A 390 17.00 15.10 3.10
CA LYS A 390 17.06 15.55 1.70
C LYS A 390 16.57 14.42 0.80
N TRP A 391 15.46 14.65 0.07
CA TRP A 391 14.90 13.72 -0.95
C TRP A 391 13.91 14.48 -1.87
N ASP A 392 13.47 13.85 -2.96
CA ASP A 392 12.50 14.42 -3.93
C ASP A 392 11.05 14.19 -3.48
N LYS A 393 10.54 15.06 -2.62
CA LYS A 393 9.27 14.86 -1.90
C LYS A 393 8.13 15.16 -2.87
N PRO A 394 7.17 14.22 -3.02
CA PRO A 394 6.03 14.42 -3.93
C PRO A 394 5.24 15.74 -3.66
N GLN A 395 4.81 16.42 -4.74
CA GLN A 395 3.89 17.60 -4.78
C GLN A 395 2.55 17.27 -4.09
N MET B 4 21.91 -7.99 -8.34
CA MET B 4 21.01 -8.64 -7.32
C MET B 4 20.89 -7.72 -6.11
N GLU B 5 19.68 -7.25 -5.77
CA GLU B 5 19.41 -6.42 -4.57
C GLU B 5 19.47 -7.30 -3.31
N THR B 6 20.23 -6.88 -2.29
CA THR B 6 20.43 -7.62 -1.01
C THR B 6 20.31 -6.64 0.15
N PHE B 7 20.32 -7.15 1.39
CA PHE B 7 20.41 -6.33 2.62
C PHE B 7 21.25 -7.12 3.65
N LEU B 8 21.72 -6.41 4.69
CA LEU B 8 22.52 -7.03 5.76
C LEU B 8 21.67 -7.16 7.02
N PHE B 9 21.66 -8.36 7.60
CA PHE B 9 20.98 -8.65 8.88
C PHE B 9 22.02 -9.28 9.83
N THR B 10 22.11 -8.72 11.06
CA THR B 10 23.06 -9.19 12.09
C THR B 10 22.37 -9.90 13.28
N SER B 11 22.91 -11.00 13.73
CA SER B 11 22.56 -11.67 15.02
C SER B 11 23.86 -12.01 15.76
N GLU B 12 23.76 -11.99 17.09
CA GLU B 12 24.85 -12.34 17.99
C GLU B 12 24.49 -13.60 18.78
N SER B 13 25.48 -14.10 19.50
CA SER B 13 25.30 -15.13 20.54
C SER B 13 26.35 -14.86 21.61
N VAL B 14 26.15 -15.51 22.73
CA VAL B 14 27.14 -15.68 23.81
C VAL B 14 27.16 -17.15 24.12
N ASN B 15 28.27 -17.60 24.67
CA ASN B 15 28.41 -19.03 25.05
C ASN B 15 27.99 -19.17 26.50
N GLU B 16 28.13 -20.36 27.05
CA GLU B 16 27.67 -20.75 28.40
C GLU B 16 28.46 -20.04 29.49
N GLY B 17 29.59 -19.41 29.18
CA GLY B 17 30.43 -18.75 30.19
C GLY B 17 30.15 -17.25 30.31
N HIS B 18 29.29 -16.72 29.44
CA HIS B 18 28.83 -15.33 29.55
C HIS B 18 28.05 -15.21 30.85
N PRO B 19 28.31 -14.17 31.68
CA PRO B 19 27.71 -14.09 33.02
C PRO B 19 26.18 -14.04 33.02
N ASP B 20 25.56 -13.43 32.02
CA ASP B 20 24.07 -13.46 31.91
C ASP B 20 23.62 -14.88 31.64
N LYS B 21 24.28 -15.59 30.72
CA LYS B 21 23.94 -16.99 30.41
C LYS B 21 24.20 -17.88 31.62
N LEU B 22 25.25 -17.62 32.41
CA LEU B 22 25.52 -18.38 33.66
C LEU B 22 24.24 -18.31 34.53
N CYS B 23 23.67 -17.13 34.68
CA CYS B 23 22.45 -16.88 35.48
C CYS B 23 21.29 -17.70 34.92
N ASP B 24 21.05 -17.65 33.60
CA ASP B 24 20.01 -18.50 32.97
C ASP B 24 20.24 -19.97 33.33
N GLN B 25 21.48 -20.43 33.24
CA GLN B 25 21.79 -21.86 33.50
C GLN B 25 21.56 -22.19 34.98
N ILE B 26 21.92 -21.30 35.91
CA ILE B 26 21.68 -21.52 37.36
C ILE B 26 20.16 -21.56 37.62
N SER B 27 19.43 -20.60 37.07
CA SER B 27 17.97 -20.50 37.26
C SER B 27 17.33 -21.81 36.81
N ASP B 28 17.76 -22.35 35.66
CA ASP B 28 17.18 -23.58 35.06
C ASP B 28 17.73 -24.83 35.78
N ALA B 29 18.92 -24.77 36.36
CA ALA B 29 19.45 -25.88 37.19
C ALA B 29 18.60 -25.99 38.48
N VAL B 30 18.17 -24.86 39.01
CA VAL B 30 17.25 -24.83 40.18
C VAL B 30 15.89 -25.41 39.73
N LEU B 31 15.35 -24.98 38.57
CA LEU B 31 14.07 -25.55 38.05
C LEU B 31 14.19 -27.08 37.92
N ASP B 32 15.26 -27.54 37.27
CA ASP B 32 15.50 -28.99 37.03
C ASP B 32 15.44 -29.71 38.38
N ALA B 33 16.19 -29.20 39.39
CA ALA B 33 16.34 -29.84 40.71
C ALA B 33 14.96 -29.94 41.40
N CYS B 34 14.15 -28.89 41.34
CA CYS B 34 12.75 -28.90 41.91
C CYS B 34 11.90 -29.98 41.19
N LEU B 35 11.89 -29.97 39.86
CA LEU B 35 10.99 -30.84 39.05
C LEU B 35 11.35 -32.31 39.28
N GLU B 36 12.65 -32.58 39.45
CA GLU B 36 13.20 -33.94 39.61
C GLU B 36 12.53 -34.57 40.82
N GLN B 37 12.25 -33.79 41.89
CA GLN B 37 11.64 -34.33 43.15
C GLN B 37 10.14 -34.06 43.15
N ASP B 38 9.73 -32.90 42.66
CA ASP B 38 8.31 -32.47 42.68
C ASP B 38 7.97 -31.91 41.30
N PRO B 39 7.39 -32.73 40.39
CA PRO B 39 6.98 -32.23 39.07
C PRO B 39 5.98 -31.05 39.07
N ASP B 40 5.25 -30.84 40.17
CA ASP B 40 4.24 -29.76 40.27
C ASP B 40 4.84 -28.50 40.91
N SER B 41 6.14 -28.49 41.12
CA SER B 41 6.92 -27.31 41.62
C SER B 41 6.49 -26.07 40.87
N LYS B 42 6.18 -25.02 41.61
CA LYS B 42 5.99 -23.64 41.10
C LYS B 42 7.31 -22.89 41.34
N VAL B 43 7.96 -22.53 40.26
CA VAL B 43 9.38 -22.09 40.24
C VAL B 43 9.44 -20.77 39.44
N ALA B 44 10.04 -19.78 40.05
CA ALA B 44 10.27 -18.43 39.51
C ALA B 44 11.61 -17.95 40.09
N CYS B 45 12.69 -18.55 39.61
CA CYS B 45 14.03 -18.43 40.25
C CYS B 45 14.87 -17.44 39.43
N GLU B 46 15.16 -16.28 40.00
CA GLU B 46 16.08 -15.33 39.34
C GLU B 46 17.48 -15.56 39.91
N THR B 47 18.49 -15.27 39.10
CA THR B 47 19.89 -15.31 39.51
C THR B 47 20.58 -14.01 39.08
N CYS B 48 21.49 -13.50 39.89
CA CYS B 48 22.43 -12.43 39.47
C CYS B 48 23.81 -12.73 39.99
N THR B 49 24.81 -12.15 39.36
CA THR B 49 26.22 -12.41 39.71
C THR B 49 27.04 -11.14 39.48
N LYS B 50 28.01 -10.93 40.34
CA LYS B 50 29.08 -9.91 40.19
C LYS B 50 30.27 -10.47 40.94
N THR B 51 31.40 -9.79 40.91
CA THR B 51 32.67 -10.26 41.50
C THR B 51 32.41 -11.03 42.81
N ASN B 52 32.74 -12.31 42.81
CA ASN B 52 32.83 -13.19 43.99
C ASN B 52 31.44 -13.39 44.62
N MET B 53 30.37 -13.24 43.85
CA MET B 53 29.00 -13.31 44.39
C MET B 53 28.02 -13.82 43.35
N VAL B 54 27.22 -14.84 43.76
CA VAL B 54 26.00 -15.29 43.05
C VAL B 54 24.82 -15.22 44.04
N MET B 55 23.68 -14.72 43.60
CA MET B 55 22.44 -14.64 44.38
C MET B 55 21.32 -15.30 43.57
N VAL B 56 20.59 -16.24 44.20
CA VAL B 56 19.34 -16.84 43.68
C VAL B 56 18.20 -16.24 44.50
N PHE B 57 17.16 -15.76 43.84
CA PHE B 57 16.09 -14.98 44.49
C PHE B 57 14.80 -15.09 43.66
N GLY B 58 13.66 -14.99 44.34
CA GLY B 58 12.35 -15.10 43.67
C GLY B 58 11.46 -16.02 44.44
N GLU B 59 10.63 -16.79 43.76
CA GLU B 59 9.55 -17.54 44.46
C GLU B 59 9.49 -19.01 44.02
N ILE B 60 9.52 -19.90 44.99
CA ILE B 60 9.42 -21.38 44.78
C ILE B 60 8.53 -21.96 45.86
N THR B 61 7.50 -22.68 45.41
CA THR B 61 6.67 -23.60 46.23
C THR B 61 6.89 -24.99 45.66
N THR B 62 7.47 -25.85 46.48
CA THR B 62 7.97 -27.18 46.07
C THR B 62 7.93 -28.08 47.30
N LYS B 63 7.62 -29.35 47.10
CA LYS B 63 7.83 -30.41 48.11
C LYS B 63 9.30 -30.87 48.05
N ALA B 64 10.09 -30.39 47.10
CA ALA B 64 11.49 -30.80 46.89
C ALA B 64 12.32 -30.30 48.08
N THR B 65 13.33 -31.09 48.50
CA THR B 65 14.41 -30.61 49.41
C THR B 65 15.59 -30.21 48.54
N ILE B 66 15.91 -28.94 48.49
CA ILE B 66 16.85 -28.32 47.49
C ILE B 66 18.05 -27.73 48.23
N ASP B 67 19.26 -28.01 47.74
CA ASP B 67 20.50 -27.36 48.23
C ASP B 67 20.88 -26.28 47.21
N TYR B 68 20.35 -25.05 47.37
CA TYR B 68 20.54 -23.97 46.37
C TYR B 68 22.05 -23.75 46.18
N GLU B 69 22.80 -23.72 47.27
CA GLU B 69 24.26 -23.45 47.22
C GLU B 69 24.95 -24.49 46.35
N LYS B 70 24.68 -25.77 46.55
CA LYS B 70 25.32 -26.85 45.76
C LYS B 70 25.01 -26.68 44.27
N ILE B 71 23.75 -26.45 43.92
CA ILE B 71 23.31 -26.28 42.49
C ILE B 71 24.08 -25.10 41.90
N VAL B 72 24.12 -23.98 42.59
CA VAL B 72 24.90 -22.78 42.14
C VAL B 72 26.38 -23.16 41.91
N ARG B 73 27.05 -23.73 42.90
CA ARG B 73 28.51 -24.05 42.81
C ARG B 73 28.73 -25.11 41.72
N ASP B 74 27.88 -26.13 41.62
CA ASP B 74 28.04 -27.21 40.61
C ASP B 74 27.90 -26.62 39.20
N THR B 75 26.93 -25.71 39.01
CA THR B 75 26.67 -25.09 37.69
C THR B 75 27.88 -24.23 37.28
N CYS B 76 28.38 -23.40 38.18
CA CYS B 76 29.57 -22.54 37.93
C CYS B 76 30.78 -23.43 37.62
N ARG B 77 30.95 -24.53 38.36
CA ARG B 77 32.11 -25.42 38.24
C ARG B 77 32.10 -26.03 36.85
N SER B 78 30.96 -26.55 36.39
CA SER B 78 30.83 -27.29 35.10
C SER B 78 31.13 -26.34 33.93
N ILE B 79 30.78 -25.07 34.06
CA ILE B 79 31.01 -24.06 32.98
C ILE B 79 32.52 -23.72 32.94
N GLY B 80 33.26 -23.93 34.05
CA GLY B 80 34.70 -23.66 34.12
C GLY B 80 35.04 -22.47 34.99
N PHE B 81 34.11 -21.96 35.78
CA PHE B 81 34.39 -20.87 36.78
C PHE B 81 34.99 -21.49 38.04
N ILE B 82 36.29 -21.77 38.03
CA ILE B 82 36.98 -22.56 39.10
C ILE B 82 38.10 -21.76 39.79
N SER B 83 38.23 -20.47 39.49
CA SER B 83 39.24 -19.58 40.12
C SER B 83 38.92 -18.11 39.88
N ASP B 84 39.42 -17.26 40.78
CA ASP B 84 39.36 -15.79 40.62
C ASP B 84 40.09 -15.40 39.31
N ASP B 85 41.08 -16.20 38.91
CA ASP B 85 41.84 -15.98 37.66
C ASP B 85 40.93 -16.00 36.44
N VAL B 86 39.92 -16.88 36.38
CA VAL B 86 39.05 -16.96 35.17
C VAL B 86 37.69 -16.24 35.39
N GLY B 87 37.52 -15.52 36.50
CA GLY B 87 36.47 -14.50 36.66
C GLY B 87 35.46 -14.85 37.74
N LEU B 88 35.48 -16.05 38.27
CA LEU B 88 34.62 -16.50 39.41
C LEU B 88 35.12 -17.86 39.91
N ASP B 89 35.21 -18.01 41.22
CA ASP B 89 35.58 -19.29 41.87
C ASP B 89 34.32 -19.97 42.46
N ALA B 90 33.89 -21.04 41.81
CA ALA B 90 32.70 -21.83 42.17
C ALA B 90 32.78 -22.26 43.65
N ASP B 91 33.98 -22.50 44.17
CA ASP B 91 34.18 -23.07 45.54
C ASP B 91 34.45 -21.96 46.57
N LYS B 92 34.64 -20.70 46.16
CA LYS B 92 34.99 -19.63 47.14
C LYS B 92 33.99 -18.48 47.11
N CYS B 93 33.25 -18.29 46.02
CA CYS B 93 32.32 -17.14 45.89
C CYS B 93 31.22 -17.23 46.96
N LYS B 94 30.74 -16.06 47.33
CA LYS B 94 29.59 -15.92 48.25
C LYS B 94 28.34 -16.38 47.45
N VAL B 95 27.47 -17.18 48.08
CA VAL B 95 26.18 -17.58 47.48
C VAL B 95 25.08 -17.07 48.39
N LEU B 96 24.32 -16.09 47.92
CA LEU B 96 23.20 -15.47 48.65
C LEU B 96 21.90 -16.12 48.19
N VAL B 97 20.95 -16.31 49.07
CA VAL B 97 19.67 -16.96 48.75
C VAL B 97 18.56 -16.12 49.34
N ASN B 98 17.67 -15.57 48.51
CA ASN B 98 16.44 -14.88 48.94
CA ASN B 98 16.42 -14.92 48.99
C ASN B 98 15.26 -15.50 48.18
N ILE B 99 15.03 -16.80 48.40
CA ILE B 99 13.89 -17.56 47.83
C ILE B 99 12.76 -17.65 48.88
N GLU B 100 11.55 -17.32 48.50
CA GLU B 100 10.32 -17.43 49.33
C GLU B 100 9.29 -18.25 48.56
N GLN B 101 8.18 -18.62 49.21
CA GLN B 101 7.06 -19.28 48.49
C GLN B 101 6.34 -18.29 47.57
N GLN B 102 5.70 -18.81 46.55
CA GLN B 102 4.87 -18.06 45.60
C GLN B 102 3.82 -17.29 46.42
N SER B 103 3.49 -16.09 45.97
CA SER B 103 2.36 -15.30 46.50
C SER B 103 1.12 -16.19 46.54
N PRO B 104 0.42 -16.25 47.70
CA PRO B 104 -0.85 -16.98 47.77
C PRO B 104 -1.92 -16.40 46.84
N ASP B 105 -1.85 -15.08 46.58
CA ASP B 105 -2.79 -14.35 45.69
C ASP B 105 -2.63 -14.86 44.27
N ILE B 106 -1.39 -15.06 43.83
CA ILE B 106 -1.09 -15.68 42.51
C ILE B 106 -1.54 -17.12 42.52
N ALA B 107 -1.20 -17.88 43.57
CA ALA B 107 -1.40 -19.35 43.61
C ALA B 107 -2.90 -19.68 43.51
N GLN B 108 -3.76 -18.92 44.19
CA GLN B 108 -5.23 -19.16 44.17
C GLN B 108 -5.69 -18.91 42.74
N GLY B 109 -5.22 -17.83 42.10
CA GLY B 109 -5.72 -17.41 40.77
C GLY B 109 -5.24 -18.29 39.64
N VAL B 110 -4.02 -18.78 39.73
CA VAL B 110 -3.38 -19.58 38.62
C VAL B 110 -3.84 -21.03 38.71
N HIS B 111 -3.66 -21.67 39.85
CA HIS B 111 -3.82 -23.14 39.97
C HIS B 111 -4.67 -23.58 41.19
N GLY B 112 -5.28 -22.63 41.88
CA GLY B 112 -6.18 -22.93 43.02
C GLY B 112 -5.44 -23.66 44.13
N HIS B 113 -4.21 -23.24 44.43
CA HIS B 113 -3.29 -23.93 45.36
C HIS B 113 -3.28 -25.42 45.01
N PHE B 114 -2.90 -25.75 43.77
CA PHE B 114 -2.66 -27.13 43.26
C PHE B 114 -3.96 -27.94 43.28
N THR B 115 -5.11 -27.31 43.03
CA THR B 115 -6.40 -28.02 42.95
C THR B 115 -6.97 -27.90 41.54
N LYS B 116 -6.53 -26.94 40.70
CA LYS B 116 -7.22 -26.75 39.40
C LYS B 116 -6.78 -27.89 38.46
N ARG B 117 -7.72 -28.50 37.75
CA ARG B 117 -7.47 -29.53 36.71
C ARG B 117 -6.76 -28.86 35.53
N PRO B 118 -6.00 -29.64 34.73
CA PRO B 118 -5.26 -29.09 33.58
C PRO B 118 -6.01 -28.07 32.70
N GLU B 119 -7.24 -28.38 32.29
CA GLU B 119 -8.01 -27.55 31.34
C GLU B 119 -8.44 -26.24 32.02
N ASP B 120 -8.34 -26.13 33.35
CA ASP B 120 -8.79 -24.95 34.13
C ASP B 120 -7.61 -24.12 34.63
N ILE B 121 -6.38 -24.66 34.53
CA ILE B 121 -5.16 -23.91 34.92
C ILE B 121 -5.16 -22.57 34.17
N GLY B 122 -4.99 -21.46 34.90
CA GLY B 122 -4.88 -20.17 34.19
C GLY B 122 -3.46 -19.86 33.80
N ALA B 123 -3.25 -19.02 32.80
CA ALA B 123 -1.93 -18.41 32.56
C ALA B 123 -1.36 -17.91 33.89
N GLY B 124 -0.09 -18.17 34.13
CA GLY B 124 0.56 -17.77 35.38
C GLY B 124 0.83 -16.28 35.42
N ASP B 125 0.58 -15.63 34.29
CA ASP B 125 0.71 -14.15 34.16
C ASP B 125 0.11 -13.76 32.80
N GLN B 126 -0.13 -12.46 32.60
CA GLN B 126 -0.40 -11.87 31.27
C GLN B 126 0.88 -11.78 30.45
N GLY B 127 0.73 -11.54 29.15
CA GLY B 127 1.85 -11.35 28.26
C GLY B 127 1.58 -11.89 26.90
N HIS B 128 2.53 -11.69 26.00
CA HIS B 128 2.47 -12.15 24.61
C HIS B 128 3.80 -12.79 24.24
N MET B 129 3.69 -13.75 23.33
CA MET B 129 4.83 -14.61 22.89
C MET B 129 4.71 -14.78 21.38
N PHE B 130 5.85 -14.79 20.67
CA PHE B 130 5.88 -15.10 19.25
C PHE B 130 6.73 -16.37 19.01
N GLY B 131 6.29 -17.12 18.02
CA GLY B 131 7.03 -18.24 17.40
C GLY B 131 7.33 -17.88 15.97
N TYR B 132 8.48 -18.36 15.49
CA TYR B 132 8.98 -18.08 14.15
C TYR B 132 9.62 -19.33 13.59
N ALA B 133 9.56 -19.48 12.26
CA ALA B 133 10.26 -20.52 11.49
C ALA B 133 10.55 -19.95 10.11
N THR B 134 11.67 -20.37 9.53
CA THR B 134 12.09 -19.95 8.17
C THR B 134 12.70 -21.20 7.50
N ASP B 135 12.44 -21.39 6.21
CA ASP B 135 12.96 -22.56 5.47
C ASP B 135 14.42 -22.35 5.06
N GLU B 136 15.08 -21.27 5.48
CA GLU B 136 16.46 -20.97 5.03
C GLU B 136 17.51 -21.94 5.61
N THR B 137 17.22 -22.68 6.68
CA THR B 137 18.11 -23.70 7.28
C THR B 137 17.31 -24.96 7.51
N PRO B 138 17.94 -26.15 7.58
CA PRO B 138 17.21 -27.39 7.88
C PRO B 138 16.47 -27.36 9.24
N GLU B 139 16.99 -26.66 10.25
CA GLU B 139 16.37 -26.53 11.60
C GLU B 139 15.23 -25.49 11.59
N LEU B 140 14.92 -24.90 10.42
CA LEU B 140 13.86 -23.89 10.23
C LEU B 140 14.11 -22.67 11.15
N MET B 141 15.38 -22.24 11.24
CA MET B 141 15.83 -21.05 12.01
C MET B 141 16.62 -20.11 11.09
N PRO B 142 16.70 -18.81 11.46
CA PRO B 142 17.41 -17.83 10.68
C PRO B 142 18.92 -18.10 10.71
N LEU B 143 19.56 -17.99 9.55
CA LEU B 143 21.00 -18.37 9.39
C LEU B 143 21.87 -17.44 10.23
N SER B 144 21.57 -16.15 10.29
CA SER B 144 22.37 -15.22 11.13
C SER B 144 22.42 -15.75 12.57
N HIS B 145 21.29 -16.17 13.13
CA HIS B 145 21.20 -16.70 14.50
C HIS B 145 21.95 -18.02 14.62
N VAL B 146 21.66 -18.97 13.74
CA VAL B 146 22.24 -20.34 13.74
C VAL B 146 23.77 -20.24 13.73
N LEU B 147 24.34 -19.45 12.83
CA LEU B 147 25.82 -19.30 12.66
C LEU B 147 26.40 -18.68 13.91
N ALA B 148 25.82 -17.57 14.43
CA ALA B 148 26.32 -16.96 15.68
C ALA B 148 26.26 -18.00 16.81
N THR B 149 25.15 -18.72 16.93
CA THR B 149 24.96 -19.72 18.02
C THR B 149 25.98 -20.86 17.89
N LYS B 150 26.11 -21.46 16.71
CA LYS B 150 26.96 -22.68 16.51
C LYS B 150 28.42 -22.26 16.68
N ILE B 151 28.77 -21.01 16.32
CA ILE B 151 30.17 -20.51 16.48
C ILE B 151 30.47 -20.40 17.98
N GLY B 152 29.51 -19.89 18.77
CA GLY B 152 29.68 -19.78 20.23
C GLY B 152 29.87 -21.12 20.89
N ALA B 153 29.12 -22.12 20.42
CA ALA B 153 29.18 -23.50 20.94
C ALA B 153 30.52 -24.10 20.56
N ARG B 154 30.98 -23.90 19.33
CA ARG B 154 32.34 -24.37 18.89
C ARG B 154 33.43 -23.71 19.75
N LEU B 155 33.28 -22.44 20.09
CA LEU B 155 34.22 -21.67 20.97
C LEU B 155 34.34 -22.38 22.32
N THR B 156 33.23 -22.78 22.92
CA THR B 156 33.24 -23.51 24.21
C THR B 156 33.93 -24.86 23.95
N GLU B 157 33.59 -25.54 22.87
CA GLU B 157 34.08 -26.91 22.58
C GLU B 157 35.60 -26.97 22.50
N VAL B 158 36.21 -26.01 21.85
CA VAL B 158 37.70 -26.02 21.61
C VAL B 158 38.44 -25.62 22.89
N ARG B 159 37.82 -24.87 23.79
CA ARG B 159 38.34 -24.71 25.17
C ARG B 159 38.26 -26.06 25.88
N LYS B 160 37.10 -26.72 25.89
CA LYS B 160 36.89 -27.90 26.77
C LYS B 160 37.72 -29.06 26.24
N ASN B 161 37.88 -29.21 24.94
CA ASN B 161 38.51 -30.43 24.34
C ASN B 161 40.02 -30.23 24.21
N GLY B 162 40.50 -29.04 24.56
CA GLY B 162 41.95 -28.78 24.64
C GLY B 162 42.53 -28.50 23.26
N THR B 163 41.69 -28.03 22.36
CA THR B 163 42.13 -27.53 21.04
C THR B 163 42.75 -26.14 21.18
N CYS B 164 42.12 -25.21 21.90
CA CYS B 164 42.70 -23.86 22.20
C CYS B 164 42.80 -23.68 23.72
N ARG B 165 43.96 -23.95 24.29
CA ARG B 165 44.12 -24.07 25.77
C ARG B 165 44.25 -22.69 26.38
N TRP B 166 44.40 -21.64 25.57
CA TRP B 166 44.48 -20.23 26.08
C TRP B 166 43.08 -19.66 26.41
N LEU B 167 42.00 -20.28 25.93
CA LEU B 167 40.59 -19.77 26.08
C LEU B 167 40.14 -19.80 27.56
N ARG B 168 39.28 -18.85 27.88
CA ARG B 168 38.54 -18.82 29.17
C ARG B 168 37.06 -18.83 28.83
N PRO B 169 36.19 -19.10 29.80
CA PRO B 169 34.81 -19.48 29.53
C PRO B 169 33.88 -18.49 28.80
N ASP B 170 34.13 -17.20 29.00
CA ASP B 170 33.25 -16.08 28.61
C ASP B 170 33.56 -15.67 27.17
N GLY B 171 32.61 -15.84 26.27
CA GLY B 171 32.79 -15.42 24.87
C GLY B 171 31.50 -15.04 24.20
N LYS B 172 31.60 -14.19 23.18
CA LYS B 172 30.49 -13.68 22.34
C LYS B 172 30.80 -13.82 20.86
N THR B 173 29.75 -13.94 20.05
CA THR B 173 29.87 -14.01 18.59
C THR B 173 28.85 -13.03 17.99
N GLN B 174 29.05 -12.66 16.74
CA GLN B 174 28.06 -11.95 15.94
C GLN B 174 28.35 -12.23 14.48
N VAL B 175 27.32 -12.51 13.70
CA VAL B 175 27.44 -12.80 12.25
C VAL B 175 26.45 -11.89 11.53
N THR B 176 26.95 -11.14 10.55
CA THR B 176 26.17 -10.35 9.59
C THR B 176 26.05 -11.16 8.30
N VAL B 177 24.81 -11.47 7.93
CA VAL B 177 24.49 -12.27 6.71
C VAL B 177 23.91 -11.29 5.68
N GLU B 178 24.40 -11.40 4.46
CA GLU B 178 23.82 -10.70 3.30
C GLU B 178 22.66 -11.58 2.76
N TYR B 179 21.45 -11.05 2.73
CA TYR B 179 20.23 -11.80 2.36
C TYR B 179 19.61 -11.24 1.07
N TYR B 180 18.93 -12.12 0.34
CA TYR B 180 18.05 -11.80 -0.80
C TYR B 180 16.62 -12.16 -0.41
N ASN B 181 15.69 -11.26 -0.70
CA ASN B 181 14.24 -11.47 -0.46
C ASN B 181 13.64 -12.10 -1.72
N ASP B 182 13.22 -13.34 -1.61
CA ASP B 182 12.56 -14.14 -2.68
C ASP B 182 11.05 -14.21 -2.36
N ASN B 183 10.30 -13.19 -2.79
CA ASN B 183 8.82 -13.11 -2.63
C ASN B 183 8.44 -13.36 -1.15
N GLY B 184 9.17 -12.71 -0.24
CA GLY B 184 8.95 -12.77 1.22
C GLY B 184 9.78 -13.82 1.92
N ALA B 185 10.30 -14.83 1.22
CA ALA B 185 11.24 -15.83 1.78
C ALA B 185 12.66 -15.24 1.89
N MET B 186 13.43 -15.69 2.88
CA MET B 186 14.79 -15.15 3.15
C MET B 186 15.80 -16.14 2.59
N VAL B 187 16.65 -15.67 1.69
CA VAL B 187 17.69 -16.51 1.02
C VAL B 187 19.05 -15.91 1.36
N PRO B 188 19.82 -16.56 2.24
CA PRO B 188 21.19 -16.13 2.54
C PRO B 188 22.06 -16.22 1.29
N VAL B 189 22.85 -15.17 1.02
CA VAL B 189 23.76 -15.02 -0.14
C VAL B 189 25.19 -15.37 0.33
N ARG B 190 25.65 -14.73 1.40
CA ARG B 190 27.03 -14.87 1.89
C ARG B 190 27.13 -14.26 3.27
N VAL B 191 28.15 -14.67 4.00
CA VAL B 191 28.47 -14.08 5.33
C VAL B 191 29.30 -12.83 5.05
N HIS B 192 28.80 -11.68 5.49
CA HIS B 192 29.39 -10.33 5.31
C HIS B 192 30.47 -10.07 6.36
N THR B 193 30.13 -10.25 7.64
CA THR B 193 31.02 -9.92 8.80
C THR B 193 30.92 -11.03 9.84
N VAL B 194 32.08 -11.51 10.30
CA VAL B 194 32.17 -12.38 11.49
C VAL B 194 32.92 -11.63 12.60
N LEU B 195 32.35 -11.63 13.80
CA LEU B 195 32.96 -11.06 15.03
C LEU B 195 33.00 -12.17 16.09
N ILE B 196 34.12 -12.29 16.80
CA ILE B 196 34.21 -13.06 18.07
C ILE B 196 34.95 -12.18 19.06
N SER B 197 34.49 -12.15 20.31
CA SER B 197 35.23 -11.60 21.48
C SER B 197 35.24 -12.70 22.51
N THR B 198 36.38 -13.21 22.89
CA THR B 198 36.50 -14.32 23.82
C THR B 198 37.54 -13.96 24.89
N GLN B 199 37.23 -14.36 26.11
CA GLN B 199 38.12 -14.29 27.28
C GLN B 199 39.32 -15.23 27.02
N HIS B 200 40.49 -14.84 27.47
CA HIS B 200 41.76 -15.56 27.20
C HIS B 200 42.73 -15.35 28.36
N ASP B 201 43.69 -16.25 28.50
CA ASP B 201 44.78 -16.13 29.51
C ASP B 201 45.85 -15.17 28.98
N GLU B 202 46.92 -15.01 29.76
CA GLU B 202 48.02 -14.06 29.45
C GLU B 202 49.08 -14.65 28.51
N THR B 203 48.90 -15.89 28.04
CA THR B 203 49.96 -16.69 27.37
C THR B 203 49.86 -16.59 25.84
N VAL B 204 48.88 -15.87 25.31
CA VAL B 204 48.52 -15.89 23.87
C VAL B 204 48.56 -14.46 23.30
N THR B 205 49.13 -14.30 22.11
CA THR B 205 49.18 -12.98 21.40
C THR B 205 47.87 -12.77 20.65
N ASN B 206 47.60 -11.55 20.21
CA ASN B 206 46.35 -11.21 19.51
C ASN B 206 46.42 -11.82 18.12
N ASP B 207 47.61 -11.94 17.53
CA ASP B 207 47.81 -12.64 16.23
C ASP B 207 47.47 -14.14 16.37
N GLU B 208 47.89 -14.78 17.44
CA GLU B 208 47.59 -16.21 17.72
C GLU B 208 46.09 -16.38 17.94
N ILE B 209 45.47 -15.49 18.73
CA ILE B 209 44.00 -15.51 18.96
C ILE B 209 43.31 -15.46 17.59
N ALA B 210 43.70 -14.54 16.70
CA ALA B 210 43.00 -14.35 15.41
C ALA B 210 43.17 -15.62 14.55
N ARG B 211 44.40 -16.15 14.50
CA ARG B 211 44.70 -17.36 13.70
C ARG B 211 43.84 -18.52 14.20
N ASP B 212 43.89 -18.76 15.51
CA ASP B 212 43.24 -19.89 16.18
C ASP B 212 41.72 -19.79 16.03
N LEU B 213 41.14 -18.61 16.17
CA LEU B 213 39.68 -18.42 16.09
C LEU B 213 39.24 -18.68 14.65
N LYS B 214 40.03 -18.29 13.66
CA LYS B 214 39.65 -18.50 12.23
C LYS B 214 39.71 -20.02 11.93
N GLU B 215 40.81 -20.66 12.32
CA GLU B 215 41.12 -22.06 11.89
C GLU B 215 40.30 -23.06 12.73
N HIS B 216 40.24 -22.92 14.06
CA HIS B 216 39.64 -23.94 14.97
C HIS B 216 38.17 -23.66 15.23
N VAL B 217 37.70 -22.40 15.10
CA VAL B 217 36.33 -21.99 15.54
C VAL B 217 35.45 -21.60 14.34
N ILE B 218 35.89 -20.67 13.50
CA ILE B 218 35.01 -20.15 12.42
C ILE B 218 34.97 -21.09 11.22
N LYS B 219 36.13 -21.46 10.67
CA LYS B 219 36.17 -22.28 9.42
C LYS B 219 35.40 -23.59 9.60
N PRO B 220 35.47 -24.34 10.72
CA PRO B 220 34.70 -25.58 10.86
C PRO B 220 33.17 -25.45 10.88
N ILE B 221 32.67 -24.24 11.11
CA ILE B 221 31.22 -24.02 11.41
C ILE B 221 30.56 -23.34 10.19
N ILE B 222 31.12 -22.29 9.64
CA ILE B 222 30.45 -21.55 8.54
C ILE B 222 30.58 -22.39 7.26
N PRO B 223 29.48 -22.78 6.59
CA PRO B 223 29.58 -23.41 5.28
C PRO B 223 30.45 -22.57 4.33
N GLU B 224 31.34 -23.27 3.63
CA GLU B 224 32.33 -22.67 2.69
C GLU B 224 31.59 -21.83 1.65
N LYS B 225 30.38 -22.25 1.25
CA LYS B 225 29.59 -21.56 0.21
C LYS B 225 29.26 -20.13 0.66
N TYR B 226 29.32 -19.82 1.97
CA TYR B 226 28.94 -18.48 2.50
C TYR B 226 30.17 -17.59 2.71
N LEU B 227 31.40 -18.13 2.67
CA LEU B 227 32.62 -17.36 2.98
C LEU B 227 33.35 -17.01 1.69
N ASP B 228 33.84 -15.80 1.58
CA ASP B 228 34.60 -15.40 0.37
C ASP B 228 35.70 -14.46 0.81
N ASP B 229 36.49 -13.97 -0.15
CA ASP B 229 37.70 -13.14 0.10
C ASP B 229 37.31 -11.78 0.66
N LYS B 230 36.05 -11.37 0.57
CA LYS B 230 35.57 -10.06 1.04
C LYS B 230 34.92 -10.17 2.43
N THR B 231 34.65 -11.38 2.94
CA THR B 231 34.12 -11.53 4.32
C THR B 231 35.04 -10.79 5.30
N ILE B 232 34.45 -9.95 6.15
CA ILE B 232 35.17 -9.14 7.17
C ILE B 232 35.31 -9.93 8.47
N PHE B 233 36.45 -9.91 9.12
CA PHE B 233 36.64 -10.57 10.44
C PHE B 233 37.05 -9.57 11.50
N HIS B 234 36.28 -9.47 12.60
CA HIS B 234 36.71 -8.78 13.85
C HIS B 234 36.97 -9.88 14.90
N LEU B 235 38.23 -10.03 15.28
CA LEU B 235 38.62 -11.12 16.21
C LEU B 235 39.31 -10.49 17.41
N ASN B 236 38.63 -10.54 18.55
CA ASN B 236 38.96 -9.86 19.83
C ASN B 236 39.31 -8.41 19.52
N PRO B 237 38.40 -7.58 18.95
CA PRO B 237 38.73 -6.19 18.60
C PRO B 237 39.06 -5.26 19.78
N SER B 238 38.65 -5.55 21.01
CA SER B 238 39.00 -4.76 22.21
C SER B 238 40.51 -4.80 22.50
N GLY B 239 41.19 -5.89 22.10
CA GLY B 239 42.66 -6.03 22.18
C GLY B 239 43.13 -6.68 23.48
N ARG B 240 42.23 -6.89 24.43
CA ARG B 240 42.53 -7.55 25.72
C ARG B 240 41.21 -7.89 26.40
N PHE B 241 41.07 -9.15 26.75
CA PHE B 241 39.87 -9.75 27.35
C PHE B 241 40.37 -10.84 28.28
N VAL B 242 41.13 -10.44 29.31
CA VAL B 242 41.76 -11.34 30.31
C VAL B 242 40.81 -11.48 31.50
N ILE B 243 40.33 -10.34 32.01
CA ILE B 243 39.22 -10.21 33.01
C ILE B 243 37.91 -10.56 32.32
N GLY B 244 37.15 -11.51 32.83
CA GLY B 244 35.81 -11.80 32.29
C GLY B 244 34.88 -12.41 33.32
N GLY B 245 33.79 -13.04 32.83
CA GLY B 245 32.75 -13.57 33.69
C GLY B 245 32.26 -12.49 34.64
N PRO B 246 31.73 -12.87 35.83
CA PRO B 246 31.15 -11.91 36.75
C PRO B 246 32.14 -10.81 37.12
N HIS B 247 33.44 -11.12 37.12
CA HIS B 247 34.49 -10.13 37.46
C HIS B 247 34.43 -8.93 36.47
N GLY B 248 34.26 -9.21 35.19
CA GLY B 248 34.26 -8.16 34.14
C GLY B 248 32.93 -7.43 33.99
N ASP B 249 31.83 -8.08 34.38
CA ASP B 249 30.47 -7.68 33.95
C ASP B 249 29.39 -8.46 34.74
N ALA B 250 28.51 -7.72 35.43
CA ALA B 250 27.37 -8.30 36.17
C ALA B 250 26.48 -9.11 35.24
N GLY B 251 26.04 -10.29 35.71
CA GLY B 251 25.04 -11.13 35.03
C GLY B 251 23.71 -11.19 35.79
N LEU B 252 22.64 -11.44 35.04
CA LEU B 252 21.22 -11.54 35.52
C LEU B 252 20.47 -12.47 34.60
N THR B 253 19.56 -13.25 35.17
CA THR B 253 18.64 -14.11 34.44
C THR B 253 17.78 -13.30 33.49
N GLY B 254 17.55 -13.81 32.28
CA GLY B 254 16.59 -13.19 31.36
C GLY B 254 17.12 -11.96 30.66
N ARG B 255 18.43 -11.84 30.46
CA ARG B 255 19.04 -10.66 29.81
C ARG B 255 19.64 -11.09 28.46
N LYS B 256 19.21 -12.26 27.93
CA LYS B 256 19.62 -12.79 26.61
C LYS B 256 18.41 -13.38 25.85
N ILE B 257 17.27 -12.69 25.85
CA ILE B 257 15.97 -13.28 25.40
C ILE B 257 15.94 -13.36 23.87
N ILE B 258 16.76 -12.54 23.21
CA ILE B 258 16.81 -12.50 21.71
C ILE B 258 17.78 -13.62 21.26
N ILE B 259 18.89 -13.79 21.98
CA ILE B 259 19.88 -14.91 21.80
C ILE B 259 19.19 -16.24 22.17
N ASP B 260 18.22 -16.19 23.09
CA ASP B 260 17.44 -17.40 23.47
C ASP B 260 16.48 -17.82 22.35
N THR B 261 16.16 -16.94 21.39
CA THR B 261 15.02 -17.08 20.44
C THR B 261 15.51 -17.02 18.98
N TYR B 262 15.35 -15.89 18.29
CA TYR B 262 15.49 -15.84 16.82
C TYR B 262 16.50 -14.78 16.36
N GLY B 263 17.32 -14.28 17.29
CA GLY B 263 18.40 -13.36 16.92
C GLY B 263 17.89 -12.07 16.30
N GLY B 264 16.65 -11.66 16.58
CA GLY B 264 16.12 -10.37 16.09
C GLY B 264 15.11 -10.59 14.98
N TRP B 265 15.06 -11.81 14.43
CA TRP B 265 14.06 -12.24 13.42
C TRP B 265 12.75 -12.50 14.14
N GLY B 266 11.68 -12.62 13.37
CA GLY B 266 10.33 -12.86 13.91
C GLY B 266 9.97 -11.72 14.83
N ALA B 267 9.73 -12.00 16.11
CA ALA B 267 9.36 -11.00 17.13
C ALA B 267 9.56 -11.61 18.51
N HIS B 268 9.52 -10.77 19.54
CA HIS B 268 9.65 -11.21 20.95
C HIS B 268 8.62 -10.44 21.76
N GLY B 269 7.94 -11.14 22.67
CA GLY B 269 6.94 -10.56 23.60
C GLY B 269 7.60 -10.03 24.89
N GLY B 270 8.89 -10.30 25.10
CA GLY B 270 9.69 -9.70 26.18
C GLY B 270 9.86 -10.60 27.40
N GLY B 271 9.18 -11.76 27.45
CA GLY B 271 9.24 -12.69 28.59
C GLY B 271 10.49 -13.53 28.56
N ALA B 272 11.18 -13.65 29.70
CA ALA B 272 12.39 -14.50 29.83
C ALA B 272 11.91 -15.96 29.99
N PHE B 273 12.78 -16.93 29.74
CA PHE B 273 12.40 -18.34 29.81
C PHE B 273 12.92 -18.98 31.10
N SER B 274 14.17 -18.68 31.44
CA SER B 274 14.91 -19.52 32.40
C SER B 274 14.40 -19.29 33.83
N GLY B 275 14.34 -20.36 34.60
CA GLY B 275 13.97 -20.32 36.03
C GLY B 275 12.46 -20.42 36.22
N LYS B 276 11.70 -20.58 35.14
CA LYS B 276 10.22 -20.59 35.12
C LYS B 276 9.65 -21.99 34.85
N ASP B 277 8.76 -22.45 35.73
CA ASP B 277 7.94 -23.68 35.51
C ASP B 277 6.88 -23.35 34.45
N PRO B 278 6.31 -24.37 33.78
CA PRO B 278 5.47 -24.16 32.59
C PRO B 278 4.10 -23.48 32.81
N THR B 279 3.69 -23.20 34.03
CA THR B 279 2.48 -22.35 34.25
C THR B 279 2.81 -20.91 33.79
N LYS B 280 4.11 -20.57 33.77
CA LYS B 280 4.61 -19.31 33.21
C LYS B 280 4.56 -19.48 31.67
N VAL B 281 3.49 -18.94 31.09
CA VAL B 281 3.21 -18.98 29.62
C VAL B 281 4.35 -18.27 28.87
N ASP B 282 5.19 -17.45 29.55
CA ASP B 282 6.42 -16.87 28.91
C ASP B 282 7.21 -18.01 28.27
N ARG B 283 7.27 -19.12 28.98
CA ARG B 283 8.03 -20.31 28.53
C ARG B 283 7.08 -21.22 27.73
N SER B 284 6.00 -21.73 28.33
CA SER B 284 5.18 -22.77 27.66
C SER B 284 4.54 -22.15 26.41
N GLY B 285 4.06 -20.92 26.50
CA GLY B 285 3.51 -20.21 25.33
C GLY B 285 4.49 -20.03 24.18
N ALA B 286 5.73 -19.62 24.46
CA ALA B 286 6.76 -19.43 23.41
C ALA B 286 7.09 -20.77 22.74
N TYR B 287 7.21 -21.83 23.54
CA TYR B 287 7.51 -23.20 23.07
C TYR B 287 6.41 -23.64 22.10
N ILE B 288 5.14 -23.43 22.47
CA ILE B 288 4.03 -23.93 21.62
C ILE B 288 3.99 -23.12 20.33
N VAL B 289 4.24 -21.81 20.34
CA VAL B 289 4.09 -20.99 19.10
C VAL B 289 5.31 -21.21 18.19
N ARG B 290 6.46 -21.56 18.75
CA ARG B 290 7.57 -22.10 17.92
C ARG B 290 7.09 -23.42 17.26
N GLN B 291 6.52 -24.36 18.03
CA GLN B 291 6.03 -25.63 17.43
C GLN B 291 5.05 -25.30 16.29
N ALA B 292 4.18 -24.29 16.48
CA ALA B 292 3.14 -23.98 15.47
C ALA B 292 3.81 -23.39 14.22
N ALA B 293 4.64 -22.34 14.38
CA ALA B 293 5.38 -21.69 13.27
C ALA B 293 6.19 -22.74 12.51
N LYS B 294 6.94 -23.58 13.21
CA LYS B 294 7.78 -24.63 12.58
C LYS B 294 6.91 -25.60 11.79
N SER B 295 5.76 -25.98 12.35
CA SER B 295 4.82 -26.96 11.75
C SER B 295 4.26 -26.37 10.46
N VAL B 296 3.91 -25.09 10.45
CA VAL B 296 3.36 -24.43 9.24
C VAL B 296 4.40 -24.54 8.12
N VAL B 297 5.65 -24.23 8.42
CA VAL B 297 6.73 -24.24 7.42
C VAL B 297 7.06 -25.69 7.03
N ALA B 298 7.29 -26.60 7.97
CA ALA B 298 7.64 -28.02 7.68
C ALA B 298 6.51 -28.75 6.88
N ASN B 299 5.26 -28.35 7.03
CA ASN B 299 4.11 -28.95 6.27
C ASN B 299 4.04 -28.30 4.89
N GLY B 300 4.90 -27.35 4.56
CA GLY B 300 4.96 -26.74 3.21
C GLY B 300 3.85 -25.73 3.01
N MET B 301 3.17 -25.31 4.09
CA MET B 301 2.09 -24.27 4.01
C MET B 301 2.66 -22.88 3.74
N ALA B 302 3.95 -22.66 4.00
CA ALA B 302 4.61 -21.36 3.90
C ALA B 302 6.12 -21.56 3.95
N ARG B 303 6.89 -20.60 3.44
CA ARG B 303 8.37 -20.61 3.55
C ARG B 303 8.80 -19.90 4.86
N ARG B 304 7.91 -19.10 5.44
CA ARG B 304 8.19 -18.37 6.69
C ARG B 304 6.90 -18.17 7.46
N ALA B 305 6.95 -18.19 8.80
CA ALA B 305 5.70 -18.06 9.60
C ALA B 305 6.00 -17.41 10.94
N LEU B 306 5.21 -16.41 11.30
CA LEU B 306 5.21 -15.75 12.62
C LEU B 306 3.82 -15.97 13.26
N VAL B 307 3.80 -16.39 14.51
CA VAL B 307 2.58 -16.70 15.30
C VAL B 307 2.72 -15.95 16.60
N GLN B 308 1.69 -15.15 16.97
CA GLN B 308 1.59 -14.52 18.31
C GLN B 308 0.47 -15.19 19.09
N VAL B 309 0.71 -15.37 20.39
CA VAL B 309 -0.34 -15.71 21.38
C VAL B 309 -0.20 -14.71 22.52
N SER B 310 -1.28 -14.45 23.22
CA SER B 310 -1.29 -13.58 24.42
C SER B 310 -2.26 -14.19 25.44
N TYR B 311 -2.06 -13.80 26.68
CA TYR B 311 -2.77 -14.39 27.84
C TYR B 311 -3.11 -13.28 28.83
N ALA B 312 -4.05 -13.61 29.73
CA ALA B 312 -4.34 -12.91 30.99
C ALA B 312 -4.09 -13.88 32.15
N ILE B 313 -3.54 -13.36 33.23
CA ILE B 313 -3.30 -14.16 34.44
C ILE B 313 -4.64 -14.77 34.85
N GLY B 314 -4.68 -16.08 35.14
CA GLY B 314 -5.89 -16.72 35.66
C GLY B 314 -6.84 -17.17 34.58
N VAL B 315 -6.59 -16.85 33.31
CA VAL B 315 -7.49 -17.27 32.21
C VAL B 315 -6.77 -18.32 31.39
N PRO B 316 -7.37 -19.52 31.22
CA PRO B 316 -6.76 -20.63 30.48
C PRO B 316 -6.61 -20.38 28.99
N GLU B 317 -7.67 -19.85 28.35
CA GLU B 317 -7.70 -19.57 26.90
C GLU B 317 -6.92 -18.30 26.54
N PRO B 318 -6.16 -18.27 25.43
CA PRO B 318 -5.41 -17.08 25.03
C PRO B 318 -6.36 -15.93 24.64
N LEU B 319 -5.90 -14.70 24.80
CA LEU B 319 -6.69 -13.46 24.51
C LEU B 319 -6.65 -13.17 23.01
N SER B 320 -5.62 -13.62 22.31
CA SER B 320 -5.42 -13.31 20.88
C SER B 320 -4.47 -14.34 20.28
N VAL B 321 -4.65 -14.67 19.02
CA VAL B 321 -3.69 -15.49 18.25
C VAL B 321 -3.59 -14.83 16.86
N PHE B 322 -2.40 -14.72 16.30
CA PHE B 322 -2.26 -14.30 14.89
CA PHE B 322 -2.11 -14.15 14.97
C PHE B 322 -1.19 -15.13 14.22
N VAL B 323 -1.38 -15.28 12.91
CA VAL B 323 -0.44 -15.94 11.98
C VAL B 323 -0.20 -14.98 10.83
N ASP B 324 1.08 -14.74 10.53
CA ASP B 324 1.52 -13.98 9.34
C ASP B 324 2.63 -14.79 8.64
N THR B 325 2.53 -14.95 7.31
CA THR B 325 3.50 -15.76 6.53
C THR B 325 4.33 -14.84 5.61
N TYR B 326 4.31 -13.53 5.83
CA TYR B 326 5.16 -12.57 5.11
C TYR B 326 4.90 -12.71 3.62
N GLY B 327 3.67 -13.09 3.27
CA GLY B 327 3.24 -13.33 1.87
C GLY B 327 3.83 -14.61 1.27
N THR B 328 4.33 -15.54 2.08
CA THR B 328 4.86 -16.85 1.57
C THR B 328 3.82 -17.98 1.69
N GLY B 329 2.68 -17.75 2.35
CA GLY B 329 1.62 -18.76 2.51
C GLY B 329 1.04 -19.25 1.19
N LEU B 330 0.83 -20.55 1.05
CA LEU B 330 0.26 -21.17 -0.19
C LEU B 330 -1.26 -21.25 -0.06
N ILE B 331 -1.77 -21.05 1.16
CA ILE B 331 -3.21 -20.76 1.45
C ILE B 331 -3.28 -19.49 2.29
N PRO B 332 -4.45 -18.84 2.40
CA PRO B 332 -4.52 -17.56 3.13
C PRO B 332 -4.13 -17.70 4.61
N ASP B 333 -3.57 -16.65 5.20
CA ASP B 333 -3.17 -16.62 6.65
C ASP B 333 -4.41 -16.84 7.53
N LYS B 334 -5.57 -16.36 7.14
CA LYS B 334 -6.81 -16.57 7.92
C LYS B 334 -7.07 -18.08 8.05
N GLU B 335 -6.83 -18.84 6.99
CA GLU B 335 -7.09 -20.31 6.96
C GLU B 335 -6.00 -21.02 7.77
N ILE B 336 -4.75 -20.57 7.70
CA ILE B 336 -3.62 -21.16 8.50
C ILE B 336 -3.89 -20.90 9.98
N LEU B 337 -4.43 -19.72 10.32
CA LEU B 337 -4.80 -19.40 11.72
C LEU B 337 -5.86 -20.40 12.16
N LYS B 338 -6.87 -20.67 11.31
CA LYS B 338 -7.96 -21.61 11.69
C LYS B 338 -7.35 -23.01 11.90
N ILE B 339 -6.42 -23.48 11.05
CA ILE B 339 -5.83 -24.84 11.21
C ILE B 339 -4.97 -24.90 12.48
N VAL B 340 -4.16 -23.86 12.74
CA VAL B 340 -3.27 -23.78 13.93
C VAL B 340 -4.15 -23.88 15.18
N LYS B 341 -5.24 -23.12 15.26
CA LYS B 341 -6.17 -23.12 16.43
C LYS B 341 -6.91 -24.46 16.58
N GLU B 342 -7.19 -25.19 15.49
CA GLU B 342 -7.84 -26.54 15.56
C GLU B 342 -6.83 -27.60 15.99
N THR B 343 -5.54 -27.40 15.69
CA THR B 343 -4.47 -28.40 15.91
C THR B 343 -3.83 -28.21 17.29
N PHE B 344 -3.57 -26.98 17.72
CA PHE B 344 -2.76 -26.70 18.93
C PHE B 344 -3.67 -26.30 20.09
N ASP B 345 -3.41 -26.82 21.28
CA ASP B 345 -4.14 -26.42 22.50
C ASP B 345 -3.28 -25.40 23.29
N PHE B 346 -3.67 -24.14 23.33
CA PHE B 346 -2.87 -23.03 23.88
C PHE B 346 -3.15 -22.84 25.37
N ARG B 347 -4.02 -23.65 25.96
CA ARG B 347 -4.29 -23.63 27.41
C ARG B 347 -3.10 -24.20 28.17
N PRO B 348 -2.57 -23.46 29.16
CA PRO B 348 -1.28 -23.77 29.76
C PRO B 348 -1.20 -25.16 30.42
N GLY B 349 -2.32 -25.57 31.01
CA GLY B 349 -2.39 -26.88 31.67
C GLY B 349 -2.27 -27.98 30.65
N MET B 350 -2.77 -27.72 29.44
CA MET B 350 -2.74 -28.69 28.31
C MET B 350 -1.35 -28.63 27.64
N MET B 351 -0.81 -27.44 27.43
CA MET B 351 0.54 -27.25 26.82
C MET B 351 1.57 -28.01 27.67
N THR B 352 1.48 -27.90 28.99
CA THR B 352 2.43 -28.53 29.94
C THR B 352 2.48 -30.04 29.66
N ILE B 353 1.31 -30.67 29.53
CA ILE B 353 1.19 -32.14 29.40
C ILE B 353 1.61 -32.49 27.99
N ASN B 354 1.16 -31.71 27.01
CA ASN B 354 1.35 -32.05 25.56
C ASN B 354 2.82 -31.95 25.19
N LEU B 355 3.61 -31.13 25.91
CA LEU B 355 5.05 -30.96 25.62
C LEU B 355 5.87 -31.58 26.74
N ASP B 356 5.23 -32.26 27.69
CA ASP B 356 5.95 -32.98 28.76
C ASP B 356 6.88 -32.01 29.50
N LEU B 357 6.42 -30.80 29.87
CA LEU B 357 7.29 -29.75 30.48
C LEU B 357 7.47 -29.87 32.01
N LYS B 358 6.86 -30.84 32.70
CA LYS B 358 7.07 -31.00 34.16
C LYS B 358 8.17 -32.02 34.45
N ARG B 359 8.87 -32.48 33.43
CA ARG B 359 10.03 -33.39 33.60
C ARG B 359 11.32 -32.56 33.66
N GLY B 360 12.01 -32.59 34.81
CA GLY B 360 13.39 -32.09 34.99
C GLY B 360 14.41 -33.24 34.98
N GLY B 361 15.70 -32.97 35.17
CA GLY B 361 16.66 -34.09 35.28
C GLY B 361 17.34 -34.46 33.97
N ASN B 362 18.54 -35.02 34.06
CA ASN B 362 19.55 -34.98 32.97
C ASN B 362 19.59 -33.59 32.35
N GLY B 363 19.53 -32.55 33.21
CA GLY B 363 19.65 -31.12 32.82
C GLY B 363 18.66 -30.76 31.72
N ARG B 364 17.46 -31.31 31.79
CA ARG B 364 16.38 -31.12 30.77
C ARG B 364 16.27 -29.62 30.43
N PHE B 365 16.07 -28.74 31.40
CA PHE B 365 15.92 -27.28 31.12
C PHE B 365 17.27 -26.55 31.14
N GLN B 366 18.22 -26.99 31.97
CA GLN B 366 19.60 -26.40 31.95
C GLN B 366 20.15 -26.40 30.52
N LYS B 367 19.91 -27.44 29.71
CA LYS B 367 20.45 -27.50 28.33
C LYS B 367 19.82 -26.44 27.43
N THR B 368 18.61 -25.97 27.73
CA THR B 368 17.93 -24.90 26.93
C THR B 368 18.53 -23.53 27.24
N ALA B 369 19.21 -23.40 28.37
CA ALA B 369 19.63 -22.13 29.00
C ALA B 369 20.94 -21.62 28.41
N ALA B 370 21.61 -22.37 27.54
CA ALA B 370 22.65 -21.85 26.62
C ALA B 370 22.52 -22.52 25.24
N TYR B 371 22.92 -21.74 24.23
CA TYR B 371 22.90 -22.10 22.78
C TYR B 371 21.47 -22.10 22.22
N GLY B 372 20.53 -21.39 22.85
CA GLY B 372 19.19 -21.17 22.26
C GLY B 372 18.18 -22.27 22.59
N HIS B 373 16.92 -21.87 22.75
CA HIS B 373 15.78 -22.77 23.09
C HIS B 373 15.24 -23.51 21.84
N PHE B 374 15.50 -22.99 20.64
CA PHE B 374 14.86 -23.40 19.38
C PHE B 374 15.93 -23.86 18.38
N GLY B 375 15.51 -24.70 17.44
CA GLY B 375 16.35 -25.22 16.34
C GLY B 375 17.32 -26.31 16.76
N ARG B 376 17.10 -26.95 17.90
CA ARG B 376 18.02 -27.98 18.50
C ARG B 376 17.37 -29.36 18.29
N ASP B 377 18.15 -30.43 18.17
CA ASP B 377 17.69 -31.79 17.74
C ASP B 377 17.41 -32.73 18.92
N ASP B 378 18.02 -32.45 20.08
CA ASP B 378 17.82 -33.16 21.38
C ASP B 378 16.34 -33.46 21.65
N PRO B 379 15.95 -34.74 21.91
CA PRO B 379 14.52 -35.06 22.03
C PRO B 379 13.78 -34.40 23.20
N ASP B 380 14.54 -33.87 24.18
CA ASP B 380 14.01 -33.09 25.34
C ASP B 380 13.42 -31.79 24.86
N PHE B 381 13.84 -31.30 23.70
CA PHE B 381 13.25 -30.09 23.04
C PHE B 381 11.93 -30.49 22.35
N THR B 382 10.89 -30.83 23.12
CA THR B 382 9.63 -31.46 22.64
C THR B 382 8.89 -30.55 21.65
N TRP B 383 9.10 -29.23 21.79
CA TRP B 383 8.45 -28.20 20.94
C TRP B 383 9.10 -28.13 19.56
N GLU B 384 10.24 -28.79 19.36
CA GLU B 384 10.88 -28.91 18.04
C GLU B 384 10.24 -30.06 17.24
N VAL B 385 9.36 -30.86 17.85
CA VAL B 385 8.63 -31.92 17.08
C VAL B 385 7.54 -31.32 16.18
N VAL B 386 7.66 -31.56 14.88
CA VAL B 386 6.70 -31.09 13.85
C VAL B 386 5.37 -31.83 14.06
N LYS B 387 4.26 -31.10 14.06
CA LYS B 387 2.91 -31.70 14.03
C LYS B 387 2.43 -31.73 12.58
N PRO B 388 1.84 -32.83 12.12
CA PRO B 388 1.09 -32.81 10.86
C PRO B 388 -0.09 -31.83 10.92
N LEU B 389 -0.32 -31.11 9.82
CA LEU B 389 -1.43 -30.14 9.66
C LEU B 389 -2.29 -30.60 8.49
N LYS B 390 -3.61 -30.69 8.68
CA LYS B 390 -4.58 -31.08 7.63
C LYS B 390 -4.82 -29.84 6.73
N TRP B 391 -4.49 -29.94 5.44
CA TRP B 391 -4.76 -28.86 4.44
C TRP B 391 -4.68 -29.41 3.00
N ASP B 392 -5.02 -28.54 2.02
CA ASP B 392 -4.99 -28.82 0.56
C ASP B 392 -4.09 -27.79 -0.15
N MET C 4 -42.76 11.21 -47.21
CA MET C 4 -41.44 11.83 -46.85
C MET C 4 -40.64 10.82 -46.01
N GLU C 5 -39.48 10.38 -46.51
CA GLU C 5 -38.55 9.45 -45.80
C GLU C 5 -37.87 10.21 -44.64
N THR C 6 -37.88 9.67 -43.42
CA THR C 6 -37.18 10.25 -42.24
C THR C 6 -36.40 9.17 -41.52
N PHE C 7 -35.51 9.55 -40.61
CA PHE C 7 -34.82 8.61 -39.69
C PHE C 7 -34.68 9.27 -38.31
N LEU C 8 -34.40 8.47 -37.29
CA LEU C 8 -34.25 8.94 -35.90
C LEU C 8 -32.77 8.99 -35.53
N PHE C 9 -32.28 10.15 -35.07
CA PHE C 9 -30.92 10.34 -34.54
C PHE C 9 -31.01 10.86 -33.10
N THR C 10 -30.28 10.20 -32.18
CA THR C 10 -30.27 10.49 -30.73
C THR C 10 -28.92 11.07 -30.28
N SER C 11 -28.99 12.14 -29.47
CA SER C 11 -27.82 12.69 -28.72
C SER C 11 -28.23 12.87 -27.27
N GLU C 12 -27.27 12.72 -26.36
CA GLU C 12 -27.46 12.98 -24.90
C GLU C 12 -26.62 14.17 -24.48
N SER C 13 -26.82 14.63 -23.25
CA SER C 13 -25.92 15.55 -22.52
C SER C 13 -26.01 15.21 -21.05
N VAL C 14 -25.05 15.71 -20.32
CA VAL C 14 -25.02 15.76 -18.85
C VAL C 14 -24.72 17.20 -18.46
N ASN C 15 -25.19 17.58 -17.29
CA ASN C 15 -24.96 18.94 -16.78
C ASN C 15 -23.66 18.95 -15.96
N GLU C 16 -23.36 20.09 -15.36
CA GLU C 16 -22.07 20.33 -14.67
C GLU C 16 -21.94 19.51 -13.40
N GLY C 17 -23.03 18.87 -12.91
CA GLY C 17 -23.03 18.11 -11.67
C GLY C 17 -22.79 16.62 -11.88
N HIS C 18 -22.76 16.18 -13.14
CA HIS C 18 -22.45 14.80 -13.50
C HIS C 18 -21.01 14.53 -13.06
N PRO C 19 -20.73 13.42 -12.35
CA PRO C 19 -19.41 13.16 -11.78
C PRO C 19 -18.27 13.08 -12.81
N ASP C 20 -18.53 12.59 -14.01
CA ASP C 20 -17.53 12.66 -15.08
C ASP C 20 -17.26 14.12 -15.43
N LYS C 21 -18.31 14.92 -15.63
CA LYS C 21 -18.17 16.34 -16.01
C LYS C 21 -17.52 17.13 -14.86
N LEU C 22 -17.79 16.79 -13.60
CA LEU C 22 -17.09 17.38 -12.43
C LEU C 22 -15.58 17.27 -12.65
N CYS C 23 -15.12 16.10 -13.06
CA CYS C 23 -13.70 15.77 -13.24
C CYS C 23 -13.15 16.65 -14.37
N ASP C 24 -13.83 16.73 -15.50
CA ASP C 24 -13.42 17.64 -16.61
C ASP C 24 -13.27 19.04 -16.08
N GLN C 25 -14.23 19.50 -15.26
CA GLN C 25 -14.20 20.89 -14.78
C GLN C 25 -13.04 21.10 -13.80
N ILE C 26 -12.77 20.12 -12.92
CA ILE C 26 -11.61 20.23 -11.99
C ILE C 26 -10.30 20.25 -12.81
N SER C 27 -10.16 19.33 -13.77
CA SER C 27 -8.96 19.24 -14.64
C SER C 27 -8.73 20.60 -15.30
N ASP C 28 -9.78 21.23 -15.82
CA ASP C 28 -9.68 22.51 -16.55
C ASP C 28 -9.54 23.69 -15.57
N ALA C 29 -10.05 23.59 -14.36
CA ALA C 29 -9.83 24.60 -13.31
C ALA C 29 -8.34 24.59 -12.91
N VAL C 30 -7.73 23.41 -12.87
CA VAL C 30 -6.26 23.26 -12.63
C VAL C 30 -5.50 23.92 -13.81
N LEU C 31 -5.90 23.64 -15.06
CA LEU C 31 -5.24 24.26 -16.25
C LEU C 31 -5.37 25.78 -16.17
N ASP C 32 -6.56 26.29 -15.89
CA ASP C 32 -6.83 27.75 -15.79
C ASP C 32 -5.84 28.34 -14.78
N ALA C 33 -5.74 27.74 -13.59
CA ALA C 33 -4.93 28.24 -12.46
C ALA C 33 -3.45 28.28 -12.88
N CYS C 34 -2.95 27.23 -13.53
CA CYS C 34 -1.56 27.18 -14.06
C CYS C 34 -1.32 28.32 -15.08
N LEU C 35 -2.20 28.43 -16.09
CA LEU C 35 -2.02 29.40 -17.21
C LEU C 35 -2.06 30.84 -16.67
N GLU C 36 -2.89 31.08 -15.66
CA GLU C 36 -3.09 32.44 -15.07
C GLU C 36 -1.72 32.94 -14.57
N GLN C 37 -0.88 32.07 -14.02
CA GLN C 37 0.43 32.48 -13.44
C GLN C 37 1.54 32.22 -14.47
N ASP C 38 1.44 31.11 -15.21
CA ASP C 38 2.46 30.70 -16.19
C ASP C 38 1.76 30.29 -17.48
N PRO C 39 1.63 31.19 -18.49
CA PRO C 39 1.03 30.83 -19.76
C PRO C 39 1.75 29.71 -20.56
N ASP C 40 3.00 29.39 -20.24
CA ASP C 40 3.74 28.29 -20.92
C ASP C 40 3.59 26.97 -20.17
N SER C 41 2.75 26.93 -19.14
CA SER C 41 2.45 25.71 -18.35
C SER C 41 2.20 24.52 -19.27
N LYS C 42 2.87 23.41 -18.98
CA LYS C 42 2.62 22.08 -19.62
C LYS C 42 1.75 21.29 -18.63
N VAL C 43 0.52 20.99 -19.03
CA VAL C 43 -0.55 20.54 -18.13
C VAL C 43 -1.20 19.30 -18.77
N ALA C 44 -1.29 18.24 -17.97
CA ALA C 44 -1.91 16.94 -18.32
C ALA C 44 -2.56 16.45 -17.04
N CYS C 45 -3.61 17.17 -16.60
CA CYS C 45 -4.21 16.97 -15.26
C CYS C 45 -5.42 16.06 -15.37
N GLU C 46 -5.34 14.85 -14.85
CA GLU C 46 -6.50 13.92 -14.83
C GLU C 46 -7.14 14.05 -13.45
N THR C 47 -8.44 13.84 -13.40
CA THR C 47 -9.20 13.84 -12.15
C THR C 47 -10.07 12.58 -12.11
N CYS C 48 -10.27 12.02 -10.92
CA CYS C 48 -11.29 10.96 -10.71
C CYS C 48 -11.96 11.19 -9.37
N THR C 49 -13.15 10.63 -9.19
CA THR C 49 -13.93 10.85 -7.97
C THR C 49 -14.78 9.60 -7.69
N LYS C 50 -14.94 9.29 -6.42
CA LYS C 50 -15.92 8.31 -5.90
C LYS C 50 -16.28 8.80 -4.49
N THR C 51 -17.22 8.16 -3.83
CA THR C 51 -17.78 8.63 -2.54
C THR C 51 -16.67 9.23 -1.67
N ASN C 52 -16.77 10.52 -1.38
CA ASN C 52 -15.96 11.22 -0.36
C ASN C 52 -14.49 11.31 -0.80
N MET C 53 -14.22 11.24 -2.09
CA MET C 53 -12.83 11.22 -2.59
C MET C 53 -12.76 11.87 -3.97
N VAL C 54 -11.83 12.82 -4.12
CA VAL C 54 -11.38 13.38 -5.42
C VAL C 54 -9.86 13.21 -5.49
N MET C 55 -9.34 12.76 -6.63
CA MET C 55 -7.88 12.66 -6.89
C MET C 55 -7.57 13.42 -8.18
N VAL C 56 -6.58 14.30 -8.12
CA VAL C 56 -5.95 14.96 -9.31
C VAL C 56 -4.60 14.29 -9.51
N PHE C 57 -4.32 13.90 -10.75
CA PHE C 57 -3.12 13.07 -11.05
C PHE C 57 -2.71 13.29 -12.50
N GLY C 58 -1.43 13.10 -12.77
CA GLY C 58 -0.89 13.23 -14.12
C GLY C 58 0.34 14.10 -14.05
N GLU C 59 0.53 14.95 -15.05
CA GLU C 59 1.84 15.63 -15.20
C GLU C 59 1.66 17.12 -15.46
N ILE C 60 2.33 17.94 -14.66
CA ILE C 60 2.35 19.42 -14.80
C ILE C 60 3.77 19.92 -14.58
N THR C 61 4.30 20.67 -15.53
CA THR C 61 5.49 21.54 -15.39
C THR C 61 5.05 23.00 -15.55
N THR C 62 5.21 23.76 -14.48
CA THR C 62 4.66 25.14 -14.34
C THR C 62 5.57 25.90 -13.38
N LYS C 63 5.75 27.18 -13.63
CA LYS C 63 6.34 28.12 -12.64
C LYS C 63 5.22 28.62 -11.71
N ALA C 64 3.98 28.19 -11.92
CA ALA C 64 2.83 28.60 -11.08
C ALA C 64 3.00 27.99 -9.67
N THR C 65 2.57 28.71 -8.62
CA THR C 65 2.35 28.10 -7.28
C THR C 65 0.86 27.79 -7.19
N ILE C 66 0.53 26.49 -7.15
CA ILE C 66 -0.85 25.95 -7.29
C ILE C 66 -1.26 25.26 -5.98
N ASP C 67 -2.46 25.60 -5.49
CA ASP C 67 -3.09 24.90 -4.35
C ASP C 67 -4.14 23.94 -4.92
N TYR C 68 -3.72 22.71 -5.27
CA TYR C 68 -4.58 21.69 -5.93
C TYR C 68 -5.83 21.50 -5.06
N GLU C 69 -5.63 21.39 -3.75
CA GLU C 69 -6.75 21.06 -2.83
C GLU C 69 -7.81 22.18 -2.92
N LYS C 70 -7.37 23.43 -2.86
CA LYS C 70 -8.31 24.58 -2.90
C LYS C 70 -9.11 24.57 -4.22
N ILE C 71 -8.41 24.39 -5.36
CA ILE C 71 -9.06 24.36 -6.71
C ILE C 71 -10.16 23.28 -6.73
N VAL C 72 -9.79 22.09 -6.26
CA VAL C 72 -10.75 20.95 -6.17
C VAL C 72 -11.97 21.33 -5.34
N ARG C 73 -11.77 21.81 -4.10
CA ARG C 73 -12.86 22.13 -3.17
C ARG C 73 -13.72 23.27 -3.75
N ASP C 74 -13.10 24.31 -4.28
CA ASP C 74 -13.82 25.48 -4.83
C ASP C 74 -14.69 25.05 -6.03
N THR C 75 -14.17 24.17 -6.87
CA THR C 75 -14.87 23.71 -8.10
C THR C 75 -16.11 22.89 -7.67
N CYS C 76 -15.93 21.95 -6.75
CA CYS C 76 -17.03 21.12 -6.23
C CYS C 76 -18.08 22.00 -5.56
N ARG C 77 -17.64 23.02 -4.80
CA ARG C 77 -18.54 23.89 -4.02
C ARG C 77 -19.45 24.64 -5.01
N SER C 78 -18.88 25.23 -6.06
CA SER C 78 -19.58 26.10 -7.02
C SER C 78 -20.62 25.28 -7.78
N ILE C 79 -20.34 24.00 -8.04
CA ILE C 79 -21.27 23.10 -8.77
C ILE C 79 -22.44 22.74 -7.87
N GLY C 80 -22.27 22.83 -6.54
CA GLY C 80 -23.33 22.56 -5.56
C GLY C 80 -23.09 21.26 -4.78
N PHE C 81 -21.89 20.67 -4.84
CA PHE C 81 -21.51 19.50 -4.00
C PHE C 81 -21.06 19.99 -2.62
N ILE C 82 -22.03 20.29 -1.76
CA ILE C 82 -21.77 20.99 -0.45
C ILE C 82 -22.20 20.12 0.73
N SER C 83 -22.59 18.87 0.50
CA SER C 83 -22.98 17.92 1.57
C SER C 83 -23.00 16.47 1.06
N ASP C 84 -22.81 15.52 1.96
CA ASP C 84 -22.95 14.07 1.68
C ASP C 84 -24.40 13.84 1.22
N ASP C 85 -25.35 14.68 1.66
CA ASP C 85 -26.77 14.60 1.21
C ASP C 85 -26.90 14.72 -0.32
N VAL C 86 -26.10 15.58 -0.97
CA VAL C 86 -26.26 15.75 -2.44
C VAL C 86 -25.16 14.98 -3.21
N GLY C 87 -24.37 14.15 -2.54
CA GLY C 87 -23.50 13.13 -3.17
C GLY C 87 -22.01 13.42 -3.06
N LEU C 88 -21.61 14.57 -2.53
CA LEU C 88 -20.18 14.90 -2.21
C LEU C 88 -20.15 16.20 -1.42
N ASP C 89 -19.32 16.24 -0.38
CA ASP C 89 -19.10 17.45 0.44
C ASP C 89 -17.70 18.02 0.11
N ALA C 90 -17.69 19.12 -0.65
CA ALA C 90 -16.49 19.86 -1.08
C ALA C 90 -15.56 20.16 0.11
N ASP C 91 -16.10 20.37 1.32
CA ASP C 91 -15.30 20.80 2.51
C ASP C 91 -14.91 19.58 3.38
N LYS C 92 -15.39 18.38 3.11
CA LYS C 92 -15.07 17.21 3.96
C LYS C 92 -14.36 16.09 3.17
N CYS C 93 -14.54 16.05 1.85
CA CYS C 93 -14.03 14.92 1.03
C CYS C 93 -12.50 14.90 1.10
N LYS C 94 -11.97 13.69 0.97
CA LYS C 94 -10.51 13.46 0.84
C LYS C 94 -10.11 14.01 -0.52
N VAL C 95 -9.00 14.73 -0.60
CA VAL C 95 -8.42 15.23 -1.87
C VAL C 95 -7.01 14.66 -1.94
N LEU C 96 -6.81 13.75 -2.91
CA LEU C 96 -5.53 13.05 -3.12
C LEU C 96 -4.84 13.75 -4.27
N VAL C 97 -3.53 13.89 -4.18
CA VAL C 97 -2.76 14.56 -5.25
C VAL C 97 -1.62 13.62 -5.64
N ASN C 98 -1.56 13.21 -6.91
CA ASN C 98 -0.41 12.48 -7.48
C ASN C 98 -0.01 13.22 -8.77
N ILE C 99 0.44 14.48 -8.62
CA ILE C 99 0.95 15.32 -9.74
C ILE C 99 2.48 15.24 -9.76
N GLU C 100 3.06 14.99 -10.93
CA GLU C 100 4.52 15.00 -11.18
C GLU C 100 4.82 15.96 -12.33
N GLN C 101 6.08 16.27 -12.58
CA GLN C 101 6.46 17.04 -13.79
C GLN C 101 6.36 16.16 -15.03
N GLN C 102 6.20 16.79 -16.18
CA GLN C 102 6.11 16.13 -17.50
C GLN C 102 7.39 15.33 -17.70
N SER C 103 7.26 14.16 -18.34
CA SER C 103 8.42 13.32 -18.71
C SER C 103 9.43 14.20 -19.43
N PRO C 104 10.71 14.13 -19.03
CA PRO C 104 11.76 14.86 -19.74
C PRO C 104 11.90 14.41 -21.21
N ASP C 105 11.66 13.13 -21.45
CA ASP C 105 11.71 12.49 -22.79
C ASP C 105 10.65 13.13 -23.70
N ILE C 106 9.44 13.38 -23.17
CA ILE C 106 8.38 14.11 -23.91
C ILE C 106 8.82 15.56 -24.12
N ALA C 107 9.27 16.22 -23.06
CA ALA C 107 9.52 17.68 -23.03
C ALA C 107 10.61 18.03 -24.06
N GLN C 108 11.67 17.23 -24.18
CA GLN C 108 12.78 17.50 -25.15
C GLN C 108 12.19 17.41 -26.55
N GLY C 109 11.36 16.42 -26.81
CA GLY C 109 10.87 16.16 -28.20
C GLY C 109 9.78 17.11 -28.61
N VAL C 110 8.95 17.55 -27.67
CA VAL C 110 7.79 18.43 -27.99
C VAL C 110 8.27 19.89 -28.10
N HIS C 111 8.93 20.42 -27.07
CA HIS C 111 9.20 21.89 -26.95
C HIS C 111 10.66 22.20 -26.57
N GLY C 112 11.52 21.19 -26.57
CA GLY C 112 12.95 21.35 -26.27
C GLY C 112 13.16 21.95 -24.88
N HIS C 113 12.41 21.47 -23.88
CA HIS C 113 12.35 22.05 -22.52
C HIS C 113 12.23 23.58 -22.60
N PHE C 114 11.17 24.06 -23.26
CA PHE C 114 10.73 25.49 -23.34
C PHE C 114 11.77 26.31 -24.09
N THR C 115 12.38 25.72 -25.12
CA THR C 115 13.36 26.46 -25.98
C THR C 115 12.83 26.53 -27.41
N LYS C 116 11.92 25.65 -27.86
CA LYS C 116 11.58 25.62 -29.30
C LYS C 116 10.71 26.83 -29.63
N ARG C 117 11.00 27.54 -30.72
CA ARG C 117 10.16 28.63 -31.28
C ARG C 117 8.82 28.06 -31.77
N PRO C 118 7.74 28.87 -31.76
CA PRO C 118 6.38 28.44 -32.15
C PRO C 118 6.29 27.52 -33.38
N GLU C 119 6.95 27.88 -34.48
CA GLU C 119 6.81 27.16 -35.77
C GLU C 119 7.51 25.80 -35.65
N ASP C 120 8.36 25.58 -34.65
CA ASP C 120 9.13 24.31 -34.47
C ASP C 120 8.52 23.44 -33.36
N ILE C 121 7.60 23.98 -32.55
CA ILE C 121 6.89 23.19 -31.50
C ILE C 121 6.29 21.92 -32.16
N GLY C 122 6.57 20.74 -31.61
CA GLY C 122 5.97 19.50 -32.14
C GLY C 122 4.63 19.22 -31.49
N ALA C 123 3.77 18.47 -32.13
CA ALA C 123 2.58 17.87 -31.49
C ALA C 123 3.04 17.24 -30.17
N GLY C 124 2.25 17.47 -29.13
CA GLY C 124 2.53 16.92 -27.80
C GLY C 124 2.25 15.40 -27.77
N ASP C 125 1.62 14.89 -28.84
CA ASP C 125 1.32 13.45 -28.95
C ASP C 125 0.86 13.16 -30.37
N GLN C 126 0.82 11.90 -30.77
CA GLN C 126 0.15 11.45 -32.00
C GLN C 126 -1.37 11.38 -31.78
N GLY C 127 -2.13 11.25 -32.85
CA GLY C 127 -3.57 11.06 -32.79
C GLY C 127 -4.23 11.74 -33.97
N HIS C 128 -5.55 11.59 -34.05
CA HIS C 128 -6.39 12.24 -35.07
C HIS C 128 -7.59 12.91 -34.37
N MET C 129 -8.10 13.95 -35.05
CA MET C 129 -9.15 14.87 -34.54
C MET C 129 -10.04 15.25 -35.72
N PHE C 130 -11.35 15.35 -35.49
CA PHE C 130 -12.32 15.76 -36.52
C PHE C 130 -13.02 17.04 -36.05
N GLY C 131 -13.31 17.91 -37.02
CA GLY C 131 -14.24 19.05 -36.87
C GLY C 131 -15.46 18.80 -37.72
N TYR C 132 -16.62 19.32 -37.28
CA TYR C 132 -17.92 19.13 -37.96
C TYR C 132 -18.66 20.46 -37.88
N ALA C 133 -19.44 20.76 -38.92
CA ALA C 133 -20.45 21.83 -38.92
C ALA C 133 -21.64 21.43 -39.78
N THR C 134 -22.82 21.93 -39.44
CA THR C 134 -24.08 21.69 -40.18
C THR C 134 -24.91 22.97 -40.15
N ASP C 135 -25.56 23.30 -41.25
CA ASP C 135 -26.38 24.53 -41.37
C ASP C 135 -27.74 24.39 -40.68
N GLU C 136 -28.02 23.28 -39.98
CA GLU C 136 -29.36 23.04 -39.40
C GLU C 136 -29.70 23.90 -38.19
N THR C 137 -28.73 24.53 -37.54
CA THR C 137 -28.91 25.50 -36.43
C THR C 137 -28.04 26.71 -36.72
N PRO C 138 -28.36 27.89 -36.16
CA PRO C 138 -27.54 29.08 -36.39
C PRO C 138 -26.08 28.93 -35.90
N GLU C 139 -25.84 28.13 -34.84
CA GLU C 139 -24.46 27.87 -34.31
C GLU C 139 -23.73 26.82 -35.15
N LEU C 140 -24.35 26.32 -36.21
CA LEU C 140 -23.76 25.33 -37.16
C LEU C 140 -23.40 24.03 -36.42
N MET C 141 -24.30 23.58 -35.52
CA MET C 141 -24.20 22.33 -34.73
C MET C 141 -25.45 21.49 -34.97
N PRO C 142 -25.37 20.16 -34.73
CA PRO C 142 -26.50 19.26 -34.92
C PRO C 142 -27.60 19.58 -33.89
N LEU C 143 -28.86 19.60 -34.32
CA LEU C 143 -30.01 19.92 -33.44
C LEU C 143 -30.10 18.90 -32.31
N SER C 144 -29.91 17.61 -32.58
CA SER C 144 -29.98 16.59 -31.50
C SER C 144 -29.00 16.96 -30.39
N HIS C 145 -27.76 17.31 -30.72
CA HIS C 145 -26.74 17.70 -29.71
C HIS C 145 -27.16 18.97 -28.95
N VAL C 146 -27.45 20.02 -29.71
CA VAL C 146 -27.78 21.37 -29.20
C VAL C 146 -28.94 21.25 -28.21
N LEU C 147 -30.02 20.56 -28.55
CA LEU C 147 -31.24 20.47 -27.71
C LEU C 147 -30.88 19.71 -26.43
N ALA C 148 -30.18 18.58 -26.51
CA ALA C 148 -29.78 17.81 -25.32
C ALA C 148 -28.91 18.72 -24.43
N THR C 149 -27.97 19.42 -25.02
CA THR C 149 -27.02 20.29 -24.28
C THR C 149 -27.79 21.44 -23.59
N LYS C 150 -28.66 22.15 -24.32
CA LYS C 150 -29.29 23.37 -23.81
C LYS C 150 -30.31 22.95 -22.75
N ILE C 151 -30.91 21.74 -22.88
CA ILE C 151 -31.84 21.24 -21.85
C ILE C 151 -31.05 20.99 -20.56
N GLY C 152 -29.86 20.42 -20.65
CA GLY C 152 -29.01 20.17 -19.47
C GLY C 152 -28.64 21.46 -18.77
N ALA C 153 -28.30 22.49 -19.55
CA ALA C 153 -27.92 23.82 -19.00
C ALA C 153 -29.15 24.44 -18.34
N ARG C 154 -30.33 24.37 -18.98
CA ARG C 154 -31.59 24.89 -18.37
C ARG C 154 -31.90 24.14 -17.07
N LEU C 155 -31.68 22.82 -17.02
CA LEU C 155 -31.81 21.97 -15.79
C LEU C 155 -30.97 22.54 -14.66
N THR C 156 -29.70 22.85 -14.92
CA THR C 156 -28.80 23.45 -13.90
C THR C 156 -29.40 24.83 -13.52
N GLU C 157 -29.83 25.63 -14.50
CA GLU C 157 -30.24 27.05 -14.25
C GLU C 157 -31.45 27.09 -13.29
N VAL C 158 -32.41 26.19 -13.46
CA VAL C 158 -33.68 26.25 -12.67
C VAL C 158 -33.44 25.69 -11.25
N ARG C 159 -32.41 24.87 -11.05
CA ARG C 159 -31.91 24.58 -9.69
C ARG C 159 -31.28 25.87 -9.12
N LYS C 160 -30.34 26.48 -9.82
CA LYS C 160 -29.50 27.57 -9.24
C LYS C 160 -30.40 28.80 -8.97
N ASN C 161 -31.35 29.10 -9.85
CA ASN C 161 -32.15 30.35 -9.77
C ASN C 161 -33.38 30.15 -8.88
N GLY C 162 -33.58 28.94 -8.38
CA GLY C 162 -34.57 28.64 -7.34
C GLY C 162 -35.93 28.31 -7.94
N THR C 163 -36.03 28.14 -9.25
CA THR C 163 -37.30 27.79 -9.94
C THR C 163 -37.79 26.40 -9.53
N CYS C 164 -36.91 25.40 -9.50
CA CYS C 164 -37.27 24.00 -9.07
C CYS C 164 -36.37 23.62 -7.89
N ARG C 165 -36.88 23.79 -6.67
CA ARG C 165 -36.07 23.82 -5.44
C ARG C 165 -35.68 22.40 -5.04
N TRP C 166 -36.35 21.39 -5.62
CA TRP C 166 -36.17 19.95 -5.32
C TRP C 166 -34.95 19.35 -6.03
N LEU C 167 -34.42 20.04 -7.06
CA LEU C 167 -33.31 19.56 -7.91
C LEU C 167 -31.99 19.44 -7.11
N ARG C 168 -31.19 18.45 -7.49
CA ARG C 168 -29.80 18.28 -7.02
C ARG C 168 -28.90 18.30 -8.24
N PRO C 169 -27.58 18.51 -8.09
CA PRO C 169 -26.71 18.93 -9.21
C PRO C 169 -26.57 17.99 -10.42
N ASP C 170 -26.76 16.69 -10.22
CA ASP C 170 -26.34 15.63 -11.17
C ASP C 170 -27.55 15.32 -12.05
N GLY C 171 -27.42 15.59 -13.34
CA GLY C 171 -28.49 15.30 -14.29
C GLY C 171 -27.97 15.00 -15.67
N LYS C 172 -28.85 14.34 -16.43
CA LYS C 172 -28.62 13.93 -17.84
C LYS C 172 -29.84 14.24 -18.68
N THR C 173 -29.61 14.38 -19.99
CA THR C 173 -30.67 14.60 -21.00
C THR C 173 -30.38 13.74 -22.21
N GLN C 174 -31.39 13.50 -23.05
CA GLN C 174 -31.24 12.77 -24.32
C GLN C 174 -32.39 13.18 -25.20
N VAL C 175 -32.12 13.54 -26.45
CA VAL C 175 -33.14 13.98 -27.44
C VAL C 175 -33.00 13.15 -28.71
N THR C 176 -34.08 12.56 -29.17
CA THR C 176 -34.22 11.83 -30.45
C THR C 176 -34.94 12.76 -31.44
N VAL C 177 -34.25 13.11 -32.52
CA VAL C 177 -34.74 14.02 -33.57
C VAL C 177 -35.06 13.19 -34.79
N GLU C 178 -36.23 13.42 -35.36
CA GLU C 178 -36.63 12.88 -36.67
C GLU C 178 -36.03 13.80 -37.75
N TYR C 179 -35.19 13.25 -38.63
CA TYR C 179 -34.46 14.03 -39.67
C TYR C 179 -34.88 13.60 -41.07
N TYR C 180 -34.85 14.55 -42.00
CA TYR C 180 -34.96 14.35 -43.45
C TYR C 180 -33.61 14.68 -44.10
N ASN C 181 -33.16 13.82 -45.02
CA ASN C 181 -31.93 14.02 -45.81
C ASN C 181 -32.29 14.81 -47.07
N ASP C 182 -31.84 16.06 -47.18
CA ASP C 182 -32.03 16.97 -48.34
C ASP C 182 -30.70 17.03 -49.10
N ASN C 183 -30.49 16.09 -50.03
CA ASN C 183 -29.28 16.03 -50.87
C ASN C 183 -28.01 16.11 -50.00
N GLY C 184 -27.97 15.33 -48.92
CA GLY C 184 -26.83 15.23 -48.00
C GLY C 184 -26.93 16.17 -46.81
N ALA C 185 -27.69 17.26 -46.90
CA ALA C 185 -27.95 18.20 -45.77
C ALA C 185 -28.98 17.59 -44.80
N MET C 186 -28.85 17.92 -43.51
CA MET C 186 -29.71 17.34 -42.45
C MET C 186 -30.77 18.38 -42.11
N VAL C 187 -32.03 17.98 -42.25
CA VAL C 187 -33.20 18.85 -42.01
C VAL C 187 -34.03 18.23 -40.90
N PRO C 188 -33.98 18.81 -39.69
CA PRO C 188 -34.82 18.36 -38.59
C PRO C 188 -36.31 18.55 -38.93
N VAL C 189 -37.11 17.53 -38.63
CA VAL C 189 -38.58 17.49 -38.87
C VAL C 189 -39.30 17.78 -37.56
N ARG C 190 -38.99 17.04 -36.50
CA ARG C 190 -39.66 17.14 -35.18
C ARG C 190 -38.82 16.41 -34.15
N VAL C 191 -39.07 16.72 -32.88
CA VAL C 191 -38.46 15.97 -31.75
C VAL C 191 -39.40 14.81 -31.50
N HIS C 192 -38.84 13.61 -31.61
CA HIS C 192 -39.51 12.29 -31.45
C HIS C 192 -39.62 11.91 -29.96
N THR C 193 -38.51 11.97 -29.23
CA THR C 193 -38.40 11.50 -27.83
C THR C 193 -37.53 12.48 -27.04
N VAL C 194 -38.00 12.85 -25.85
CA VAL C 194 -37.17 13.61 -24.88
C VAL C 194 -37.06 12.81 -23.58
N LEU C 195 -35.84 12.73 -23.04
CA LEU C 195 -35.52 12.04 -21.76
C LEU C 195 -34.76 13.02 -20.89
N ILE C 196 -35.13 13.12 -19.62
CA ILE C 196 -34.29 13.71 -18.54
C ILE C 196 -34.28 12.74 -17.38
N SER C 197 -33.08 12.53 -16.81
CA SER C 197 -32.86 11.85 -15.52
C SER C 197 -32.13 12.84 -14.64
N THR C 198 -32.75 13.29 -13.56
CA THR C 198 -32.13 14.32 -12.69
C THR C 198 -32.22 13.85 -11.25
N GLN C 199 -31.16 14.16 -10.52
CA GLN C 199 -31.04 14.00 -9.07
C GLN C 199 -32.05 14.93 -8.40
N HIS C 200 -32.64 14.47 -7.30
CA HIS C 200 -33.75 15.20 -6.61
C HIS C 200 -33.71 14.88 -5.12
N ASP C 201 -34.28 15.76 -4.29
CA ASP C 201 -34.47 15.54 -2.83
C ASP C 201 -35.72 14.67 -2.62
N GLU C 202 -36.06 14.41 -1.36
CA GLU C 202 -37.15 13.48 -0.96
C GLU C 202 -38.49 14.22 -0.87
N THR C 203 -38.55 15.50 -1.21
CA THR C 203 -39.71 16.41 -0.93
C THR C 203 -40.65 16.53 -2.14
N VAL C 204 -40.33 15.85 -3.25
CA VAL C 204 -41.02 16.05 -4.56
C VAL C 204 -41.54 14.70 -5.03
N THR C 205 -42.79 14.67 -5.50
CA THR C 205 -43.41 13.43 -6.06
C THR C 205 -42.97 13.29 -7.52
N ASN C 206 -43.14 12.10 -8.09
CA ASN C 206 -42.68 11.82 -9.47
C ASN C 206 -43.59 12.57 -10.44
N ASP C 207 -44.84 12.80 -10.09
CA ASP C 207 -45.78 13.62 -10.89
C ASP C 207 -45.30 15.08 -10.93
N GLU C 208 -44.86 15.65 -9.80
CA GLU C 208 -44.30 17.01 -9.72
C GLU C 208 -42.99 17.09 -10.53
N ILE C 209 -42.09 16.10 -10.38
CA ILE C 209 -40.84 16.02 -11.18
C ILE C 209 -41.21 16.11 -12.66
N ALA C 210 -42.16 15.30 -13.12
CA ALA C 210 -42.47 15.23 -14.57
C ALA C 210 -43.08 16.57 -15.04
N ARG C 211 -43.98 17.13 -14.24
CA ARG C 211 -44.65 18.41 -14.53
C ARG C 211 -43.56 19.50 -14.68
N ASP C 212 -42.69 19.59 -13.68
CA ASP C 212 -41.67 20.66 -13.56
C ASP C 212 -40.66 20.54 -14.68
N LEU C 213 -40.26 19.32 -15.04
CA LEU C 213 -39.24 19.10 -16.08
C LEU C 213 -39.84 19.52 -17.42
N LYS C 214 -41.10 19.20 -17.66
CA LYS C 214 -41.71 19.45 -18.99
C LYS C 214 -41.92 20.96 -19.13
N GLU C 215 -42.42 21.59 -18.08
CA GLU C 215 -42.88 23.00 -18.15
C GLU C 215 -41.69 23.94 -18.02
N HIS C 216 -40.78 23.75 -17.05
CA HIS C 216 -39.69 24.72 -16.69
C HIS C 216 -38.39 24.43 -17.44
N VAL C 217 -38.20 23.19 -17.89
CA VAL C 217 -36.91 22.75 -18.45
C VAL C 217 -37.06 22.44 -19.94
N ILE C 218 -37.97 21.54 -20.36
CA ILE C 218 -38.04 21.13 -21.79
C ILE C 218 -38.72 22.21 -22.66
N LYS C 219 -39.93 22.62 -22.29
CA LYS C 219 -40.76 23.44 -23.20
C LYS C 219 -40.06 24.78 -23.48
N PRO C 220 -39.38 25.43 -22.53
CA PRO C 220 -38.67 26.68 -22.82
C PRO C 220 -37.50 26.60 -23.79
N ILE C 221 -36.99 25.40 -24.04
CA ILE C 221 -35.70 25.20 -24.78
C ILE C 221 -36.00 24.62 -26.16
N ILE C 222 -36.82 23.58 -26.28
CA ILE C 222 -37.16 23.01 -27.60
C ILE C 222 -38.14 23.95 -28.30
N PRO C 223 -37.81 24.45 -29.51
CA PRO C 223 -38.77 25.23 -30.28
C PRO C 223 -40.12 24.51 -30.44
N GLU C 224 -41.22 25.24 -30.23
CA GLU C 224 -42.60 24.69 -30.26
C GLU C 224 -42.84 23.94 -31.58
N LYS C 225 -42.28 24.43 -32.68
CA LYS C 225 -42.48 23.81 -34.03
C LYS C 225 -41.92 22.39 -34.08
N TYR C 226 -41.06 22.00 -33.13
CA TYR C 226 -40.46 20.64 -33.10
C TYR C 226 -41.27 19.71 -32.17
N LEU C 227 -42.19 20.22 -31.35
CA LEU C 227 -42.94 19.36 -30.38
C LEU C 227 -44.35 19.14 -30.91
N ASP C 228 -44.90 17.94 -30.77
CA ASP C 228 -46.31 17.71 -31.09
C ASP C 228 -46.90 16.75 -30.07
N ASP C 229 -48.17 16.36 -30.26
CA ASP C 229 -48.94 15.50 -29.33
C ASP C 229 -48.32 14.11 -29.24
N LYS C 230 -47.54 13.69 -30.23
CA LYS C 230 -46.97 12.32 -30.31
C LYS C 230 -45.52 12.28 -29.80
N THR C 231 -44.90 13.44 -29.55
CA THR C 231 -43.56 13.49 -28.90
C THR C 231 -43.62 12.67 -27.60
N ILE C 232 -42.65 11.76 -27.45
CA ILE C 232 -42.56 10.84 -26.29
C ILE C 232 -41.73 11.56 -25.19
N PHE C 233 -42.16 11.48 -23.94
CA PHE C 233 -41.33 12.00 -22.81
C PHE C 233 -41.00 10.87 -21.83
N HIS C 234 -39.72 10.69 -21.53
CA HIS C 234 -39.22 9.84 -20.42
C HIS C 234 -38.65 10.75 -19.35
N LEU C 235 -39.32 10.85 -18.22
CA LEU C 235 -38.96 11.82 -17.17
C LEU C 235 -38.72 11.02 -15.89
N ASN C 236 -37.47 11.01 -15.45
CA ASN C 236 -36.94 10.18 -14.34
C ASN C 236 -37.47 8.74 -14.46
N PRO C 237 -37.21 8.02 -15.57
CA PRO C 237 -37.74 6.65 -15.74
C PRO C 237 -37.19 5.59 -14.77
N SER C 238 -36.09 5.83 -14.06
CA SER C 238 -35.58 4.91 -13.02
C SER C 238 -36.54 4.84 -11.82
N GLY C 239 -37.28 5.93 -11.56
CA GLY C 239 -38.24 6.00 -10.44
C GLY C 239 -37.66 6.56 -9.16
N ARG C 240 -36.32 6.71 -9.06
CA ARG C 240 -35.66 7.31 -7.85
C ARG C 240 -34.20 7.64 -8.18
N PHE C 241 -33.82 8.86 -7.86
CA PHE C 241 -32.49 9.44 -8.17
C PHE C 241 -32.23 10.44 -7.06
N VAL C 242 -32.12 9.95 -5.83
CA VAL C 242 -31.85 10.75 -4.60
C VAL C 242 -30.34 10.78 -4.38
N ILE C 243 -29.71 9.60 -4.46
CA ILE C 243 -28.23 9.36 -4.45
C ILE C 243 -27.71 9.80 -5.82
N GLY C 244 -26.73 10.68 -5.85
CA GLY C 244 -26.11 11.12 -7.09
C GLY C 244 -24.67 11.55 -6.90
N GLY C 245 -24.13 12.21 -7.93
CA GLY C 245 -22.74 12.65 -7.96
C GLY C 245 -21.82 11.47 -7.69
N PRO C 246 -20.60 11.71 -7.17
CA PRO C 246 -19.62 10.64 -6.92
C PRO C 246 -20.19 9.52 -6.07
N HIS C 247 -21.13 9.83 -5.16
CA HIS C 247 -21.76 8.82 -4.29
C HIS C 247 -22.45 7.77 -5.16
N GLY C 248 -23.17 8.18 -6.20
CA GLY C 248 -23.95 7.26 -7.04
C GLY C 248 -23.11 6.53 -8.10
N ASP C 249 -21.97 7.13 -8.49
CA ASP C 249 -21.28 6.79 -9.76
C ASP C 249 -19.91 7.44 -9.82
N ALA C 250 -18.85 6.62 -9.92
CA ALA C 250 -17.45 7.07 -10.08
C ALA C 250 -17.33 7.97 -11.32
N GLY C 251 -16.60 9.09 -11.19
CA GLY C 251 -16.27 10.01 -12.30
C GLY C 251 -14.78 10.02 -12.64
N LEU C 252 -14.47 10.34 -13.91
CA LEU C 252 -13.10 10.45 -14.45
C LEU C 252 -13.12 11.51 -15.54
N THR C 253 -11.99 12.22 -15.68
CA THR C 253 -11.76 13.16 -16.80
C THR C 253 -11.87 12.44 -18.13
N GLY C 254 -12.49 13.05 -19.14
CA GLY C 254 -12.42 12.56 -20.52
C GLY C 254 -13.33 11.36 -20.74
N ARG C 255 -14.48 11.29 -20.00
CA ARG C 255 -15.43 10.17 -20.19
C ARG C 255 -16.72 10.70 -20.81
N LYS C 256 -16.67 11.90 -21.40
CA LYS C 256 -17.84 12.53 -22.08
C LYS C 256 -17.38 13.25 -23.36
N ILE C 257 -16.56 12.56 -24.18
CA ILE C 257 -15.86 13.19 -25.32
C ILE C 257 -16.86 13.44 -26.47
N ILE C 258 -17.96 12.69 -26.49
CA ILE C 258 -19.00 12.84 -27.56
C ILE C 258 -19.97 13.96 -27.14
N ILE C 259 -20.30 14.05 -25.86
CA ILE C 259 -21.05 15.19 -25.23
C ILE C 259 -20.20 16.48 -25.28
N ASP C 260 -18.88 16.34 -25.26
CA ASP C 260 -17.96 17.48 -25.44
C ASP C 260 -17.99 18.01 -26.88
N THR C 261 -18.46 17.24 -27.87
CA THR C 261 -18.20 17.48 -29.32
C THR C 261 -19.53 17.58 -30.09
N TYR C 262 -19.94 16.51 -30.78
CA TYR C 262 -21.01 16.57 -31.81
C TYR C 262 -22.17 15.61 -31.55
N GLY C 263 -22.24 15.06 -30.34
CA GLY C 263 -23.30 14.10 -29.95
C GLY C 263 -23.43 12.93 -30.89
N GLY C 264 -22.35 12.51 -31.56
CA GLY C 264 -22.35 11.30 -32.40
C GLY C 264 -22.37 11.62 -33.87
N TRP C 265 -22.58 12.89 -34.21
CA TRP C 265 -22.49 13.42 -35.59
C TRP C 265 -21.01 13.60 -35.92
N GLY C 266 -20.70 13.79 -37.20
CA GLY C 266 -19.32 14.02 -37.64
C GLY C 266 -18.48 12.81 -37.32
N ALA C 267 -17.42 12.97 -36.51
CA ALA C 267 -16.56 11.84 -36.06
C ALA C 267 -15.73 12.28 -34.87
N HIS C 268 -15.08 11.31 -34.21
CA HIS C 268 -14.22 11.60 -33.05
C HIS C 268 -12.93 10.80 -33.21
N GLY C 269 -11.79 11.41 -32.90
CA GLY C 269 -10.47 10.79 -32.89
C GLY C 269 -10.16 10.05 -31.61
N GLY C 270 -10.95 10.26 -30.55
CA GLY C 270 -10.83 9.57 -29.28
C GLY C 270 -10.12 10.35 -28.22
N GLY C 271 -9.58 11.54 -28.52
CA GLY C 271 -8.79 12.32 -27.55
C GLY C 271 -9.70 13.10 -26.62
N ALA C 272 -9.45 13.11 -25.33
CA ALA C 272 -10.14 13.98 -24.36
C ALA C 272 -9.58 15.40 -24.46
N PHE C 273 -10.33 16.40 -24.00
CA PHE C 273 -9.91 17.82 -24.08
C PHE C 273 -9.40 18.29 -22.74
N SER C 274 -10.13 17.98 -21.68
CA SER C 274 -10.01 18.74 -20.40
C SER C 274 -8.69 18.36 -19.71
N GLY C 275 -8.07 19.36 -19.07
CA GLY C 275 -6.85 19.21 -18.27
C GLY C 275 -5.60 19.27 -19.14
N LYS C 276 -5.77 19.59 -20.44
CA LYS C 276 -4.69 19.58 -21.45
C LYS C 276 -4.37 21.03 -21.89
N ASP C 277 -3.10 21.39 -21.80
CA ASP C 277 -2.54 22.63 -22.43
C ASP C 277 -2.50 22.46 -23.94
N PRO C 278 -2.41 23.57 -24.70
CA PRO C 278 -2.59 23.50 -26.16
C PRO C 278 -1.49 22.81 -26.98
N THR C 279 -0.38 22.37 -26.38
CA THR C 279 0.60 21.52 -27.10
C THR C 279 -0.05 20.17 -27.35
N LYS C 280 -1.06 19.82 -26.51
CA LYS C 280 -1.85 18.59 -26.71
C LYS C 280 -2.82 18.87 -27.86
N VAL C 281 -2.46 18.38 -29.02
CA VAL C 281 -3.22 18.57 -30.29
C VAL C 281 -4.61 17.91 -30.14
N ASP C 282 -4.82 17.00 -29.16
CA ASP C 282 -6.18 16.46 -28.84
C ASP C 282 -7.13 17.66 -28.67
N ARG C 283 -6.64 18.70 -28.00
CA ARG C 283 -7.44 19.92 -27.79
C ARG C 283 -7.25 20.89 -28.95
N SER C 284 -6.03 21.38 -29.17
CA SER C 284 -5.80 22.49 -30.12
C SER C 284 -6.17 22.02 -31.52
N GLY C 285 -5.81 20.78 -31.91
CA GLY C 285 -6.19 20.21 -33.22
C GLY C 285 -7.70 20.12 -33.42
N ALA C 286 -8.46 19.63 -32.46
CA ALA C 286 -9.94 19.57 -32.55
C ALA C 286 -10.55 20.98 -32.70
N TYR C 287 -10.03 21.95 -31.95
CA TYR C 287 -10.52 23.35 -31.96
C TYR C 287 -10.26 23.92 -33.35
N ILE C 288 -9.08 23.68 -33.95
CA ILE C 288 -8.78 24.26 -35.29
C ILE C 288 -9.69 23.58 -36.33
N VAL C 289 -9.93 22.28 -36.27
CA VAL C 289 -10.74 21.62 -37.35
C VAL C 289 -12.24 21.91 -37.16
N ARG C 290 -12.69 22.20 -35.94
CA ARG C 290 -14.02 22.83 -35.76
C ARG C 290 -14.01 24.18 -36.45
N GLN C 291 -13.01 25.04 -36.17
CA GLN C 291 -12.95 26.35 -36.86
C GLN C 291 -13.03 26.14 -38.37
N ALA C 292 -12.32 25.15 -38.92
CA ALA C 292 -12.26 24.94 -40.38
C ALA C 292 -13.62 24.49 -40.89
N ALA C 293 -14.20 23.42 -40.30
CA ALA C 293 -15.51 22.87 -40.69
C ALA C 293 -16.57 23.99 -40.63
N LYS C 294 -16.61 24.75 -39.54
CA LYS C 294 -17.62 25.84 -39.39
C LYS C 294 -17.43 26.92 -40.45
N SER C 295 -16.19 27.24 -40.78
CA SER C 295 -15.80 28.27 -41.76
C SER C 295 -16.26 27.82 -43.16
N VAL C 296 -16.08 26.55 -43.50
CA VAL C 296 -16.52 26.03 -44.82
C VAL C 296 -18.05 26.24 -44.94
N VAL C 297 -18.79 25.91 -43.89
CA VAL C 297 -20.26 26.01 -43.91
C VAL C 297 -20.70 27.48 -43.86
N ALA C 298 -20.15 28.31 -42.95
CA ALA C 298 -20.52 29.73 -42.81
C ALA C 298 -20.21 30.53 -44.09
N ASN C 299 -19.21 30.13 -44.87
CA ASN C 299 -18.87 30.80 -46.15
C ASN C 299 -19.81 30.35 -47.26
N GLY C 300 -20.75 29.42 -46.98
CA GLY C 300 -21.70 28.95 -48.00
C GLY C 300 -21.05 27.95 -48.98
N MET C 301 -19.85 27.43 -48.69
CA MET C 301 -19.14 26.44 -49.55
C MET C 301 -19.82 25.06 -49.52
N ALA C 302 -20.56 24.77 -48.45
CA ALA C 302 -21.25 23.49 -48.19
C ALA C 302 -22.31 23.73 -47.11
N ARG C 303 -23.30 22.84 -47.04
CA ARG C 303 -24.32 22.84 -45.97
C ARG C 303 -23.82 21.99 -44.79
N ARG C 304 -22.80 21.16 -45.00
CA ARG C 304 -22.27 20.24 -43.95
C ARG C 304 -20.81 19.92 -44.26
N ALA C 305 -19.96 19.82 -43.24
CA ALA C 305 -18.51 19.60 -43.48
C ALA C 305 -17.90 18.76 -42.35
N LEU C 306 -17.06 17.79 -42.73
CA LEU C 306 -16.19 17.01 -41.82
C LEU C 306 -14.73 17.24 -42.24
N VAL C 307 -13.86 17.52 -41.27
CA VAL C 307 -12.39 17.72 -41.50
C VAL C 307 -11.69 16.82 -40.51
N GLN C 308 -10.77 15.98 -40.97
CA GLN C 308 -9.82 15.23 -40.09
C GLN C 308 -8.42 15.82 -40.24
N VAL C 309 -7.70 15.87 -39.13
CA VAL C 309 -6.25 16.17 -39.06
C VAL C 309 -5.65 15.09 -38.17
N SER C 310 -4.38 14.77 -38.37
CA SER C 310 -3.62 13.81 -37.55
C SER C 310 -2.21 14.33 -37.38
N TYR C 311 -1.56 13.82 -36.34
CA TYR C 311 -0.22 14.29 -35.93
C TYR C 311 0.62 13.10 -35.46
N ALA C 312 1.93 13.33 -35.44
CA ALA C 312 2.97 12.54 -34.76
C ALA C 312 3.61 13.39 -33.67
N ILE C 313 3.82 12.81 -32.51
CA ILE C 313 4.53 13.46 -31.38
C ILE C 313 5.86 13.97 -31.92
N GLY C 314 6.19 15.23 -31.63
CA GLY C 314 7.47 15.82 -32.01
C GLY C 314 7.47 16.45 -33.38
N VAL C 315 6.42 16.23 -34.17
CA VAL C 315 6.37 16.76 -35.56
C VAL C 315 5.35 17.88 -35.60
N PRO C 316 5.76 19.10 -36.03
CA PRO C 316 4.86 20.25 -36.07
C PRO C 316 3.75 20.11 -37.13
N GLU C 317 4.09 19.60 -38.31
CA GLU C 317 3.17 19.54 -39.47
C GLU C 317 2.30 18.28 -39.38
N PRO C 318 0.98 18.39 -39.68
CA PRO C 318 0.07 17.24 -39.59
C PRO C 318 0.43 16.15 -40.60
N LEU C 319 0.14 14.89 -40.26
CA LEU C 319 0.45 13.70 -41.10
C LEU C 319 -0.60 13.54 -42.19
N SER C 320 -1.80 14.05 -42.01
CA SER C 320 -2.92 13.86 -42.98
C SER C 320 -3.97 14.92 -42.70
N VAL C 321 -4.70 15.30 -43.74
CA VAL C 321 -5.88 16.18 -43.63
C VAL C 321 -6.90 15.63 -44.62
N PHE C 322 -8.17 15.56 -44.25
CA PHE C 322 -9.24 15.32 -45.24
CA PHE C 322 -9.24 15.32 -45.24
C PHE C 322 -10.41 16.28 -44.97
N VAL C 323 -11.15 16.54 -46.04
CA VAL C 323 -12.43 17.31 -46.04
C VAL C 323 -13.47 16.50 -46.78
N ASP C 324 -14.63 16.32 -46.16
CA ASP C 324 -15.83 15.72 -46.79
C ASP C 324 -17.06 16.59 -46.53
N THR C 325 -17.85 16.87 -47.55
CA THR C 325 -19.07 17.70 -47.44
C THR C 325 -20.35 16.85 -47.61
N TYR C 326 -20.26 15.50 -47.58
CA TYR C 326 -21.43 14.59 -47.61
C TYR C 326 -22.26 14.90 -48.87
N GLY C 327 -21.56 15.34 -49.92
CA GLY C 327 -22.11 15.76 -51.22
C GLY C 327 -22.86 17.06 -51.17
N THR C 328 -22.65 17.92 -50.16
CA THR C 328 -23.29 19.27 -50.06
C THR C 328 -22.38 20.38 -50.59
N GLY C 329 -21.13 20.08 -50.91
CA GLY C 329 -20.17 21.06 -51.42
C GLY C 329 -20.57 21.68 -52.75
N LEU C 330 -20.39 23.00 -52.89
CA LEU C 330 -20.75 23.74 -54.13
C LEU C 330 -19.55 23.74 -55.08
N ILE C 331 -18.38 23.41 -54.54
CA ILE C 331 -17.16 23.08 -55.33
C ILE C 331 -16.65 21.74 -54.82
N PRO C 332 -15.81 21.02 -55.60
CA PRO C 332 -15.36 19.69 -55.18
C PRO C 332 -14.58 19.76 -53.86
N ASP C 333 -14.66 18.67 -53.09
CA ASP C 333 -13.99 18.55 -51.76
C ASP C 333 -12.47 18.72 -51.93
N LYS C 334 -11.88 18.29 -53.04
CA LYS C 334 -10.41 18.39 -53.18
C LYS C 334 -10.05 19.88 -53.26
N GLU C 335 -10.91 20.73 -53.83
CA GLU C 335 -10.63 22.19 -53.88
C GLU C 335 -10.84 22.80 -52.49
N ILE C 336 -11.84 22.34 -51.75
CA ILE C 336 -12.09 22.82 -50.35
C ILE C 336 -10.92 22.39 -49.46
N LEU C 337 -10.37 21.20 -49.66
CA LEU C 337 -9.21 20.70 -48.90
C LEU C 337 -8.06 21.65 -49.18
N LYS C 338 -7.85 22.02 -50.45
CA LYS C 338 -6.75 22.92 -50.82
C LYS C 338 -6.96 24.26 -50.10
N ILE C 339 -8.17 24.81 -50.08
CA ILE C 339 -8.43 26.15 -49.46
C ILE C 339 -8.20 26.08 -47.95
N VAL C 340 -8.70 25.03 -47.30
CA VAL C 340 -8.57 24.84 -45.83
C VAL C 340 -7.07 24.82 -45.49
N LYS C 341 -6.28 24.06 -46.25
CA LYS C 341 -4.82 23.88 -45.99
C LYS C 341 -4.05 25.18 -46.25
N GLU C 342 -4.48 26.03 -47.19
CA GLU C 342 -3.85 27.35 -47.47
C GLU C 342 -4.21 28.34 -46.35
N THR C 343 -5.40 28.23 -45.76
CA THR C 343 -5.97 29.25 -44.84
C THR C 343 -5.60 28.95 -43.38
N PHE C 344 -5.65 27.69 -42.96
CA PHE C 344 -5.44 27.29 -41.54
C PHE C 344 -4.01 26.75 -41.36
N ASP C 345 -3.37 27.17 -40.28
CA ASP C 345 -2.02 26.68 -39.87
C ASP C 345 -2.22 25.62 -38.78
N PHE C 346 -1.97 24.35 -39.11
CA PHE C 346 -2.30 23.21 -38.21
C PHE C 346 -1.15 22.93 -37.26
N ARG C 347 -0.06 23.73 -37.33
CA ARG C 347 1.13 23.50 -36.47
C ARG C 347 0.81 23.99 -35.08
N PRO C 348 1.02 23.15 -34.05
CA PRO C 348 0.48 23.42 -32.73
C PRO C 348 0.98 24.73 -32.10
N GLY C 349 2.22 25.09 -32.37
CA GLY C 349 2.81 26.34 -31.86
C GLY C 349 2.07 27.54 -32.41
N MET C 350 1.59 27.40 -33.65
CA MET C 350 0.89 28.46 -34.42
C MET C 350 -0.60 28.42 -34.00
N MET C 351 -1.20 27.22 -33.88
CA MET C 351 -2.62 27.08 -33.44
C MET C 351 -2.79 27.76 -32.09
N THR C 352 -1.85 27.53 -31.17
CA THR C 352 -1.89 28.07 -29.79
C THR C 352 -2.02 29.60 -29.86
N ILE C 353 -1.21 30.24 -30.70
CA ILE C 353 -1.08 31.71 -30.77
C ILE C 353 -2.30 32.21 -31.52
N ASN C 354 -2.68 31.54 -32.61
CA ASN C 354 -3.76 32.00 -33.50
C ASN C 354 -5.12 31.96 -32.76
N LEU C 355 -5.28 31.04 -31.80
CA LEU C 355 -6.56 30.85 -31.07
C LEU C 355 -6.38 31.31 -29.64
N ASP C 356 -5.26 31.95 -29.29
CA ASP C 356 -5.05 32.53 -27.95
C ASP C 356 -5.32 31.47 -26.87
N LEU C 357 -4.77 30.24 -27.02
CA LEU C 357 -5.05 29.10 -26.11
C LEU C 357 -4.13 29.08 -24.90
N LYS C 358 -3.15 29.99 -24.76
CA LYS C 358 -2.32 30.07 -23.52
C LYS C 358 -2.96 31.01 -22.48
N ARG C 359 -4.13 31.57 -22.76
CA ARG C 359 -4.86 32.38 -21.75
C ARG C 359 -5.84 31.53 -20.92
N GLY C 360 -5.57 31.41 -19.62
CA GLY C 360 -6.49 30.94 -18.57
C GLY C 360 -7.10 32.09 -17.78
N GLY C 361 -7.88 31.80 -16.74
CA GLY C 361 -8.46 32.86 -15.88
C GLY C 361 -9.82 33.33 -16.34
N ASN C 362 -10.59 33.85 -15.39
CA ASN C 362 -12.06 34.02 -15.52
C ASN C 362 -12.64 32.70 -16.03
N GLY C 363 -12.13 31.56 -15.56
CA GLY C 363 -12.65 30.22 -15.90
C GLY C 363 -12.66 29.96 -17.40
N ARG C 364 -11.69 30.53 -18.13
CA ARG C 364 -11.60 30.43 -19.62
C ARG C 364 -11.82 28.95 -20.03
N PHE C 365 -11.03 28.01 -19.54
CA PHE C 365 -11.18 26.59 -19.96
C PHE C 365 -12.21 25.84 -19.09
N GLN C 366 -12.36 26.17 -17.81
CA GLN C 366 -13.42 25.57 -16.94
C GLN C 366 -14.78 25.71 -17.64
N LYS C 367 -15.07 26.83 -18.33
CA LYS C 367 -16.36 27.04 -19.03
C LYS C 367 -16.55 26.04 -20.16
N THR C 368 -15.47 25.58 -20.80
CA THR C 368 -15.56 24.61 -21.94
C THR C 368 -15.86 23.19 -21.42
N ALA C 369 -15.61 22.94 -20.14
CA ALA C 369 -15.59 21.62 -19.51
C ALA C 369 -17.02 21.17 -19.12
N ALA C 370 -18.05 22.01 -19.31
CA ALA C 370 -19.45 21.56 -19.34
C ALA C 370 -20.22 22.30 -20.40
N TYR C 371 -21.27 21.66 -20.92
CA TYR C 371 -22.21 22.14 -21.97
C TYR C 371 -21.51 22.25 -23.34
N GLY C 372 -20.51 21.43 -23.60
CA GLY C 372 -19.85 21.29 -24.89
C GLY C 372 -18.81 22.36 -25.20
N HIS C 373 -17.79 21.97 -25.99
CA HIS C 373 -16.68 22.85 -26.42
C HIS C 373 -17.10 23.70 -27.64
N PHE C 374 -18.15 23.29 -28.39
CA PHE C 374 -18.50 23.87 -29.71
C PHE C 374 -19.91 24.43 -29.68
N GLY C 375 -20.17 25.37 -30.61
CA GLY C 375 -21.49 26.02 -30.85
C GLY C 375 -21.85 27.02 -29.76
N ARG C 376 -20.88 27.51 -28.99
CA ARG C 376 -21.08 28.44 -27.85
C ARG C 376 -20.74 29.86 -28.32
N ASP C 377 -21.38 30.89 -27.76
CA ASP C 377 -21.30 32.33 -28.10
C ASP C 377 -20.10 33.08 -27.53
N ASP C 378 -19.65 32.64 -26.37
CA ASP C 378 -18.68 33.31 -25.49
C ASP C 378 -17.39 33.63 -26.24
N PRO C 379 -16.88 34.88 -26.22
CA PRO C 379 -15.69 35.24 -27.02
C PRO C 379 -14.38 34.50 -26.64
N ASP C 380 -14.36 33.84 -25.46
CA ASP C 380 -13.29 32.91 -25.03
C ASP C 380 -13.17 31.72 -25.99
N PHE C 381 -14.27 31.34 -26.63
CA PHE C 381 -14.35 30.20 -27.58
C PHE C 381 -13.87 30.72 -28.94
N THR C 382 -12.55 30.93 -29.05
CA THR C 382 -11.90 31.62 -30.21
C THR C 382 -12.09 30.81 -31.49
N TRP C 383 -12.26 29.49 -31.36
CA TRP C 383 -12.38 28.56 -32.49
C TRP C 383 -13.79 28.63 -33.08
N GLU C 384 -14.74 29.31 -32.41
CA GLU C 384 -16.10 29.52 -32.97
C GLU C 384 -16.10 30.74 -33.91
N VAL C 385 -14.99 31.47 -34.00
CA VAL C 385 -14.88 32.62 -34.95
C VAL C 385 -14.73 32.10 -36.39
N VAL C 386 -15.65 32.51 -37.27
CA VAL C 386 -15.60 32.14 -38.71
C VAL C 386 -14.43 32.87 -39.37
N LYS C 387 -13.62 32.14 -40.15
CA LYS C 387 -12.61 32.74 -41.04
C LYS C 387 -13.22 32.89 -42.44
N PRO C 388 -13.03 34.06 -43.10
CA PRO C 388 -13.28 34.17 -44.53
C PRO C 388 -12.44 33.17 -45.34
N LEU C 389 -13.04 32.56 -46.37
CA LEU C 389 -12.36 31.63 -47.30
C LEU C 389 -12.47 32.18 -48.72
N LYS C 390 -11.37 32.29 -49.45
CA LYS C 390 -11.36 32.76 -50.86
C LYS C 390 -11.84 31.62 -51.76
N TRP C 391 -12.95 31.83 -52.48
CA TRP C 391 -13.48 30.87 -53.48
C TRP C 391 -14.45 31.55 -54.45
N ASP C 392 -14.96 30.79 -55.43
CA ASP C 392 -15.90 31.22 -56.50
C ASP C 392 -17.22 30.42 -56.46
N MET D 4 -7.71 9.30 -60.85
CA MET D 4 -8.50 8.64 -59.75
C MET D 4 -8.48 9.57 -58.53
N GLU D 5 -9.64 10.06 -58.09
CA GLU D 5 -9.78 10.90 -56.86
C GLU D 5 -9.63 10.02 -55.61
N THR D 6 -8.79 10.44 -54.66
CA THR D 6 -8.57 9.72 -53.37
C THR D 6 -8.62 10.70 -52.21
N PHE D 7 -8.66 10.22 -50.97
CA PHE D 7 -8.51 11.03 -49.74
C PHE D 7 -7.69 10.24 -48.72
N LEU D 8 -7.18 10.93 -47.68
CA LEU D 8 -6.36 10.29 -46.60
C LEU D 8 -7.20 10.17 -45.33
N PHE D 9 -7.32 8.96 -44.79
CA PHE D 9 -8.01 8.69 -43.50
C PHE D 9 -7.01 8.01 -42.54
N THR D 10 -6.93 8.56 -41.31
CA THR D 10 -5.96 8.10 -40.26
C THR D 10 -6.68 7.44 -39.08
N SER D 11 -6.15 6.30 -38.64
CA SER D 11 -6.51 5.62 -37.37
C SER D 11 -5.23 5.27 -36.61
N GLU D 12 -5.35 5.21 -35.30
CA GLU D 12 -4.23 4.90 -34.40
C GLU D 12 -4.62 3.72 -33.51
N SER D 13 -3.62 3.11 -32.89
CA SER D 13 -3.89 2.05 -31.89
C SER D 13 -2.83 2.22 -30.82
N VAL D 14 -3.08 1.55 -29.69
CA VAL D 14 -2.05 1.35 -28.65
C VAL D 14 -2.00 -0.13 -28.35
N ASN D 15 -0.86 -0.58 -27.83
CA ASN D 15 -0.75 -1.99 -27.40
C ASN D 15 -1.18 -2.11 -25.93
N GLU D 16 -1.05 -3.31 -25.39
CA GLU D 16 -1.55 -3.66 -24.04
C GLU D 16 -0.73 -2.99 -22.93
N GLY D 17 0.41 -2.38 -23.24
CA GLY D 17 1.27 -1.71 -22.22
C GLY D 17 1.00 -0.22 -22.10
N HIS D 18 0.14 0.31 -22.97
CA HIS D 18 -0.30 1.71 -22.88
C HIS D 18 -1.05 1.87 -21.57
N PRO D 19 -0.76 2.93 -20.76
CA PRO D 19 -1.32 3.03 -19.41
C PRO D 19 -2.85 3.14 -19.40
N ASP D 20 -3.46 3.78 -20.42
CA ASP D 20 -4.93 3.78 -20.53
C ASP D 20 -5.42 2.35 -20.77
N LYS D 21 -4.78 1.63 -21.70
CA LYS D 21 -5.20 0.23 -22.01
C LYS D 21 -4.94 -0.69 -20.81
N LEU D 22 -3.86 -0.47 -20.05
CA LEU D 22 -3.61 -1.21 -18.78
C LEU D 22 -4.88 -1.15 -17.92
N CYS D 23 -5.43 0.06 -17.75
CA CYS D 23 -6.60 0.33 -16.92
C CYS D 23 -7.81 -0.44 -17.46
N ASP D 24 -8.08 -0.37 -18.76
CA ASP D 24 -9.18 -1.17 -19.39
C ASP D 24 -8.98 -2.64 -19.05
N GLN D 25 -7.76 -3.14 -19.15
CA GLN D 25 -7.49 -4.59 -18.93
C GLN D 25 -7.67 -4.94 -17.47
N ILE D 26 -7.29 -4.08 -16.53
CA ILE D 26 -7.55 -4.30 -15.08
C ILE D 26 -9.06 -4.27 -14.81
N SER D 27 -9.76 -3.24 -15.32
CA SER D 27 -11.22 -3.11 -15.14
C SER D 27 -11.90 -4.41 -15.60
N ASP D 28 -11.50 -4.95 -16.75
CA ASP D 28 -12.10 -6.16 -17.34
C ASP D 28 -11.59 -7.42 -16.65
N ALA D 29 -10.39 -7.43 -16.10
CA ALA D 29 -9.90 -8.57 -15.27
C ALA D 29 -10.76 -8.67 -13.98
N VAL D 30 -11.13 -7.53 -13.44
CA VAL D 30 -12.06 -7.46 -12.26
C VAL D 30 -13.45 -7.96 -12.68
N LEU D 31 -13.96 -7.55 -13.84
CA LEU D 31 -15.26 -8.02 -14.33
C LEU D 31 -15.21 -9.55 -14.49
N ASP D 32 -14.17 -10.05 -15.15
CA ASP D 32 -13.97 -11.50 -15.40
C ASP D 32 -14.07 -12.23 -14.05
N ALA D 33 -13.32 -11.77 -13.05
CA ALA D 33 -13.18 -12.41 -11.72
C ALA D 33 -14.56 -12.47 -11.04
N CYS D 34 -15.34 -11.40 -11.08
CA CYS D 34 -16.71 -11.35 -10.52
C CYS D 34 -17.61 -12.38 -11.22
N LEU D 35 -17.65 -12.35 -12.56
CA LEU D 35 -18.60 -13.19 -13.37
C LEU D 35 -18.28 -14.68 -13.17
N GLU D 36 -16.99 -14.98 -13.03
CA GLU D 36 -16.48 -16.34 -12.83
C GLU D 36 -17.18 -16.97 -11.61
N GLN D 37 -17.40 -16.23 -10.54
CA GLN D 37 -18.04 -16.76 -9.30
C GLN D 37 -19.53 -16.41 -9.28
N ASP D 38 -19.89 -15.21 -9.74
CA ASP D 38 -21.30 -14.72 -9.71
C ASP D 38 -21.62 -14.13 -11.09
N PRO D 39 -22.24 -14.91 -11.99
CA PRO D 39 -22.65 -14.41 -13.30
C PRO D 39 -23.62 -13.23 -13.29
N ASP D 40 -24.33 -12.97 -12.18
CA ASP D 40 -25.30 -11.86 -12.10
C ASP D 40 -24.63 -10.60 -11.50
N SER D 41 -23.32 -10.64 -11.28
CA SER D 41 -22.51 -9.53 -10.74
C SER D 41 -22.89 -8.24 -11.47
N LYS D 42 -23.14 -7.18 -10.68
CA LYS D 42 -23.28 -5.81 -11.19
C LYS D 42 -21.93 -5.11 -10.98
N VAL D 43 -21.30 -4.74 -12.08
CA VAL D 43 -19.87 -4.35 -12.10
C VAL D 43 -19.76 -3.04 -12.90
N ALA D 44 -19.14 -2.04 -12.24
CA ALA D 44 -18.84 -0.71 -12.77
C ALA D 44 -17.47 -0.32 -12.23
N CYS D 45 -16.43 -0.99 -12.73
CA CYS D 45 -15.09 -0.94 -12.11
C CYS D 45 -14.20 0.00 -12.93
N GLU D 46 -13.83 1.14 -12.38
CA GLU D 46 -12.91 2.08 -13.05
C GLU D 46 -11.52 1.81 -12.48
N THR D 47 -10.50 2.08 -13.28
CA THR D 47 -9.09 1.94 -12.88
C THR D 47 -8.38 3.23 -13.30
N CYS D 48 -7.41 3.65 -12.50
CA CYS D 48 -6.47 4.72 -12.92
C CYS D 48 -5.08 4.38 -12.39
N THR D 49 -4.07 4.97 -13.00
CA THR D 49 -2.67 4.68 -12.66
C THR D 49 -1.83 5.93 -12.87
N LYS D 50 -0.84 6.10 -12.00
CA LYS D 50 0.26 7.06 -12.16
C LYS D 50 1.46 6.44 -11.43
N THR D 51 2.62 7.06 -11.51
CA THR D 51 3.88 6.50 -10.97
C THR D 51 3.64 5.74 -9.65
N ASN D 52 3.88 4.44 -9.66
CA ASN D 52 3.93 3.57 -8.47
C ASN D 52 2.56 3.47 -7.78
N MET D 53 1.49 3.66 -8.54
CA MET D 53 0.12 3.61 -8.00
C MET D 53 -0.87 3.11 -9.06
N VAL D 54 -1.71 2.14 -8.66
CA VAL D 54 -2.97 1.74 -9.35
C VAL D 54 -4.13 1.86 -8.36
N MET D 55 -5.26 2.43 -8.77
CA MET D 55 -6.50 2.48 -7.98
C MET D 55 -7.64 1.88 -8.80
N VAL D 56 -8.38 0.96 -8.19
CA VAL D 56 -9.67 0.41 -8.72
C VAL D 56 -10.79 1.05 -7.91
N PHE D 57 -11.82 1.57 -8.57
CA PHE D 57 -12.84 2.39 -7.89
C PHE D 57 -14.13 2.34 -8.70
N GLY D 58 -15.26 2.52 -8.02
CA GLY D 58 -16.58 2.50 -8.65
C GLY D 58 -17.47 1.58 -7.86
N GLU D 59 -18.33 0.80 -8.52
CA GLU D 59 -19.43 0.10 -7.82
C GLU D 59 -19.54 -1.36 -8.27
N ILE D 60 -19.53 -2.25 -7.30
CA ILE D 60 -19.70 -3.70 -7.54
C ILE D 60 -20.65 -4.26 -6.47
N THR D 61 -21.70 -4.93 -6.94
CA THR D 61 -22.55 -5.84 -6.11
C THR D 61 -22.38 -7.25 -6.65
N THR D 62 -21.81 -8.11 -5.81
CA THR D 62 -21.37 -9.47 -6.24
C THR D 62 -21.42 -10.38 -5.01
N LYS D 63 -21.80 -11.64 -5.23
CA LYS D 63 -21.61 -12.70 -4.23
C LYS D 63 -20.17 -13.22 -4.30
N ALA D 64 -19.39 -12.79 -5.30
CA ALA D 64 -18.00 -13.26 -5.52
C ALA D 64 -17.09 -12.80 -4.36
N THR D 65 -16.13 -13.62 -3.97
CA THR D 65 -15.01 -13.22 -3.07
C THR D 65 -13.82 -12.91 -3.98
N ILE D 66 -13.43 -11.63 -4.03
CA ILE D 66 -12.49 -11.06 -5.04
C ILE D 66 -11.28 -10.49 -4.30
N ASP D 67 -10.08 -10.83 -4.75
CA ASP D 67 -8.82 -10.23 -4.28
C ASP D 67 -8.40 -9.17 -5.31
N TYR D 68 -8.87 -7.94 -5.14
CA TYR D 68 -8.66 -6.80 -6.08
C TYR D 68 -7.15 -6.66 -6.30
N GLU D 69 -6.38 -6.67 -5.20
CA GLU D 69 -4.93 -6.45 -5.24
C GLU D 69 -4.27 -7.51 -6.14
N LYS D 70 -4.60 -8.77 -5.96
CA LYS D 70 -4.00 -9.87 -6.75
C LYS D 70 -4.28 -9.66 -8.25
N ILE D 71 -5.54 -9.39 -8.59
CA ILE D 71 -5.99 -9.20 -10.00
C ILE D 71 -5.18 -8.04 -10.63
N VAL D 72 -5.08 -6.91 -9.91
CA VAL D 72 -4.31 -5.75 -10.37
C VAL D 72 -2.86 -6.15 -10.61
N ARG D 73 -2.18 -6.75 -9.63
CA ARG D 73 -0.74 -7.10 -9.73
C ARG D 73 -0.55 -8.14 -10.81
N ASP D 74 -1.43 -9.15 -10.92
CA ASP D 74 -1.29 -10.24 -11.94
C ASP D 74 -1.40 -9.63 -13.35
N THR D 75 -2.35 -8.71 -13.53
CA THR D 75 -2.59 -8.06 -14.86
C THR D 75 -1.36 -7.25 -15.26
N CYS D 76 -0.84 -6.41 -14.38
CA CYS D 76 0.37 -5.56 -14.62
C CYS D 76 1.57 -6.46 -14.90
N ARG D 77 1.69 -7.57 -14.16
CA ARG D 77 2.85 -8.50 -14.28
C ARG D 77 2.87 -9.08 -15.68
N SER D 78 1.73 -9.58 -16.16
CA SER D 78 1.61 -10.33 -17.43
C SER D 78 1.93 -9.38 -18.59
N ILE D 79 1.57 -8.10 -18.47
CA ILE D 79 1.80 -7.07 -19.51
C ILE D 79 3.32 -6.76 -19.57
N GLY D 80 4.06 -7.01 -18.49
CA GLY D 80 5.52 -6.80 -18.43
C GLY D 80 5.87 -5.60 -17.57
N PHE D 81 4.94 -5.04 -16.77
CA PHE D 81 5.27 -3.99 -15.78
C PHE D 81 5.86 -4.64 -14.52
N ILE D 82 7.16 -4.96 -14.55
CA ILE D 82 7.82 -5.77 -13.48
C ILE D 82 8.94 -4.97 -12.78
N SER D 83 9.08 -3.66 -13.05
CA SER D 83 10.12 -2.80 -12.41
C SER D 83 9.82 -1.33 -12.67
N ASP D 84 10.31 -0.47 -11.76
CA ASP D 84 10.29 1.00 -11.90
C ASP D 84 11.03 1.36 -13.21
N ASP D 85 12.01 0.54 -13.62
CA ASP D 85 12.80 0.75 -14.86
C ASP D 85 11.88 0.78 -16.08
N VAL D 86 10.83 -0.05 -16.16
CA VAL D 86 9.97 -0.07 -17.39
C VAL D 86 8.64 0.69 -17.15
N GLY D 87 8.50 1.38 -16.01
CA GLY D 87 7.46 2.39 -15.78
C GLY D 87 6.41 1.99 -14.77
N LEU D 88 6.43 0.77 -14.26
CA LEU D 88 5.55 0.33 -13.11
C LEU D 88 6.04 -1.03 -12.61
N ASP D 89 6.13 -1.17 -11.28
CA ASP D 89 6.47 -2.47 -10.65
C ASP D 89 5.21 -3.13 -10.07
N ALA D 90 4.70 -4.16 -10.76
CA ALA D 90 3.48 -4.90 -10.37
C ALA D 90 3.56 -5.36 -8.92
N ASP D 91 4.76 -5.69 -8.40
CA ASP D 91 4.91 -6.29 -7.06
C ASP D 91 5.27 -5.24 -6.01
N LYS D 92 5.49 -3.96 -6.37
CA LYS D 92 5.86 -2.93 -5.37
C LYS D 92 4.90 -1.75 -5.38
N CYS D 93 4.15 -1.54 -6.46
CA CYS D 93 3.28 -0.36 -6.59
C CYS D 93 2.18 -0.44 -5.52
N LYS D 94 1.72 0.74 -5.11
CA LYS D 94 0.60 0.88 -4.17
C LYS D 94 -0.65 0.49 -4.96
N VAL D 95 -1.54 -0.29 -4.36
CA VAL D 95 -2.83 -0.68 -4.99
C VAL D 95 -3.93 -0.21 -4.05
N LEU D 96 -4.67 0.80 -4.49
CA LEU D 96 -5.70 1.51 -3.70
C LEU D 96 -7.05 1.00 -4.18
N VAL D 97 -8.02 0.89 -3.28
CA VAL D 97 -9.34 0.31 -3.61
C VAL D 97 -10.40 1.23 -3.03
N ASN D 98 -11.25 1.82 -3.86
CA ASN D 98 -12.46 2.54 -3.43
CA ASN D 98 -12.48 2.53 -3.40
C ASN D 98 -13.67 1.94 -4.17
N ILE D 99 -13.98 0.68 -3.87
CA ILE D 99 -15.16 -0.06 -4.41
C ILE D 99 -16.27 0.02 -3.37
N GLU D 100 -17.47 0.37 -3.80
CA GLU D 100 -18.72 0.31 -2.98
C GLU D 100 -19.75 -0.54 -3.74
N GLN D 101 -20.88 -0.85 -3.10
CA GLN D 101 -22.00 -1.51 -3.81
C GLN D 101 -22.69 -0.50 -4.74
N GLN D 102 -23.36 -1.02 -5.76
CA GLN D 102 -24.17 -0.22 -6.71
C GLN D 102 -25.17 0.62 -5.91
N SER D 103 -25.46 1.83 -6.37
CA SER D 103 -26.56 2.66 -5.80
C SER D 103 -27.84 1.81 -5.74
N PRO D 104 -28.49 1.74 -4.58
CA PRO D 104 -29.80 1.09 -4.48
C PRO D 104 -30.86 1.73 -5.41
N ASP D 105 -30.78 3.05 -5.63
CA ASP D 105 -31.71 3.81 -6.52
C ASP D 105 -31.56 3.30 -7.96
N ILE D 106 -30.33 3.05 -8.42
CA ILE D 106 -30.08 2.40 -9.74
C ILE D 106 -30.63 0.97 -9.72
N ALA D 107 -30.30 0.20 -8.68
CA ALA D 107 -30.53 -1.25 -8.63
C ALA D 107 -32.04 -1.54 -8.70
N GLN D 108 -32.85 -0.77 -7.97
CA GLN D 108 -34.33 -0.96 -7.95
C GLN D 108 -34.85 -0.72 -9.38
N GLY D 109 -34.36 0.33 -10.05
CA GLY D 109 -34.90 0.75 -11.36
C GLY D 109 -34.48 -0.16 -12.49
N VAL D 110 -33.24 -0.66 -12.44
CA VAL D 110 -32.64 -1.45 -13.56
C VAL D 110 -33.11 -2.90 -13.45
N HIS D 111 -32.91 -3.54 -12.29
CA HIS D 111 -33.07 -5.01 -12.17
C HIS D 111 -33.92 -5.40 -10.96
N GLY D 112 -34.50 -4.43 -10.24
CA GLY D 112 -35.35 -4.70 -9.08
C GLY D 112 -34.60 -5.48 -8.00
N HIS D 113 -33.34 -5.09 -7.73
CA HIS D 113 -32.42 -5.81 -6.81
C HIS D 113 -32.46 -7.31 -7.15
N PHE D 114 -32.14 -7.66 -8.40
CA PHE D 114 -31.95 -9.04 -8.94
C PHE D 114 -33.27 -9.79 -8.90
N THR D 115 -34.39 -9.11 -9.15
CA THR D 115 -35.72 -9.77 -9.22
C THR D 115 -36.30 -9.68 -10.65
N LYS D 116 -35.86 -8.75 -11.48
CA LYS D 116 -36.58 -8.53 -12.77
C LYS D 116 -36.24 -9.67 -13.72
N ARG D 117 -37.24 -10.24 -14.40
CA ARG D 117 -37.04 -11.28 -15.45
C ARG D 117 -36.33 -10.63 -16.65
N PRO D 118 -35.55 -11.44 -17.45
CA PRO D 118 -34.77 -10.92 -18.58
C PRO D 118 -35.49 -9.89 -19.48
N GLU D 119 -36.74 -10.16 -19.87
CA GLU D 119 -37.48 -9.31 -20.82
C GLU D 119 -37.82 -7.96 -20.16
N ASP D 120 -37.73 -7.85 -18.83
CA ASP D 120 -38.15 -6.63 -18.09
C ASP D 120 -36.95 -5.87 -17.56
N ILE D 121 -35.75 -6.46 -17.62
CA ILE D 121 -34.49 -5.77 -17.24
C ILE D 121 -34.45 -4.43 -17.99
N GLY D 122 -34.29 -3.32 -17.27
CA GLY D 122 -34.19 -2.02 -17.95
C GLY D 122 -32.76 -1.76 -18.36
N ALA D 123 -32.52 -0.91 -19.35
CA ALA D 123 -31.20 -0.35 -19.61
C ALA D 123 -30.60 0.10 -18.26
N GLY D 124 -29.34 -0.22 -18.04
CA GLY D 124 -28.64 0.19 -16.81
C GLY D 124 -28.27 1.67 -16.86
N ASP D 125 -28.51 2.31 -18.00
CA ASP D 125 -28.33 3.79 -18.11
C ASP D 125 -28.95 4.26 -19.42
N GLN D 126 -29.10 5.58 -19.59
CA GLN D 126 -29.42 6.18 -20.90
C GLN D 126 -28.15 6.21 -21.76
N GLY D 127 -28.32 6.41 -23.05
CA GLY D 127 -27.21 6.75 -23.96
C GLY D 127 -27.48 6.20 -25.33
N HIS D 128 -26.52 6.36 -26.23
CA HIS D 128 -26.61 5.86 -27.61
C HIS D 128 -25.28 5.18 -27.98
N MET D 129 -25.39 4.23 -28.89
CA MET D 129 -24.32 3.27 -29.29
C MET D 129 -24.43 3.08 -30.81
N PHE D 130 -23.28 2.98 -31.48
CA PHE D 130 -23.23 2.70 -32.92
C PHE D 130 -22.47 1.39 -33.17
N GLY D 131 -22.93 0.67 -34.18
CA GLY D 131 -22.24 -0.45 -34.84
C GLY D 131 -21.91 -0.05 -36.26
N TYR D 132 -20.82 -0.60 -36.79
CA TYR D 132 -20.31 -0.32 -38.15
C TYR D 132 -19.75 -1.61 -38.72
N ALA D 133 -19.84 -1.75 -40.05
CA ALA D 133 -19.16 -2.80 -40.84
C ALA D 133 -18.85 -2.25 -42.22
N THR D 134 -17.77 -2.74 -42.82
CA THR D 134 -17.34 -2.35 -44.18
C THR D 134 -16.76 -3.60 -44.82
N ASP D 135 -17.06 -3.80 -46.10
CA ASP D 135 -16.59 -4.98 -46.86
C ASP D 135 -15.11 -4.80 -47.27
N GLU D 136 -14.42 -3.77 -46.86
CA GLU D 136 -13.03 -3.48 -47.34
C GLU D 136 -11.99 -4.47 -46.79
N THR D 137 -12.27 -5.20 -45.70
CA THR D 137 -11.41 -6.24 -45.13
C THR D 137 -12.25 -7.48 -44.89
N PRO D 138 -11.64 -8.69 -44.82
CA PRO D 138 -12.38 -9.91 -44.51
C PRO D 138 -13.12 -9.86 -43.16
N GLU D 139 -12.58 -9.18 -42.15
CA GLU D 139 -13.21 -9.07 -40.80
C GLU D 139 -14.32 -7.97 -40.80
N LEU D 140 -14.59 -7.37 -41.97
CA LEU D 140 -15.64 -6.32 -42.13
C LEU D 140 -15.35 -5.09 -41.21
N MET D 141 -14.07 -4.73 -41.13
CA MET D 141 -13.55 -3.57 -40.35
C MET D 141 -12.77 -2.64 -41.28
N PRO D 142 -12.62 -1.38 -40.89
CA PRO D 142 -11.90 -0.41 -41.72
C PRO D 142 -10.39 -0.74 -41.70
N LEU D 143 -9.76 -0.63 -42.87
CA LEU D 143 -8.34 -1.03 -43.02
C LEU D 143 -7.45 -0.12 -42.15
N SER D 144 -7.74 1.18 -42.08
CA SER D 144 -6.89 2.09 -41.27
C SER D 144 -6.81 1.57 -39.83
N HIS D 145 -7.93 1.18 -39.26
CA HIS D 145 -8.02 0.66 -37.88
C HIS D 145 -7.29 -0.68 -37.77
N VAL D 146 -7.64 -1.63 -38.63
CA VAL D 146 -7.10 -3.01 -38.62
C VAL D 146 -5.55 -2.97 -38.67
N LEU D 147 -4.97 -2.16 -39.56
CA LEU D 147 -3.49 -2.11 -39.77
C LEU D 147 -2.85 -1.49 -38.51
N ALA D 148 -3.40 -0.41 -37.98
CA ALA D 148 -2.88 0.23 -36.76
C ALA D 148 -2.95 -0.80 -35.63
N THR D 149 -4.07 -1.50 -35.50
CA THR D 149 -4.28 -2.47 -34.42
C THR D 149 -3.26 -3.64 -34.56
N LYS D 150 -3.15 -4.22 -35.76
CA LYS D 150 -2.34 -5.46 -35.93
C LYS D 150 -0.87 -5.08 -35.77
N ILE D 151 -0.48 -3.86 -36.12
CA ILE D 151 0.91 -3.38 -35.93
C ILE D 151 1.21 -3.29 -34.43
N GLY D 152 0.29 -2.77 -33.64
CA GLY D 152 0.46 -2.68 -32.19
C GLY D 152 0.58 -4.05 -31.56
N ALA D 153 -0.21 -5.03 -32.03
CA ALA D 153 -0.14 -6.43 -31.51
C ALA D 153 1.21 -7.04 -31.91
N ARG D 154 1.66 -6.82 -33.16
CA ARG D 154 3.00 -7.29 -33.61
C ARG D 154 4.12 -6.67 -32.75
N LEU D 155 4.00 -5.38 -32.42
CA LEU D 155 4.93 -4.67 -31.50
C LEU D 155 5.03 -5.40 -30.15
N THR D 156 3.90 -5.78 -29.55
CA THR D 156 3.91 -6.55 -28.27
C THR D 156 4.59 -7.91 -28.53
N GLU D 157 4.24 -8.57 -29.64
CA GLU D 157 4.67 -9.96 -29.91
C GLU D 157 6.20 -10.04 -30.00
N VAL D 158 6.85 -9.07 -30.64
CA VAL D 158 8.32 -9.13 -30.92
C VAL D 158 9.10 -8.75 -29.65
N ARG D 159 8.47 -8.01 -28.72
CA ARG D 159 9.02 -7.87 -27.35
C ARG D 159 8.93 -9.21 -26.65
N LYS D 160 7.73 -9.81 -26.61
CA LYS D 160 7.50 -11.00 -25.74
C LYS D 160 8.29 -12.18 -26.29
N ASN D 161 8.40 -12.33 -27.61
CA ASN D 161 8.96 -13.57 -28.23
C ASN D 161 10.48 -13.45 -28.33
N GLY D 162 11.03 -12.27 -28.01
CA GLY D 162 12.48 -12.06 -27.89
C GLY D 162 13.08 -11.61 -29.19
N THR D 163 12.26 -11.29 -30.20
CA THR D 163 12.75 -10.79 -31.52
C THR D 163 13.42 -9.41 -31.37
N CYS D 164 12.85 -8.48 -30.60
CA CYS D 164 13.43 -7.14 -30.32
C CYS D 164 13.55 -6.97 -28.79
N ARG D 165 14.75 -7.21 -28.27
CA ARG D 165 14.95 -7.31 -26.81
C ARG D 165 15.02 -5.93 -26.18
N TRP D 166 15.14 -4.88 -26.98
CA TRP D 166 15.29 -3.46 -26.50
C TRP D 166 13.92 -2.85 -26.15
N LEU D 167 12.82 -3.48 -26.62
CA LEU D 167 11.45 -2.94 -26.47
C LEU D 167 10.99 -2.96 -25.00
N ARG D 168 10.12 -2.02 -24.68
CA ARG D 168 9.43 -1.96 -23.37
C ARG D 168 7.93 -1.94 -23.67
N PRO D 169 7.05 -2.24 -22.70
CA PRO D 169 5.66 -2.60 -23.00
C PRO D 169 4.76 -1.55 -23.68
N ASP D 170 5.04 -0.27 -23.49
CA ASP D 170 4.16 0.88 -23.84
C ASP D 170 4.47 1.32 -25.27
N GLY D 171 3.51 1.12 -26.17
CA GLY D 171 3.67 1.50 -27.59
C GLY D 171 2.35 1.94 -28.20
N LYS D 172 2.47 2.77 -29.24
CA LYS D 172 1.34 3.31 -30.05
C LYS D 172 1.67 3.20 -31.53
N THR D 173 0.61 3.16 -32.36
CA THR D 173 0.72 3.09 -33.82
C THR D 173 -0.27 4.06 -34.43
N GLN D 174 -0.04 4.41 -35.70
CA GLN D 174 -0.99 5.27 -36.44
C GLN D 174 -0.75 4.97 -37.92
N VAL D 175 -1.83 4.71 -38.67
CA VAL D 175 -1.74 4.39 -40.12
C VAL D 175 -2.67 5.33 -40.87
N THR D 176 -2.14 6.03 -41.86
CA THR D 176 -2.90 6.85 -42.82
C THR D 176 -3.05 6.05 -44.10
N VAL D 177 -4.30 5.78 -44.47
CA VAL D 177 -4.66 5.01 -45.68
C VAL D 177 -5.22 5.98 -46.70
N GLU D 178 -4.74 5.88 -47.93
CA GLU D 178 -5.27 6.59 -49.10
C GLU D 178 -6.45 5.75 -49.63
N TYR D 179 -7.65 6.32 -49.65
CA TYR D 179 -8.89 5.61 -50.01
C TYR D 179 -9.52 6.21 -51.27
N TYR D 180 -10.23 5.36 -52.02
CA TYR D 180 -11.11 5.74 -53.14
C TYR D 180 -12.57 5.44 -52.73
N ASN D 181 -13.49 6.35 -53.05
CA ASN D 181 -14.93 6.14 -52.79
C ASN D 181 -15.54 5.47 -54.04
N ASP D 182 -15.96 4.21 -53.90
CA ASP D 182 -16.64 3.41 -54.96
C ASP D 182 -18.13 3.38 -54.64
N ASN D 183 -18.89 4.38 -55.10
CA ASN D 183 -20.38 4.43 -54.92
C ASN D 183 -20.74 4.26 -53.43
N GLY D 184 -20.01 4.93 -52.54
CA GLY D 184 -20.25 4.92 -51.08
C GLY D 184 -19.43 3.86 -50.35
N ALA D 185 -18.92 2.84 -51.03
CA ALA D 185 -18.04 1.81 -50.45
C ALA D 185 -16.59 2.34 -50.39
N MET D 186 -15.83 1.90 -49.37
CA MET D 186 -14.46 2.42 -49.15
C MET D 186 -13.46 1.43 -49.74
N VAL D 187 -12.61 1.91 -50.64
CA VAL D 187 -11.62 1.05 -51.34
C VAL D 187 -10.22 1.56 -51.04
N PRO D 188 -9.48 0.87 -50.17
CA PRO D 188 -8.10 1.23 -49.87
C PRO D 188 -7.23 1.13 -51.14
N VAL D 189 -6.38 2.14 -51.36
CA VAL D 189 -5.48 2.29 -52.53
C VAL D 189 -4.09 1.92 -52.06
N ARG D 190 -3.59 2.56 -51.00
CA ARG D 190 -2.23 2.34 -50.48
C ARG D 190 -2.12 2.93 -49.07
N VAL D 191 -1.13 2.48 -48.33
CA VAL D 191 -0.76 3.08 -47.02
C VAL D 191 0.15 4.27 -47.34
N HIS D 192 -0.30 5.45 -46.92
CA HIS D 192 0.32 6.78 -47.13
C HIS D 192 1.41 7.04 -46.08
N THR D 193 1.10 6.88 -44.80
CA THR D 193 1.99 7.20 -43.64
C THR D 193 1.85 6.10 -42.59
N VAL D 194 2.99 5.62 -42.09
CA VAL D 194 3.04 4.70 -40.91
C VAL D 194 3.84 5.39 -39.79
N LEU D 195 3.28 5.42 -38.58
CA LEU D 195 3.92 5.95 -37.37
C LEU D 195 3.91 4.83 -36.31
N ILE D 196 5.04 4.61 -35.65
CA ILE D 196 5.10 3.87 -34.36
C ILE D 196 5.91 4.70 -33.39
N SER D 197 5.43 4.81 -32.15
CA SER D 197 6.16 5.35 -30.99
C SER D 197 6.16 4.23 -29.97
N THR D 198 7.35 3.71 -29.64
CA THR D 198 7.43 2.61 -28.68
C THR D 198 8.47 2.95 -27.62
N GLN D 199 8.18 2.52 -26.41
CA GLN D 199 9.07 2.56 -25.24
C GLN D 199 10.23 1.61 -25.51
N HIS D 200 11.42 1.99 -25.05
CA HIS D 200 12.68 1.28 -25.36
C HIS D 200 13.66 1.45 -24.20
N ASP D 201 14.63 0.54 -24.08
CA ASP D 201 15.75 0.64 -23.11
C ASP D 201 16.82 1.57 -23.69
N GLU D 202 17.92 1.74 -22.95
CA GLU D 202 19.01 2.70 -23.26
C GLU D 202 20.06 2.06 -24.19
N THR D 203 19.88 0.82 -24.63
CA THR D 203 20.91 0.01 -25.34
C THR D 203 20.76 0.13 -26.87
N VAL D 204 19.75 0.86 -27.35
CA VAL D 204 19.35 0.87 -28.79
C VAL D 204 19.36 2.32 -29.29
N THR D 205 19.94 2.56 -30.46
CA THR D 205 19.96 3.89 -31.12
C THR D 205 18.65 4.08 -31.89
N ASN D 206 18.37 5.30 -32.33
CA ASN D 206 17.13 5.63 -33.08
C ASN D 206 17.23 5.03 -34.48
N ASP D 207 18.42 4.90 -35.03
CA ASP D 207 18.64 4.16 -36.31
C ASP D 207 18.27 2.67 -36.17
N GLU D 208 18.68 2.03 -35.08
CA GLU D 208 18.35 0.62 -34.80
C GLU D 208 16.84 0.47 -34.60
N ILE D 209 16.25 1.35 -33.82
CA ILE D 209 14.77 1.33 -33.58
C ILE D 209 14.07 1.39 -34.94
N ALA D 210 14.47 2.31 -35.83
CA ALA D 210 13.76 2.50 -37.12
C ALA D 210 13.93 1.24 -38.00
N ARG D 211 15.15 0.70 -38.02
CA ARG D 211 15.46 -0.52 -38.80
C ARG D 211 14.55 -1.67 -38.32
N ASP D 212 14.58 -1.89 -37.01
CA ASP D 212 13.90 -3.04 -36.35
C ASP D 212 12.38 -2.91 -36.48
N LEU D 213 11.84 -1.71 -36.37
CA LEU D 213 10.38 -1.50 -36.47
C LEU D 213 9.95 -1.79 -37.91
N LYS D 214 10.74 -1.41 -38.91
CA LYS D 214 10.34 -1.62 -40.32
C LYS D 214 10.36 -3.12 -40.60
N GLU D 215 11.45 -3.79 -40.18
CA GLU D 215 11.71 -5.19 -40.60
C GLU D 215 10.82 -6.15 -39.79
N HIS D 216 10.74 -6.00 -38.46
CA HIS D 216 10.15 -7.00 -37.54
C HIS D 216 8.67 -6.72 -37.27
N VAL D 217 8.25 -5.46 -37.42
CA VAL D 217 6.92 -5.02 -36.99
C VAL D 217 6.07 -4.63 -38.19
N ILE D 218 6.53 -3.70 -39.04
CA ILE D 218 5.65 -3.17 -40.14
C ILE D 218 5.60 -4.16 -41.32
N LYS D 219 6.74 -4.59 -41.86
CA LYS D 219 6.75 -5.38 -43.10
C LYS D 219 5.96 -6.68 -42.95
N PRO D 220 6.03 -7.44 -41.82
CA PRO D 220 5.20 -8.65 -41.64
C PRO D 220 3.67 -8.43 -41.60
N ILE D 221 3.20 -7.20 -41.42
CA ILE D 221 1.77 -6.93 -41.10
C ILE D 221 1.12 -6.26 -42.30
N ILE D 222 1.70 -5.21 -42.86
CA ILE D 222 1.03 -4.44 -43.93
C ILE D 222 1.16 -5.26 -45.22
N PRO D 223 0.05 -5.60 -45.89
CA PRO D 223 0.15 -6.25 -47.20
C PRO D 223 1.06 -5.46 -48.14
N GLU D 224 1.94 -6.18 -48.84
CA GLU D 224 2.95 -5.58 -49.74
C GLU D 224 2.25 -4.66 -50.77
N LYS D 225 1.03 -5.03 -51.19
CA LYS D 225 0.32 -4.29 -52.26
C LYS D 225 -0.03 -2.88 -51.78
N TYR D 226 -0.01 -2.64 -50.47
CA TYR D 226 -0.36 -1.32 -49.88
C TYR D 226 0.89 -0.47 -49.63
N LEU D 227 2.10 -1.03 -49.72
CA LEU D 227 3.35 -0.25 -49.45
C LEU D 227 4.02 0.11 -50.79
N ASP D 228 4.54 1.32 -50.91
CA ASP D 228 5.36 1.67 -52.09
C ASP D 228 6.52 2.55 -51.65
N ASP D 229 7.33 3.00 -52.62
CA ASP D 229 8.54 3.83 -52.43
C ASP D 229 8.18 5.19 -51.81
N LYS D 230 6.93 5.63 -51.87
CA LYS D 230 6.53 6.98 -51.39
C LYS D 230 5.87 6.87 -50.00
N THR D 231 5.55 5.66 -49.51
CA THR D 231 4.97 5.51 -48.15
C THR D 231 5.89 6.21 -47.13
N ILE D 232 5.32 7.07 -46.30
CA ILE D 232 6.03 7.84 -45.25
C ILE D 232 6.19 7.00 -43.97
N PHE D 233 7.35 7.03 -43.32
CA PHE D 233 7.54 6.38 -42.00
C PHE D 233 7.95 7.40 -40.94
N HIS D 234 7.21 7.45 -39.83
CA HIS D 234 7.65 8.17 -38.60
C HIS D 234 7.90 7.11 -37.55
N LEU D 235 9.15 6.89 -37.17
CA LEU D 235 9.52 5.80 -36.23
C LEU D 235 10.26 6.45 -35.05
N ASN D 236 9.60 6.39 -33.90
CA ASN D 236 9.94 7.12 -32.64
C ASN D 236 10.32 8.57 -32.98
N PRO D 237 9.39 9.37 -33.58
CA PRO D 237 9.68 10.77 -33.92
C PRO D 237 10.01 11.71 -32.74
N SER D 238 9.63 11.38 -31.49
CA SER D 238 9.97 12.20 -30.29
C SER D 238 11.49 12.20 -30.04
N GLY D 239 12.20 11.13 -30.47
CA GLY D 239 13.67 11.02 -30.32
C GLY D 239 14.07 10.28 -29.07
N ARG D 240 13.17 10.06 -28.10
CA ARG D 240 13.45 9.26 -26.89
C ARG D 240 12.17 8.94 -26.16
N PHE D 241 12.02 7.69 -25.76
CA PHE D 241 10.83 7.11 -25.13
C PHE D 241 11.34 6.00 -24.22
N VAL D 242 12.13 6.38 -23.21
CA VAL D 242 12.74 5.45 -22.22
C VAL D 242 11.78 5.32 -21.03
N ILE D 243 11.31 6.48 -20.55
CA ILE D 243 10.25 6.65 -19.52
C ILE D 243 8.92 6.31 -20.19
N GLY D 244 8.17 5.37 -19.67
CA GLY D 244 6.87 5.02 -20.22
C GLY D 244 5.93 4.46 -19.18
N GLY D 245 4.86 3.82 -19.63
CA GLY D 245 3.83 3.28 -18.74
C GLY D 245 3.33 4.39 -17.84
N PRO D 246 2.73 4.03 -16.68
CA PRO D 246 2.17 5.03 -15.76
C PRO D 246 3.19 6.08 -15.35
N HIS D 247 4.48 5.73 -15.33
CA HIS D 247 5.57 6.70 -14.99
C HIS D 247 5.54 7.87 -15.96
N GLY D 248 5.39 7.61 -17.25
CA GLY D 248 5.47 8.64 -18.30
C GLY D 248 4.17 9.42 -18.47
N ASP D 249 3.05 8.80 -18.10
CA ASP D 249 1.70 9.22 -18.53
C ASP D 249 0.62 8.50 -17.72
N ALA D 250 -0.21 9.27 -17.01
CA ALA D 250 -1.36 8.76 -16.22
C ALA D 250 -2.31 7.99 -17.14
N GLY D 251 -2.82 6.86 -16.65
CA GLY D 251 -3.86 6.07 -17.37
C GLY D 251 -5.18 6.00 -16.61
N LEU D 252 -6.26 5.80 -17.37
CA LEU D 252 -7.64 5.72 -16.85
C LEU D 252 -8.44 4.82 -17.78
N THR D 253 -9.37 4.06 -17.20
CA THR D 253 -10.32 3.23 -17.96
C THR D 253 -11.15 4.12 -18.90
N GLY D 254 -11.39 3.65 -20.12
CA GLY D 254 -12.33 4.29 -21.02
C GLY D 254 -11.78 5.52 -21.70
N ARG D 255 -10.45 5.61 -21.90
CA ARG D 255 -9.83 6.75 -22.60
C ARG D 255 -9.26 6.30 -23.95
N LYS D 256 -9.77 5.16 -24.48
CA LYS D 256 -9.40 4.63 -25.81
C LYS D 256 -10.64 4.09 -26.53
N ILE D 257 -11.76 4.83 -26.51
CA ILE D 257 -13.08 4.25 -26.93
C ILE D 257 -13.14 4.15 -28.47
N ILE D 258 -12.33 4.93 -29.15
CA ILE D 258 -12.28 4.96 -30.64
C ILE D 258 -11.31 3.82 -31.10
N ILE D 259 -10.21 3.60 -30.39
CA ILE D 259 -9.27 2.47 -30.55
C ILE D 259 -9.97 1.16 -30.14
N ASP D 260 -10.92 1.23 -29.22
CA ASP D 260 -11.78 0.07 -28.88
C ASP D 260 -12.76 -0.29 -29.99
N THR D 261 -13.05 0.60 -30.93
CA THR D 261 -14.19 0.51 -31.88
C THR D 261 -13.71 0.55 -33.34
N TYR D 262 -13.85 1.70 -34.02
CA TYR D 262 -13.72 1.76 -35.50
C TYR D 262 -12.62 2.72 -35.97
N GLY D 263 -11.75 3.15 -35.06
CA GLY D 263 -10.67 4.10 -35.40
C GLY D 263 -11.20 5.38 -36.07
N GLY D 264 -12.42 5.81 -35.76
CA GLY D 264 -12.97 7.09 -36.24
C GLY D 264 -13.95 6.91 -37.37
N TRP D 265 -14.06 5.68 -37.88
CA TRP D 265 -15.09 5.29 -38.88
C TRP D 265 -16.43 5.07 -38.16
N GLY D 266 -17.50 5.00 -38.90
CA GLY D 266 -18.86 4.80 -38.36
C GLY D 266 -19.18 5.99 -37.45
N ALA D 267 -19.41 5.75 -36.15
CA ALA D 267 -19.70 6.81 -35.14
C ALA D 267 -19.51 6.22 -33.74
N HIS D 268 -19.51 7.07 -32.71
CA HIS D 268 -19.39 6.58 -31.32
C HIS D 268 -20.43 7.33 -30.48
N GLY D 269 -21.15 6.62 -29.57
CA GLY D 269 -22.09 7.23 -28.63
C GLY D 269 -21.43 7.77 -27.37
N GLY D 270 -20.17 7.42 -27.14
CA GLY D 270 -19.35 7.96 -26.06
C GLY D 270 -19.24 7.06 -24.88
N GLY D 271 -19.93 5.89 -24.84
CA GLY D 271 -19.82 5.00 -23.67
C GLY D 271 -18.53 4.18 -23.72
N ALA D 272 -17.82 4.05 -22.60
CA ALA D 272 -16.69 3.10 -22.48
C ALA D 272 -17.21 1.68 -22.33
N PHE D 273 -16.38 0.67 -22.64
CA PHE D 273 -16.79 -0.74 -22.53
C PHE D 273 -16.29 -1.37 -21.25
N SER D 274 -15.03 -1.15 -20.92
CA SER D 274 -14.31 -1.99 -19.96
C SER D 274 -14.80 -1.74 -18.53
N GLY D 275 -14.89 -2.82 -17.75
CA GLY D 275 -15.25 -2.79 -16.32
C GLY D 275 -16.76 -2.80 -16.13
N LYS D 276 -17.52 -2.96 -17.21
CA LYS D 276 -19.00 -2.90 -17.21
C LYS D 276 -19.59 -4.31 -17.48
N ASP D 277 -20.49 -4.74 -16.60
CA ASP D 277 -21.40 -5.91 -16.80
C ASP D 277 -22.44 -5.56 -17.87
N PRO D 278 -23.08 -6.57 -18.50
CA PRO D 278 -23.92 -6.35 -19.69
C PRO D 278 -25.27 -5.60 -19.49
N THR D 279 -25.67 -5.28 -18.25
CA THR D 279 -26.84 -4.37 -18.04
C THR D 279 -26.46 -2.98 -18.52
N LYS D 280 -25.14 -2.71 -18.55
CA LYS D 280 -24.57 -1.48 -19.17
C LYS D 280 -24.67 -1.62 -20.68
N VAL D 281 -25.70 -1.00 -21.23
CA VAL D 281 -26.04 -1.03 -22.67
C VAL D 281 -24.91 -0.35 -23.46
N ASP D 282 -24.04 0.47 -22.82
CA ASP D 282 -22.77 1.00 -23.42
C ASP D 282 -21.99 -0.19 -24.02
N ARG D 283 -22.00 -1.32 -23.34
CA ARG D 283 -21.30 -2.54 -23.79
C ARG D 283 -22.28 -3.39 -24.58
N SER D 284 -23.37 -3.86 -23.97
CA SER D 284 -24.24 -4.87 -24.62
C SER D 284 -24.87 -4.25 -25.88
N GLY D 285 -25.33 -3.01 -25.80
CA GLY D 285 -25.86 -2.28 -26.97
C GLY D 285 -24.87 -2.14 -28.11
N ALA D 286 -23.64 -1.71 -27.85
CA ALA D 286 -22.58 -1.58 -28.88
C ALA D 286 -22.27 -2.93 -29.53
N TYR D 287 -22.23 -4.00 -28.75
CA TYR D 287 -21.93 -5.38 -29.24
C TYR D 287 -23.05 -5.81 -30.18
N ILE D 288 -24.31 -5.57 -29.81
CA ILE D 288 -25.45 -6.01 -30.64
C ILE D 288 -25.46 -5.22 -31.93
N VAL D 289 -25.19 -3.90 -31.92
CA VAL D 289 -25.27 -3.09 -33.17
C VAL D 289 -24.05 -3.34 -34.05
N ARG D 290 -22.92 -3.74 -33.51
CA ARG D 290 -21.82 -4.31 -34.35
C ARG D 290 -22.34 -5.59 -35.01
N GLN D 291 -22.92 -6.52 -34.24
CA GLN D 291 -23.47 -7.76 -34.84
C GLN D 291 -24.46 -7.39 -35.96
N ALA D 292 -25.30 -6.38 -35.76
CA ALA D 292 -26.33 -6.01 -36.76
C ALA D 292 -25.67 -5.43 -38.01
N ALA D 293 -24.81 -4.41 -37.84
CA ALA D 293 -24.08 -3.78 -38.99
C ALA D 293 -23.30 -4.84 -39.76
N LYS D 294 -22.55 -5.71 -39.06
CA LYS D 294 -21.76 -6.80 -39.70
C LYS D 294 -22.66 -7.74 -40.49
N SER D 295 -23.82 -8.09 -39.92
CA SER D 295 -24.80 -9.02 -40.50
C SER D 295 -25.37 -8.41 -41.78
N VAL D 296 -25.71 -7.13 -41.76
CA VAL D 296 -26.25 -6.46 -42.99
C VAL D 296 -25.21 -6.59 -44.11
N VAL D 297 -23.94 -6.33 -43.81
CA VAL D 297 -22.86 -6.37 -44.83
C VAL D 297 -22.55 -7.82 -45.25
N ALA D 298 -22.36 -8.75 -44.31
CA ALA D 298 -22.05 -10.16 -44.62
C ALA D 298 -23.20 -10.83 -45.41
N ASN D 299 -24.44 -10.38 -45.26
CA ASN D 299 -25.61 -10.92 -46.00
C ASN D 299 -25.66 -10.30 -47.39
N GLY D 300 -24.75 -9.38 -47.74
CA GLY D 300 -24.74 -8.73 -49.06
C GLY D 300 -25.85 -7.70 -49.23
N MET D 301 -26.50 -7.26 -48.15
CA MET D 301 -27.55 -6.19 -48.19
C MET D 301 -26.96 -4.82 -48.50
N ALA D 302 -25.66 -4.63 -48.23
CA ALA D 302 -24.94 -3.35 -48.33
C ALA D 302 -23.44 -3.62 -48.27
N ARG D 303 -22.62 -2.69 -48.80
CA ARG D 303 -21.14 -2.80 -48.72
C ARG D 303 -20.66 -2.15 -47.41
N ARG D 304 -21.46 -1.25 -46.86
CA ARG D 304 -21.13 -0.55 -45.58
C ARG D 304 -22.42 -0.31 -44.80
N ALA D 305 -22.34 -0.28 -43.47
CA ALA D 305 -23.58 -0.08 -42.65
C ALA D 305 -23.22 0.56 -41.31
N LEU D 306 -24.04 1.51 -40.90
CA LEU D 306 -24.04 2.15 -39.57
C LEU D 306 -25.40 1.90 -38.92
N VAL D 307 -25.39 1.47 -37.67
CA VAL D 307 -26.61 1.22 -36.86
C VAL D 307 -26.44 1.98 -35.56
N GLN D 308 -27.41 2.83 -35.21
CA GLN D 308 -27.51 3.48 -33.89
C GLN D 308 -28.68 2.87 -33.12
N VAL D 309 -28.47 2.67 -31.83
CA VAL D 309 -29.53 2.37 -30.86
C VAL D 309 -29.35 3.35 -29.70
N SER D 310 -30.43 3.65 -28.99
CA SER D 310 -30.41 4.51 -27.79
C SER D 310 -31.35 3.93 -26.75
N TYR D 311 -31.06 4.27 -25.51
CA TYR D 311 -31.83 3.75 -24.34
C TYR D 311 -32.13 4.85 -23.33
N ALA D 312 -33.08 4.56 -22.45
CA ALA D 312 -33.40 5.26 -21.18
C ALA D 312 -33.21 4.31 -20.02
N ILE D 313 -32.56 4.79 -18.95
CA ILE D 313 -32.34 3.97 -17.72
C ILE D 313 -33.70 3.44 -17.27
N GLY D 314 -33.79 2.15 -16.98
CA GLY D 314 -35.01 1.55 -16.45
C GLY D 314 -35.97 1.08 -17.53
N VAL D 315 -35.74 1.41 -18.78
CA VAL D 315 -36.67 1.02 -19.88
C VAL D 315 -35.99 -0.06 -20.72
N PRO D 316 -36.65 -1.22 -20.91
CA PRO D 316 -36.08 -2.35 -21.67
C PRO D 316 -35.97 -2.07 -23.18
N GLU D 317 -36.96 -1.41 -23.78
CA GLU D 317 -37.02 -1.18 -25.25
C GLU D 317 -36.23 0.07 -25.61
N PRO D 318 -35.45 0.03 -26.72
CA PRO D 318 -34.64 1.17 -27.16
C PRO D 318 -35.56 2.35 -27.50
N LEU D 319 -35.06 3.57 -27.31
CA LEU D 319 -35.83 4.80 -27.61
C LEU D 319 -35.81 5.06 -29.12
N SER D 320 -34.82 4.57 -29.85
CA SER D 320 -34.65 4.86 -31.29
C SER D 320 -33.69 3.82 -31.89
N VAL D 321 -33.85 3.53 -33.17
CA VAL D 321 -32.88 2.69 -33.94
C VAL D 321 -32.75 3.36 -35.30
N PHE D 322 -31.56 3.40 -35.86
CA PHE D 322 -31.39 3.83 -37.27
CA PHE D 322 -31.35 3.88 -37.25
C PHE D 322 -30.35 2.93 -37.94
N VAL D 323 -30.55 2.79 -39.25
CA VAL D 323 -29.61 2.15 -40.21
C VAL D 323 -29.33 3.16 -41.32
N ASP D 324 -28.06 3.26 -41.64
CA ASP D 324 -27.57 3.98 -42.84
C ASP D 324 -26.54 3.10 -43.56
N THR D 325 -26.65 2.96 -44.88
CA THR D 325 -25.73 2.12 -45.70
C THR D 325 -24.90 3.02 -46.63
N TYR D 326 -24.85 4.33 -46.39
CA TYR D 326 -23.93 5.25 -47.09
C TYR D 326 -24.21 5.15 -48.59
N GLY D 327 -25.46 4.83 -48.93
CA GLY D 327 -25.91 4.70 -50.33
C GLY D 327 -25.50 3.38 -50.96
N THR D 328 -25.03 2.40 -50.19
CA THR D 328 -24.56 1.07 -50.73
C THR D 328 -25.65 -0.01 -50.57
N GLY D 329 -26.75 0.26 -49.88
CA GLY D 329 -27.87 -0.68 -49.68
C GLY D 329 -28.52 -1.09 -51.00
N LEU D 330 -28.82 -2.38 -51.11
CA LEU D 330 -29.49 -2.96 -52.33
C LEU D 330 -30.99 -2.83 -52.17
N ILE D 331 -31.44 -2.67 -50.91
CA ILE D 331 -32.84 -2.21 -50.61
C ILE D 331 -32.77 -0.93 -49.82
N PRO D 332 -33.85 -0.12 -49.79
CA PRO D 332 -33.81 1.14 -49.05
C PRO D 332 -33.55 0.89 -47.55
N ASP D 333 -32.91 1.87 -46.89
CA ASP D 333 -32.52 1.75 -45.46
C ASP D 333 -33.76 1.57 -44.57
N LYS D 334 -34.90 2.11 -44.93
CA LYS D 334 -36.14 1.88 -44.14
C LYS D 334 -36.47 0.37 -44.12
N GLU D 335 -36.23 -0.36 -45.21
CA GLU D 335 -36.50 -1.85 -45.25
C GLU D 335 -35.41 -2.60 -44.49
N ILE D 336 -34.14 -2.12 -44.55
CA ILE D 336 -33.05 -2.74 -43.73
C ILE D 336 -33.33 -2.51 -42.24
N LEU D 337 -33.85 -1.34 -41.89
CA LEU D 337 -34.19 -1.01 -40.49
C LEU D 337 -35.29 -1.97 -40.05
N LYS D 338 -36.29 -2.21 -40.89
CA LYS D 338 -37.39 -3.13 -40.55
C LYS D 338 -36.80 -4.54 -40.32
N ILE D 339 -35.88 -5.01 -41.16
CA ILE D 339 -35.31 -6.40 -41.01
C ILE D 339 -34.46 -6.47 -39.72
N VAL D 340 -33.65 -5.44 -39.46
CA VAL D 340 -32.76 -5.40 -38.26
C VAL D 340 -33.66 -5.49 -37.02
N LYS D 341 -34.72 -4.70 -36.96
CA LYS D 341 -35.65 -4.66 -35.79
C LYS D 341 -36.41 -5.98 -35.65
N GLU D 342 -36.71 -6.73 -36.72
CA GLU D 342 -37.40 -8.06 -36.66
C GLU D 342 -36.41 -9.13 -36.20
N THR D 343 -35.12 -8.99 -36.50
CA THR D 343 -34.09 -10.03 -36.30
C THR D 343 -33.44 -9.89 -34.92
N PHE D 344 -33.13 -8.67 -34.49
CA PHE D 344 -32.31 -8.41 -33.28
C PHE D 344 -33.23 -7.90 -32.17
N ASP D 345 -33.04 -8.44 -30.98
CA ASP D 345 -33.76 -8.05 -29.75
C ASP D 345 -32.87 -7.09 -28.95
N PHE D 346 -33.22 -5.81 -28.89
CA PHE D 346 -32.34 -4.76 -28.33
C PHE D 346 -32.55 -4.62 -26.83
N ARG D 347 -33.44 -5.43 -26.24
CA ARG D 347 -33.71 -5.40 -24.78
C ARG D 347 -32.51 -6.00 -24.05
N PRO D 348 -31.98 -5.28 -23.04
CA PRO D 348 -30.69 -5.63 -22.46
C PRO D 348 -30.63 -7.04 -21.85
N GLY D 349 -31.74 -7.45 -21.25
CA GLY D 349 -31.86 -8.75 -20.60
C GLY D 349 -31.76 -9.84 -21.65
N MET D 350 -32.26 -9.56 -22.85
CA MET D 350 -32.28 -10.51 -23.99
C MET D 350 -30.89 -10.47 -24.67
N MET D 351 -30.33 -9.29 -24.88
CA MET D 351 -28.97 -9.15 -25.49
C MET D 351 -27.95 -9.95 -24.66
N THR D 352 -28.01 -9.83 -23.33
CA THR D 352 -27.06 -10.50 -22.40
C THR D 352 -27.06 -12.03 -22.70
N ILE D 353 -28.23 -12.60 -22.84
CA ILE D 353 -28.45 -14.07 -22.95
C ILE D 353 -28.10 -14.43 -24.37
N ASN D 354 -28.49 -13.64 -25.34
CA ASN D 354 -28.29 -13.94 -26.79
C ASN D 354 -26.81 -13.91 -27.16
N LEU D 355 -26.00 -13.16 -26.44
CA LEU D 355 -24.55 -13.04 -26.72
C LEU D 355 -23.76 -13.73 -25.62
N ASP D 356 -24.44 -14.43 -24.70
CA ASP D 356 -23.76 -15.11 -23.57
C ASP D 356 -22.77 -14.15 -22.82
N LEU D 357 -23.19 -12.94 -22.46
CA LEU D 357 -22.29 -11.89 -21.89
C LEU D 357 -22.15 -11.98 -20.35
N LYS D 358 -22.80 -12.92 -19.66
CA LYS D 358 -22.59 -13.16 -18.20
C LYS D 358 -21.48 -14.21 -17.97
N ARG D 359 -20.83 -14.68 -19.02
CA ARG D 359 -19.69 -15.61 -18.85
C ARG D 359 -18.36 -14.83 -18.81
N GLY D 360 -17.68 -14.84 -17.64
CA GLY D 360 -16.28 -14.40 -17.46
C GLY D 360 -15.35 -15.58 -17.34
N GLY D 361 -14.05 -15.39 -17.12
CA GLY D 361 -13.12 -16.53 -16.98
C GLY D 361 -12.51 -16.96 -18.31
N ASN D 362 -11.37 -17.66 -18.25
CA ASN D 362 -10.41 -17.71 -19.40
C ASN D 362 -10.25 -16.28 -19.98
N GLY D 363 -10.27 -15.22 -19.14
CA GLY D 363 -10.02 -13.82 -19.55
C GLY D 363 -10.96 -13.38 -20.66
N ARG D 364 -12.19 -13.89 -20.63
CA ARG D 364 -13.22 -13.64 -21.69
C ARG D 364 -13.25 -12.13 -22.00
N PHE D 365 -13.44 -11.24 -21.01
CA PHE D 365 -13.53 -9.79 -21.29
C PHE D 365 -12.17 -9.11 -21.26
N GLN D 366 -11.21 -9.57 -20.46
CA GLN D 366 -9.82 -9.04 -20.49
C GLN D 366 -9.30 -9.06 -21.94
N LYS D 367 -9.62 -10.08 -22.74
CA LYS D 367 -9.17 -10.20 -24.16
C LYS D 367 -9.71 -9.05 -25.01
N THR D 368 -10.89 -8.55 -24.69
CA THR D 368 -11.55 -7.44 -25.46
C THR D 368 -10.89 -6.10 -25.16
N ALA D 369 -10.18 -6.00 -24.02
CA ALA D 369 -9.71 -4.74 -23.41
C ALA D 369 -8.39 -4.27 -24.04
N ALA D 370 -7.78 -5.04 -24.95
CA ALA D 370 -6.69 -4.57 -25.85
C ALA D 370 -6.84 -5.20 -27.23
N TYR D 371 -6.38 -4.46 -28.25
CA TYR D 371 -6.43 -4.82 -29.69
C TYR D 371 -7.87 -4.77 -30.26
N GLY D 372 -8.76 -3.99 -29.64
CA GLY D 372 -10.13 -3.67 -30.04
C GLY D 372 -11.17 -4.76 -29.78
N HIS D 373 -12.45 -4.33 -29.65
CA HIS D 373 -13.60 -5.21 -29.31
C HIS D 373 -14.11 -5.95 -30.56
N PHE D 374 -13.84 -5.43 -31.77
CA PHE D 374 -14.53 -5.85 -33.03
C PHE D 374 -13.47 -6.33 -34.04
N GLY D 375 -13.92 -7.17 -34.97
CA GLY D 375 -13.13 -7.73 -36.09
C GLY D 375 -12.22 -8.85 -35.66
N ARG D 376 -12.40 -9.43 -34.47
CA ARG D 376 -11.55 -10.50 -33.86
C ARG D 376 -12.25 -11.85 -34.04
N ASP D 377 -11.54 -12.96 -34.29
CA ASP D 377 -12.24 -14.25 -34.68
C ASP D 377 -12.41 -15.22 -33.48
N ASP D 378 -11.80 -14.95 -32.33
CA ASP D 378 -11.98 -15.69 -31.05
C ASP D 378 -13.45 -15.97 -30.74
N PRO D 379 -13.89 -17.22 -30.49
CA PRO D 379 -15.34 -17.50 -30.36
C PRO D 379 -16.01 -16.87 -29.13
N ASP D 380 -15.23 -16.33 -28.20
CA ASP D 380 -15.70 -15.51 -27.04
C ASP D 380 -16.32 -14.20 -27.55
N PHE D 381 -15.90 -13.73 -28.71
CA PHE D 381 -16.40 -12.48 -29.36
C PHE D 381 -17.72 -12.85 -30.08
N THR D 382 -18.78 -13.09 -29.31
CA THR D 382 -20.06 -13.67 -29.78
C THR D 382 -20.76 -12.74 -30.76
N TRP D 383 -20.49 -11.44 -30.64
CA TRP D 383 -21.12 -10.39 -31.45
C TRP D 383 -20.45 -10.33 -32.85
N GLU D 384 -19.35 -11.06 -33.06
CA GLU D 384 -18.73 -11.18 -34.40
C GLU D 384 -19.43 -12.29 -35.18
N VAL D 385 -20.33 -13.08 -34.57
CA VAL D 385 -21.09 -14.11 -35.30
C VAL D 385 -22.16 -13.46 -36.21
N VAL D 386 -22.06 -13.72 -37.52
CA VAL D 386 -23.01 -13.18 -38.52
C VAL D 386 -24.36 -13.90 -38.34
N LYS D 387 -25.46 -13.15 -38.26
CA LYS D 387 -26.83 -13.70 -38.27
C LYS D 387 -27.35 -13.68 -39.70
N PRO D 388 -27.97 -14.79 -40.17
CA PRO D 388 -28.73 -14.74 -41.42
C PRO D 388 -29.87 -13.73 -41.33
N LEU D 389 -30.12 -13.02 -42.43
CA LEU D 389 -31.21 -12.01 -42.51
C LEU D 389 -32.14 -12.42 -43.65
N LYS D 390 -33.45 -12.39 -43.41
CA LYS D 390 -34.52 -12.67 -44.39
C LYS D 390 -34.62 -11.51 -45.38
N TRP D 391 -34.27 -11.81 -46.65
CA TRP D 391 -34.70 -11.17 -47.94
C TRP D 391 -34.44 -12.13 -49.12
#